data_1QPY
# 
_entry.id   1QPY 
# 
_audit_conform.dict_name       mmcif_pdbx.dic 
_audit_conform.dict_version    5.381 
_audit_conform.dict_location   http://mmcif.pdb.org/dictionaries/ascii/mmcif_pdbx.dic 
# 
loop_
_database_2.database_id 
_database_2.database_code 
_database_2.pdbx_database_accession 
_database_2.pdbx_DOI 
PDB   1QPY         pdb_00001qpy 10.2210/pdb1qpy/pdb 
NDB   UP0001       ?            ?                   
RCSB  RCSB009127   ?            ?                   
WWPDB D_1000009127 ?            ?                   
# 
loop_
_pdbx_database_related.db_name 
_pdbx_database_related.db_id 
_pdbx_database_related.details 
_pdbx_database_related.content_type 
NDB UPNA56 . unspecified 
PDB 1PUP   . unspecified 
# 
_pdbx_database_status.status_code                     REL 
_pdbx_database_status.entry_id                        1QPY 
_pdbx_database_status.recvd_initial_deposition_date   1999-05-14 
_pdbx_database_status.deposit_site                    RCSB 
_pdbx_database_status.process_site                    NDB 
_pdbx_database_status.status_code_sf                  REL 
_pdbx_database_status.SG_entry                        . 
_pdbx_database_status.pdb_format_compatible           Y 
_pdbx_database_status.status_code_mr                  ? 
_pdbx_database_status.status_code_cs                  ? 
_pdbx_database_status.methods_development_category    ? 
_pdbx_database_status.status_code_nmr_data            ? 
# 
loop_
_audit_author.name 
_audit_author.pdbx_ordinal 
'Haima, G.'       1 
'Rasmussen, H.'   2 
'Schmidt, G.'     3 
'Jensen, D.K.'    4 
'Kastrup, J.S.'   5 
'Stafshede, P.W.' 6 
'Norden, B.'      7 
'Buchardt, O.'    8 
'Nielsen, P.E.'   9 
# 
loop_
_citation.id 
_citation.title 
_citation.journal_abbrev 
_citation.journal_volume 
_citation.page_first 
_citation.page_last 
_citation.year 
_citation.journal_id_ASTM 
_citation.country 
_citation.journal_id_ISSN 
_citation.journal_id_CSD 
_citation.book_publisher 
_citation.pdbx_database_id_PubMed 
_citation.pdbx_database_id_DOI 
primary 
'Peptide Nucleic Acids (PNA) derived from N-(N-methylaminoethyl)glycine. Synthesis, hybridization and structural properties' 
'New J.Chem.'    23 833 840 1999 ?      FR 1144-0546 ?    ? -1 10.1039/a902091h 
1       'Crystal structure of a peptide nucleic acid (PNA) duplex at 1.7 A resolution.' Nat.Struct.Biol. 4  98  101 1997 NSBIEW US 
1072-8368 2024 ? ?  ?                
# 
loop_
_citation_author.citation_id 
_citation_author.name 
_citation_author.ordinal 
_citation_author.identifier_ORCID 
primary 'Haima, G.'       1  ? 
primary 'Rasmussen, H.'   2  ? 
primary 'Schmidt, G.'     3  ? 
primary 'Jensen, D.K.'    4  ? 
primary 'Kastrup, J.S.'   5  ? 
primary 'Stafshede, P.W.' 6  ? 
primary 'Norden, B.'      7  ? 
primary 'Buchardt, O.'    8  ? 
primary 'Nielsen, P.E.'   9  ? 
1       'Rasmussen, H.'   10 ? 
1       'Kastrup, J.S.'   11 ? 
1       'Nielsen, J.N.'   12 ? 
1       'Nielsen, J.M.'   13 ? 
1       'Nielsen, P.E.'   14 ? 
# 
_cell.entry_id           1QPY 
_cell.length_a           48.950 
_cell.length_b           31.140 
_cell.length_c           50.390 
_cell.angle_alpha        90.00 
_cell.angle_beta         110.85 
_cell.angle_gamma        90.00 
_cell.Z_PDB              16 
_cell.pdbx_unique_axis   ? 
# 
_symmetry.entry_id                         1QPY 
_symmetry.space_group_name_H-M             'P 1 21 1' 
_symmetry.pdbx_full_space_group_name_H-M   ? 
_symmetry.cell_setting                     monoclinic 
_symmetry.Int_Tables_number                4 
# 
loop_
_entity.id 
_entity.type 
_entity.src_method 
_entity.pdbx_description 
_entity.formula_weight 
_entity.pdbx_number_of_molecules 
_entity.pdbx_ec 
_entity.pdbx_mutation 
_entity.pdbx_fragment 
_entity.details 
1 polymer syn 
;PEPTIDE NUCLEIC ACID 5'-(*CP1*GPN*TP1*APN*CP1*GPN*LYS)-3'
;
1755.862 8   ? ? ? ? 
2 water   nat water                                                       18.015   203 ? ? ? ? 
# 
_entity_poly.entity_id                      1 
_entity_poly.type                           polydeoxyribonucleotide 
_entity_poly.nstd_linkage                   no 
_entity_poly.nstd_monomer                   yes 
_entity_poly.pdbx_seq_one_letter_code       '(CP1)(GPN)(TP1)(APN)(CP1)(GPN)K' 
_entity_poly.pdbx_seq_one_letter_code_can   CXTXCXK 
_entity_poly.pdbx_strand_id                 A,B,C,D,E,F,G,H 
_entity_poly.pdbx_target_identifier         ? 
# 
loop_
_entity_poly_seq.entity_id 
_entity_poly_seq.num 
_entity_poly_seq.mon_id 
_entity_poly_seq.hetero 
1 1 CP1 n 
1 2 GPN n 
1 3 TP1 n 
1 4 APN n 
1 5 CP1 n 
1 6 GPN n 
1 7 LYS n 
# 
_struct_ref.id                         1 
_struct_ref.entity_id                  1 
_struct_ref.db_name                    PDB 
_struct_ref.db_code                    1QPY 
_struct_ref.pdbx_db_accession          1QPY 
_struct_ref.pdbx_db_isoform            ? 
_struct_ref.pdbx_seq_one_letter_code   ? 
_struct_ref.pdbx_align_begin           ? 
# 
loop_
_struct_ref_seq.align_id 
_struct_ref_seq.ref_id 
_struct_ref_seq.pdbx_PDB_id_code 
_struct_ref_seq.pdbx_strand_id 
_struct_ref_seq.seq_align_beg 
_struct_ref_seq.pdbx_seq_align_beg_ins_code 
_struct_ref_seq.seq_align_end 
_struct_ref_seq.pdbx_seq_align_end_ins_code 
_struct_ref_seq.pdbx_db_accession 
_struct_ref_seq.db_align_beg 
_struct_ref_seq.pdbx_db_align_beg_ins_code 
_struct_ref_seq.db_align_end 
_struct_ref_seq.pdbx_db_align_end_ins_code 
_struct_ref_seq.pdbx_auth_seq_align_beg 
_struct_ref_seq.pdbx_auth_seq_align_end 
1 1 1QPY A 1 ? 7 ? 1QPY 1 ? 7 ? 1 7 
2 1 1QPY B 1 ? 7 ? 1QPY 1 ? 7 ? 1 7 
3 1 1QPY C 1 ? 7 ? 1QPY 1 ? 7 ? 1 7 
4 1 1QPY D 1 ? 7 ? 1QPY 1 ? 7 ? 1 7 
5 1 1QPY E 1 ? 7 ? 1QPY 1 ? 7 ? 1 7 
6 1 1QPY F 1 ? 7 ? 1QPY 1 ? 7 ? 1 7 
7 1 1QPY G 1 ? 7 ? 1QPY 1 ? 7 ? 1 7 
8 1 1QPY H 1 ? 7 ? 1QPY 1 ? 7 ? 1 7 
# 
loop_
_chem_comp.id 
_chem_comp.type 
_chem_comp.mon_nstd_flag 
_chem_comp.name 
_chem_comp.pdbx_synonyms 
_chem_comp.formula 
_chem_comp.formula_weight 
APN peptide-like        . 2-AMINOETHYLGLYCINE-CARBONYLMETHYLENE-ADENINE             ? 'C11 H16 N7 O3 1' 294.290 
CP1 'DNA linking'       n '2-(METHYLAMINO)-ETHYLGLYCINE-CARBONYLMETHYLENE-CYTOSINE' ? 'C11 H17 N5 O4'   283.284 
GPN peptide-like        . 2-AMINOETHYLGLYCINE-CARBONYLMETHYLENE-GUANINE             ? 'C11 H16 N7 O4 1' 310.289 
HOH non-polymer         . WATER                                                     ? 'H2 O'            18.015  
LYS 'L-peptide linking' y LYSINE                                                    ? 'C6 H15 N2 O2 1'  147.195 
TP1 'DNA linking'       n '2-(METHYLAMINO)-ETHYLGLYCINE-CARBONYLMETHYLENE-THYMINE'  ? 'C12 H18 N4 O5'   298.295 
# 
_exptl.entry_id          1QPY 
_exptl.method            'X-RAY DIFFRACTION' 
_exptl.crystals_number   1 
# 
_exptl_crystal.id                    1 
_exptl_crystal.density_meas          ? 
_exptl_crystal.density_percent_sol   51.86 
_exptl_crystal.density_Matthews      2.55 
_exptl_crystal.description           ? 
# 
_exptl_crystal_grow.crystal_id      1 
_exptl_crystal_grow.method          'VAPOR DIFFUSION, HANGING DROP' 
_exptl_crystal_grow.temp            293.0 
_exptl_crystal_grow.temp_details    ? 
_exptl_crystal_grow.pH              7.2 
_exptl_crystal_grow.pdbx_details    'MGCL2, TRIS, HEXANEDIOL, ETHANOL, pH 7.2, VAPOR DIFFUSION, HANGING DROP, temperature 20K' 
_exptl_crystal_grow.pdbx_pH_range   ? 
# 
loop_
_exptl_crystal_grow_comp.crystal_id 
_exptl_crystal_grow_comp.id 
_exptl_crystal_grow_comp.sol_id 
_exptl_crystal_grow_comp.name 
_exptl_crystal_grow_comp.volume 
_exptl_crystal_grow_comp.conc 
_exptl_crystal_grow_comp.details 
1 1 1 MGCL2      ? ? ? 
1 2 1 TRIS       ? ? ? 
1 3 1 HEXANEDIOL ? ? ? 
1 4 1 ETHANOL    ? ? ? 
1 5 2 MGCL2      ? ? ? 
1 6 2 HEXANEDIOL ? ? ? 
1 7 2 ETHANOL    ? ? ? 
# 
_diffrn.id                     1 
_diffrn.ambient_temp           293 
_diffrn.ambient_temp_details   ? 
_diffrn.crystal_id             1 
# 
_diffrn_detector.diffrn_id              1 
_diffrn_detector.detector               'IMAGE PLATE' 
_diffrn_detector.type                   'RIGAKU RAXIS II' 
_diffrn_detector.pdbx_collection_date   1997-06-12 
_diffrn_detector.details                ? 
# 
_diffrn_radiation.diffrn_id                        1 
_diffrn_radiation.wavelength_id                    1 
_diffrn_radiation.pdbx_monochromatic_or_laue_m_l   M 
_diffrn_radiation.monochromator                    ? 
_diffrn_radiation.pdbx_diffrn_protocol             'SINGLE WAVELENGTH' 
_diffrn_radiation.pdbx_scattering_type             x-ray 
# 
_diffrn_radiation_wavelength.id           1 
_diffrn_radiation_wavelength.wavelength   1.5418 
_diffrn_radiation_wavelength.wt           1.0 
# 
_diffrn_source.diffrn_id                   1 
_diffrn_source.source                      'ROTATING ANODE' 
_diffrn_source.type                        'RIGAKU RU200' 
_diffrn_source.pdbx_synchrotron_site       ? 
_diffrn_source.pdbx_synchrotron_beamline   ? 
_diffrn_source.pdbx_wavelength             1.5418 
_diffrn_source.pdbx_wavelength_list        ? 
# 
_reflns.entry_id                     1QPY 
_reflns.observed_criterion_sigma_I   -3.0 
_reflns.observed_criterion_sigma_F   ? 
_reflns.d_resolution_low             25.0 
_reflns.d_resolution_high            2.20 
_reflns.number_obs                   6794 
_reflns.number_all                   ? 
_reflns.percent_possible_obs         92.0 
_reflns.pdbx_Rmerge_I_obs            0.0750000 
_reflns.pdbx_Rsym_value              ? 
_reflns.pdbx_netI_over_sigmaI        6.6 
_reflns.B_iso_Wilson_estimate        ? 
_reflns.pdbx_redundancy              1.6 
_reflns.R_free_details               ? 
_reflns.pdbx_ordinal                 1 
_reflns.pdbx_diffrn_id               1 
# 
_reflns_shell.d_res_high             2.20 
_reflns_shell.d_res_low              2.24 
_reflns_shell.percent_possible_all   93.0 
_reflns_shell.Rmerge_I_obs           0.3000000 
_reflns_shell.pdbx_Rsym_value        ? 
_reflns_shell.meanI_over_sigI_obs    ? 
_reflns_shell.pdbx_redundancy        ? 
_reflns_shell.percent_possible_obs   ? 
_reflns_shell.number_unique_all      ? 
_reflns_shell.pdbx_ordinal           1 
_reflns_shell.pdbx_diffrn_id         1 
# 
_refine.entry_id                                 1QPY 
_refine.ls_number_reflns_obs                     4049 
_refine.ls_number_reflns_all                     ? 
_refine.pdbx_ls_sigma_I                          ? 
_refine.pdbx_ls_sigma_F                          3.0 
_refine.pdbx_data_cutoff_high_absF               ? 
_refine.pdbx_data_cutoff_low_absF                ? 
_refine.pdbx_data_cutoff_high_rms_absF           ? 
_refine.ls_d_res_low                             6.0 
_refine.ls_d_res_high                            2.2 
_refine.ls_percent_reflns_obs                    92.0 
_refine.ls_R_factor_obs                          0.2140000 
_refine.ls_R_factor_all                          ? 
_refine.ls_R_factor_R_work                       0.2140000 
_refine.ls_R_factor_R_free                       0.2940000 
_refine.ls_R_factor_R_free_error                 ? 
_refine.ls_R_factor_R_free_error_details         ? 
_refine.ls_percent_reflns_R_free                 10 
_refine.ls_number_reflns_R_free                  504 
_refine.ls_number_parameters                     ? 
_refine.ls_number_restraints                     ? 
_refine.occupancy_min                            ? 
_refine.occupancy_max                            ? 
_refine.B_iso_mean                               ? 
_refine.aniso_B[1][1]                            ? 
_refine.aniso_B[2][2]                            ? 
_refine.aniso_B[3][3]                            ? 
_refine.aniso_B[1][2]                            ? 
_refine.aniso_B[1][3]                            ? 
_refine.aniso_B[2][3]                            ? 
_refine.solvent_model_details                    ? 
_refine.solvent_model_param_ksol                 ? 
_refine.solvent_model_param_bsol                 ? 
_refine.pdbx_ls_cross_valid_method               THROUGHOUT 
_refine.details                                  
'SEE PARAMETER AND TOPOLOGY DETAILS FROM PREVIOUSLY DEPOSITED PNA STRUCTURE (NDB ID UPNA56)' 
_refine.pdbx_starting_model                      ? 
_refine.pdbx_method_to_determine_struct          ? 
_refine.pdbx_isotropic_thermal_model             ? 
_refine.pdbx_stereochemistry_target_values       
;PEPTIDE GEOMETRY FROM RAMACHANDRAN ET AL BBA 359:298 (1974) TORSIONS FROM HAGLER ET AL JACS 98:4600 (1976) JORGENSEN NONBOND PARAMETERS JACS 103:3976- 3985 WITH 1-4 RC=1.80/0.1
;
_refine.pdbx_stereochem_target_val_spec_case     ? 
_refine.pdbx_R_Free_selection_details            RANDOM 
_refine.pdbx_overall_ESU_R                       ? 
_refine.pdbx_overall_ESU_R_Free                  ? 
_refine.overall_SU_ML                            ? 
_refine.overall_SU_B                             ? 
_refine.ls_redundancy_reflns_obs                 ? 
_refine.correlation_coeff_Fo_to_Fc               ? 
_refine.correlation_coeff_Fo_to_Fc_free          ? 
_refine.overall_SU_R_Cruickshank_DPI             ? 
_refine.overall_SU_R_free                        ? 
_refine.pdbx_refine_id                           'X-RAY DIFFRACTION' 
_refine.pdbx_diffrn_id                           1 
_refine.pdbx_TLS_residual_ADP_flag               ? 
_refine.pdbx_solvent_vdw_probe_radii             ? 
_refine.pdbx_solvent_ion_probe_radii             ? 
_refine.pdbx_solvent_shrinkage_radii             ? 
_refine.pdbx_overall_phase_error                 ? 
_refine.pdbx_overall_SU_R_free_Cruickshank_DPI   ? 
_refine.pdbx_overall_SU_R_Blow_DPI               ? 
_refine.pdbx_overall_SU_R_free_Blow_DPI          ? 
# 
_refine_hist.pdbx_refine_id                   'X-RAY DIFFRACTION' 
_refine_hist.cycle_id                         LAST 
_refine_hist.pdbx_number_atoms_protein        1040 
_refine_hist.pdbx_number_atoms_nucleic_acid   0 
_refine_hist.pdbx_number_atoms_ligand         0 
_refine_hist.number_atoms_solvent             203 
_refine_hist.number_atoms_total               1243 
_refine_hist.d_res_high                       2.2 
_refine_hist.d_res_low                        6.0 
# 
loop_
_refine_ls_restr.type 
_refine_ls_restr.dev_ideal 
_refine_ls_restr.dev_ideal_target 
_refine_ls_restr.weight 
_refine_ls_restr.number 
_refine_ls_restr.pdbx_refine_id 
_refine_ls_restr.pdbx_restraint_function 
x_bond_d                0.015 ? ? ? 'X-RAY DIFFRACTION' ? 
x_bond_d_na             ?     ? ? ? 'X-RAY DIFFRACTION' ? 
x_bond_d_prot           ?     ? ? ? 'X-RAY DIFFRACTION' ? 
x_angle_d               ?     ? ? ? 'X-RAY DIFFRACTION' ? 
x_angle_d_na            ?     ? ? ? 'X-RAY DIFFRACTION' ? 
x_angle_d_prot          ?     ? ? ? 'X-RAY DIFFRACTION' ? 
x_angle_deg             3.688 ? ? ? 'X-RAY DIFFRACTION' ? 
x_angle_deg_na          ?     ? ? ? 'X-RAY DIFFRACTION' ? 
x_angle_deg_prot        ?     ? ? ? 'X-RAY DIFFRACTION' ? 
x_dihedral_angle_d      ?     ? ? ? 'X-RAY DIFFRACTION' ? 
x_dihedral_angle_d_na   ?     ? ? ? 'X-RAY DIFFRACTION' ? 
x_dihedral_angle_d_prot ?     ? ? ? 'X-RAY DIFFRACTION' ? 
x_improper_angle_d      ?     ? ? ? 'X-RAY DIFFRACTION' ? 
x_improper_angle_d_na   ?     ? ? ? 'X-RAY DIFFRACTION' ? 
x_improper_angle_d_prot ?     ? ? ? 'X-RAY DIFFRACTION' ? 
x_mcbond_it             ?     ? ? ? 'X-RAY DIFFRACTION' ? 
x_mcangle_it            ?     ? ? ? 'X-RAY DIFFRACTION' ? 
x_scbond_it             ?     ? ? ? 'X-RAY DIFFRACTION' ? 
x_scangle_it            ?     ? ? ? 'X-RAY DIFFRACTION' ? 
# 
_struct.entry_id                  1QPY 
_struct.title                     'CRYSTAL STRUCTURE OF BACKBONE MODIFIED PNA HEXAMER' 
_struct.pdbx_model_details        ? 
_struct.pdbx_CASP_flag            ? 
_struct.pdbx_model_type_details   ? 
# 
_struct_keywords.entry_id        1QPY 
_struct_keywords.pdbx_keywords   'PEPTIDE NUCLEIC ACID' 
_struct_keywords.text            'DOUBLE STRANDED HELIX, P-FORM, RIGHT AND LEFT HANDED HELIX, PEPTIDE NUCLEIC ACID' 
# 
loop_
_struct_asym.id 
_struct_asym.pdbx_blank_PDB_chainid_flag 
_struct_asym.pdbx_modified 
_struct_asym.entity_id 
_struct_asym.details 
A N N 1 ? 
B N N 1 ? 
C N N 1 ? 
D N N 1 ? 
E N N 1 ? 
F N N 1 ? 
G N N 1 ? 
H N N 1 ? 
I N N 2 ? 
J N N 2 ? 
K N N 2 ? 
L N N 2 ? 
M N N 2 ? 
N N N 2 ? 
O N N 2 ? 
P N N 2 ? 
# 
loop_
_struct_biol.id 
_struct_biol.pdbx_parent_biol_id 
_struct_biol.details 
1 ? ? 
2 ? ? 
3 ? ? 
4 ? ? 
# 
loop_
_struct_conn.id 
_struct_conn.conn_type_id 
_struct_conn.pdbx_leaving_atom_flag 
_struct_conn.pdbx_PDB_id 
_struct_conn.ptnr1_label_asym_id 
_struct_conn.ptnr1_label_comp_id 
_struct_conn.ptnr1_label_seq_id 
_struct_conn.ptnr1_label_atom_id 
_struct_conn.pdbx_ptnr1_label_alt_id 
_struct_conn.pdbx_ptnr1_PDB_ins_code 
_struct_conn.pdbx_ptnr1_standard_comp_id 
_struct_conn.ptnr1_symmetry 
_struct_conn.ptnr2_label_asym_id 
_struct_conn.ptnr2_label_comp_id 
_struct_conn.ptnr2_label_seq_id 
_struct_conn.ptnr2_label_atom_id 
_struct_conn.pdbx_ptnr2_label_alt_id 
_struct_conn.pdbx_ptnr2_PDB_ins_code 
_struct_conn.ptnr1_auth_asym_id 
_struct_conn.ptnr1_auth_comp_id 
_struct_conn.ptnr1_auth_seq_id 
_struct_conn.ptnr2_auth_asym_id 
_struct_conn.ptnr2_auth_comp_id 
_struct_conn.ptnr2_auth_seq_id 
_struct_conn.ptnr2_symmetry 
_struct_conn.pdbx_ptnr3_label_atom_id 
_struct_conn.pdbx_ptnr3_label_seq_id 
_struct_conn.pdbx_ptnr3_label_comp_id 
_struct_conn.pdbx_ptnr3_label_asym_id 
_struct_conn.pdbx_ptnr3_label_alt_id 
_struct_conn.pdbx_ptnr3_PDB_ins_code 
_struct_conn.details 
_struct_conn.pdbx_dist_value 
_struct_conn.pdbx_value_order 
_struct_conn.pdbx_role 
covale1  covale both ? A CP1 1 "C'" A ? ? 1_555 A GPN 2 N     A ? A CP1 1 A GPN 2 1_555 ? ? ? ? ? ? ?            1.336 ? ? 
covale2  covale both ? A CP1 1 "C'" B ? ? 1_555 A GPN 2 N     B ? A CP1 1 A GPN 2 1_555 ? ? ? ? ? ? ?            1.333 ? ? 
covale3  covale one  ? A GPN 2 C    ? ? ? 1_555 A TP1 3 "N1'" ? ? A GPN 2 A TP1 3 1_555 ? ? ? ? ? ? ?            1.339 ? ? 
covale4  covale both ? A TP1 3 "C'" A ? ? 1_555 A APN 4 N     A ? A TP1 3 A APN 4 1_555 ? ? ? ? ? ? ?            1.338 ? ? 
covale5  covale both ? A TP1 3 "C'" B ? ? 1_555 A APN 4 N     B ? A TP1 3 A APN 4 1_555 ? ? ? ? ? ? ?            1.332 ? ? 
covale6  covale one  ? A APN 4 C    ? ? ? 1_555 A CP1 5 "N1'" ? ? A APN 4 A CP1 5 1_555 ? ? ? ? ? ? ?            1.335 ? ? 
covale7  covale both ? A CP1 5 "C'" ? ? ? 1_555 A GPN 6 N     ? ? A CP1 5 A GPN 6 1_555 ? ? ? ? ? ? ?            1.336 ? ? 
covale8  covale both ? A GPN 6 C    ? ? ? 1_555 A LYS 7 N     ? ? A GPN 6 A LYS 7 1_555 ? ? ? ? ? ? ?            1.303 ? ? 
covale9  covale both ? B CP1 1 "C'" A ? ? 1_555 B GPN 2 N     A ? B CP1 1 B GPN 2 1_555 ? ? ? ? ? ? ?            1.337 ? ? 
covale10 covale both ? B CP1 1 "C'" B ? ? 1_555 B GPN 2 N     B ? B CP1 1 B GPN 2 1_555 ? ? ? ? ? ? ?            1.328 ? ? 
covale11 covale one  ? B GPN 2 C    ? ? ? 1_555 B TP1 3 "N1'" ? ? B GPN 2 B TP1 3 1_555 ? ? ? ? ? ? ?            1.334 ? ? 
covale12 covale both ? B TP1 3 "C'" A ? ? 1_555 B APN 4 N     A ? B TP1 3 B APN 4 1_555 ? ? ? ? ? ? ?            1.339 ? ? 
covale13 covale both ? B TP1 3 "C'" B ? ? 1_555 B APN 4 N     B ? B TP1 3 B APN 4 1_555 ? ? ? ? ? ? ?            1.337 ? ? 
covale14 covale one  ? B APN 4 C    ? ? ? 1_555 B CP1 5 "N1'" ? ? B APN 4 B CP1 5 1_555 ? ? ? ? ? ? ?            1.318 ? ? 
covale15 covale both ? B CP1 5 "C'" ? ? ? 1_555 B GPN 6 N     ? ? B CP1 5 B GPN 6 1_555 ? ? ? ? ? ? ?            1.350 ? ? 
covale16 covale both ? B GPN 6 C    ? ? ? 1_555 B LYS 7 N     ? ? B GPN 6 B LYS 7 1_555 ? ? ? ? ? ? ?            1.328 ? ? 
covale17 covale both ? C CP1 1 "C'" A ? ? 1_555 C GPN 2 N     A ? C CP1 1 C GPN 2 1_555 ? ? ? ? ? ? ?            1.337 ? ? 
covale18 covale both ? C CP1 1 "C'" B ? ? 1_555 C GPN 2 N     B ? C CP1 1 C GPN 2 1_555 ? ? ? ? ? ? ?            1.350 ? ? 
covale19 covale one  ? C GPN 2 C    ? ? ? 1_555 C TP1 3 "N1'" ? ? C GPN 2 C TP1 3 1_555 ? ? ? ? ? ? ?            1.338 ? ? 
covale20 covale both ? C TP1 3 "C'" A ? ? 1_555 C APN 4 N     A ? C TP1 3 C APN 4 1_555 ? ? ? ? ? ? ?            1.330 ? ? 
covale21 covale both ? C TP1 3 "C'" B ? ? 1_555 C APN 4 N     B ? C TP1 3 C APN 4 1_555 ? ? ? ? ? ? ?            1.327 ? ? 
covale22 covale one  ? C APN 4 C    ? ? ? 1_555 C CP1 5 "N1'" ? ? C APN 4 C CP1 5 1_555 ? ? ? ? ? ? ?            1.343 ? ? 
covale23 covale both ? C CP1 5 "C'" ? ? ? 1_555 C GPN 6 N     ? ? C CP1 5 C GPN 6 1_555 ? ? ? ? ? ? ?            1.344 ? ? 
covale24 covale both ? C GPN 6 C    ? ? ? 1_555 C LYS 7 N     ? ? C GPN 6 C LYS 7 1_555 ? ? ? ? ? ? ?            1.327 ? ? 
covale25 covale both ? D CP1 1 "C'" A ? ? 1_555 D GPN 2 N     A ? D CP1 1 D GPN 2 1_555 ? ? ? ? ? ? ?            1.330 ? ? 
covale26 covale both ? D CP1 1 "C'" B ? ? 1_555 D GPN 2 N     B ? D CP1 1 D GPN 2 1_555 ? ? ? ? ? ? ?            1.336 ? ? 
covale27 covale one  ? D GPN 2 C    ? ? ? 1_555 D TP1 3 "N1'" ? ? D GPN 2 D TP1 3 1_555 ? ? ? ? ? ? ?            1.342 ? ? 
covale28 covale both ? D TP1 3 "C'" A ? ? 1_555 D APN 4 N     A ? D TP1 3 D APN 4 1_555 ? ? ? ? ? ? ?            1.341 ? ? 
covale29 covale both ? D TP1 3 "C'" B ? ? 1_555 D APN 4 N     B ? D TP1 3 D APN 4 1_555 ? ? ? ? ? ? ?            1.327 ? ? 
covale30 covale one  ? D APN 4 C    ? ? ? 1_555 D CP1 5 "N1'" ? ? D APN 4 D CP1 5 1_555 ? ? ? ? ? ? ?            1.341 ? ? 
covale31 covale both ? D CP1 5 "C'" ? ? ? 1_555 D GPN 6 N     ? ? D CP1 5 D GPN 6 1_555 ? ? ? ? ? ? ?            1.340 ? ? 
covale32 covale both ? D GPN 6 C    ? ? ? 1_555 D LYS 7 N     ? ? D GPN 6 D LYS 7 1_555 ? ? ? ? ? ? ?            1.322 ? ? 
covale33 covale both ? E CP1 1 "C'" A ? ? 1_555 E GPN 2 N     A ? E CP1 1 E GPN 2 1_555 ? ? ? ? ? ? ?            1.340 ? ? 
covale34 covale both ? E CP1 1 "C'" B ? ? 1_555 E GPN 2 N     B ? E CP1 1 E GPN 2 1_555 ? ? ? ? ? ? ?            1.345 ? ? 
covale35 covale one  ? E CP1 1 C5   ? ? ? 1_555 G LYS 7 OXT   ? ? E CP1 1 G LYS 7 1_555 ? ? ? ? ? ? ?            1.905 ? ? 
covale36 covale one  ? E GPN 2 C    ? ? ? 1_555 E TP1 3 "N1'" ? ? E GPN 2 E TP1 3 1_555 ? ? ? ? ? ? ?            1.317 ? ? 
covale37 covale both ? E TP1 3 "C'" A ? ? 1_555 E APN 4 N     A ? E TP1 3 E APN 4 1_555 ? ? ? ? ? ? ?            1.340 ? ? 
covale38 covale both ? E TP1 3 "C'" B ? ? 1_555 E APN 4 N     B ? E TP1 3 E APN 4 1_555 ? ? ? ? ? ? ?            1.326 ? ? 
covale39 covale one  ? E APN 4 C    ? ? ? 1_555 E CP1 5 "N1'" ? ? E APN 4 E CP1 5 1_555 ? ? ? ? ? ? ?            1.344 ? ? 
covale40 covale both ? E CP1 5 "C'" ? ? ? 1_555 E GPN 6 N     ? ? E CP1 5 E GPN 6 1_555 ? ? ? ? ? ? ?            1.355 ? ? 
covale41 covale both ? E GPN 6 C    ? ? ? 1_555 E LYS 7 N     ? ? E GPN 6 E LYS 7 1_555 ? ? ? ? ? ? ?            1.327 ? ? 
covale42 covale both ? F CP1 1 "C'" A ? ? 1_555 F GPN 2 N     A ? F CP1 1 F GPN 2 1_555 ? ? ? ? ? ? ?            1.339 ? ? 
covale43 covale both ? F CP1 1 "C'" B ? ? 1_555 F GPN 2 N     B ? F CP1 1 F GPN 2 1_555 ? ? ? ? ? ? ?            1.337 ? ? 
covale44 covale one  ? F GPN 2 C    ? ? ? 1_555 F TP1 3 "N1'" ? ? F GPN 2 F TP1 3 1_555 ? ? ? ? ? ? ?            1.337 ? ? 
covale45 covale both ? F TP1 3 "C'" A ? ? 1_555 F APN 4 N     A ? F TP1 3 F APN 4 1_555 ? ? ? ? ? ? ?            1.341 ? ? 
covale46 covale both ? F TP1 3 "C'" B ? ? 1_555 F APN 4 N     B ? F TP1 3 F APN 4 1_555 ? ? ? ? ? ? ?            1.330 ? ? 
covale47 covale one  ? F APN 4 C    ? ? ? 1_555 F CP1 5 "N1'" ? ? F APN 4 F CP1 5 1_555 ? ? ? ? ? ? ?            1.326 ? ? 
covale48 covale both ? F CP1 5 "C'" ? ? ? 1_555 F GPN 6 N     ? ? F CP1 5 F GPN 6 1_555 ? ? ? ? ? ? ?            1.352 ? ? 
covale49 covale both ? F GPN 6 C    ? ? ? 1_555 F LYS 7 N     ? ? F GPN 6 F LYS 7 1_555 ? ? ? ? ? ? ?            1.316 ? ? 
covale50 covale both ? G CP1 1 "C'" A ? ? 1_555 G GPN 2 N     A ? G CP1 1 G GPN 2 1_555 ? ? ? ? ? ? ?            1.329 ? ? 
covale51 covale both ? G CP1 1 "C'" B ? ? 1_555 G GPN 2 N     B ? G CP1 1 G GPN 2 1_555 ? ? ? ? ? ? ?            1.326 ? ? 
covale52 covale one  ? G GPN 2 C    ? ? ? 1_555 G TP1 3 "N1'" ? ? G GPN 2 G TP1 3 1_555 ? ? ? ? ? ? ?            1.335 ? ? 
covale53 covale both ? G TP1 3 "C'" A ? ? 1_555 G APN 4 N     A ? G TP1 3 G APN 4 1_555 ? ? ? ? ? ? ?            1.334 ? ? 
covale54 covale both ? G TP1 3 "C'" B ? ? 1_555 G APN 4 N     B ? G TP1 3 G APN 4 1_555 ? ? ? ? ? ? ?            1.335 ? ? 
covale55 covale one  ? G APN 4 C    ? ? ? 1_555 G CP1 5 "N1'" ? ? G APN 4 G CP1 5 1_555 ? ? ? ? ? ? ?            1.326 ? ? 
covale56 covale both ? G CP1 5 "C'" ? ? ? 1_555 G GPN 6 N     ? ? G CP1 5 G GPN 6 1_555 ? ? ? ? ? ? ?            1.326 ? ? 
covale57 covale both ? G GPN 6 C    ? ? ? 1_555 G LYS 7 N     ? ? G GPN 6 G LYS 7 1_555 ? ? ? ? ? ? ?            1.360 ? ? 
covale58 covale both ? H CP1 1 "C'" A ? ? 1_555 H GPN 2 N     A ? H CP1 1 H GPN 2 1_555 ? ? ? ? ? ? ?            1.329 ? ? 
covale59 covale both ? H CP1 1 "C'" B ? ? 1_555 H GPN 2 N     B ? H CP1 1 H GPN 2 1_555 ? ? ? ? ? ? ?            1.338 ? ? 
covale60 covale one  ? H GPN 2 C    ? ? ? 1_555 H TP1 3 "N1'" ? ? H GPN 2 H TP1 3 1_555 ? ? ? ? ? ? ?            1.328 ? ? 
covale61 covale both ? H TP1 3 "C'" A ? ? 1_555 H APN 4 N     A ? H TP1 3 H APN 4 1_555 ? ? ? ? ? ? ?            1.342 ? ? 
covale62 covale both ? H TP1 3 "C'" B ? ? 1_555 H APN 4 N     B ? H TP1 3 H APN 4 1_555 ? ? ? ? ? ? ?            1.327 ? ? 
covale63 covale one  ? H APN 4 C    ? ? ? 1_555 H CP1 5 "N1'" ? ? H APN 4 H CP1 5 1_555 ? ? ? ? ? ? ?            1.341 ? ? 
covale64 covale both ? H CP1 5 "C'" ? ? ? 1_555 H GPN 6 N     ? ? H CP1 5 H GPN 6 1_555 ? ? ? ? ? ? ?            1.330 ? ? 
covale65 covale both ? H GPN 6 C    ? ? ? 1_555 H LYS 7 N     ? ? H GPN 6 H LYS 7 1_555 ? ? ? ? ? ? ?            1.325 ? ? 
hydrog1  hydrog ?    ? A CP1 1 N3   ? ? ? 1_555 B GPN 6 N1    ? ? A CP1 1 B GPN 6 1_555 ? ? ? ? ? ? WATSON-CRICK ?     ? ? 
hydrog2  hydrog ?    ? A CP1 1 N4   ? ? ? 1_555 B GPN 6 O6    ? ? A CP1 1 B GPN 6 1_555 ? ? ? ? ? ? WATSON-CRICK ?     ? ? 
hydrog3  hydrog ?    ? A CP1 1 O2   ? ? ? 1_555 B GPN 6 N2    ? ? A CP1 1 B GPN 6 1_555 ? ? ? ? ? ? WATSON-CRICK ?     ? ? 
hydrog4  hydrog ?    ? A GPN 2 N1   ? ? ? 1_555 B CP1 5 N3    ? ? A GPN 2 B CP1 5 1_555 ? ? ? ? ? ? WATSON-CRICK ?     ? ? 
hydrog5  hydrog ?    ? A GPN 2 N2   ? ? ? 1_555 B CP1 5 O2    ? ? A GPN 2 B CP1 5 1_555 ? ? ? ? ? ? WATSON-CRICK ?     ? ? 
hydrog6  hydrog ?    ? A GPN 2 O6   ? ? ? 1_555 B CP1 5 N4    ? ? A GPN 2 B CP1 5 1_555 ? ? ? ? ? ? WATSON-CRICK ?     ? ? 
hydrog7  hydrog ?    ? A TP1 3 N3   ? ? ? 1_555 B APN 4 N1    ? ? A TP1 3 B APN 4 1_555 ? ? ? ? ? ? WATSON-CRICK ?     ? ? 
hydrog8  hydrog ?    ? A TP1 3 O4   ? ? ? 1_555 B APN 4 N6    ? ? A TP1 3 B APN 4 1_555 ? ? ? ? ? ? WATSON-CRICK ?     ? ? 
hydrog9  hydrog ?    ? A APN 4 N1   ? ? ? 1_555 B TP1 3 N3    ? ? A APN 4 B TP1 3 1_555 ? ? ? ? ? ? WATSON-CRICK ?     ? ? 
hydrog10 hydrog ?    ? A APN 4 N6   ? ? ? 1_555 B TP1 3 O4    ? ? A APN 4 B TP1 3 1_555 ? ? ? ? ? ? WATSON-CRICK ?     ? ? 
hydrog11 hydrog ?    ? A CP1 5 N3   ? ? ? 1_555 B GPN 2 N1    ? ? A CP1 5 B GPN 2 1_555 ? ? ? ? ? ? WATSON-CRICK ?     ? ? 
hydrog12 hydrog ?    ? A CP1 5 N4   ? ? ? 1_555 B GPN 2 O6    ? ? A CP1 5 B GPN 2 1_555 ? ? ? ? ? ? WATSON-CRICK ?     ? ? 
hydrog13 hydrog ?    ? A CP1 5 O2   ? ? ? 1_555 B GPN 2 N2    ? ? A CP1 5 B GPN 2 1_555 ? ? ? ? ? ? WATSON-CRICK ?     ? ? 
hydrog14 hydrog ?    ? A GPN 6 N1   ? ? ? 1_555 B CP1 1 N3    ? ? A GPN 6 B CP1 1 1_555 ? ? ? ? ? ? WATSON-CRICK ?     ? ? 
hydrog15 hydrog ?    ? A GPN 6 N2   ? ? ? 1_555 B CP1 1 O2    ? ? A GPN 6 B CP1 1 1_555 ? ? ? ? ? ? WATSON-CRICK ?     ? ? 
hydrog16 hydrog ?    ? A GPN 6 O6   ? ? ? 1_555 B CP1 1 N4    ? ? A GPN 6 B CP1 1 1_555 ? ? ? ? ? ? WATSON-CRICK ?     ? ? 
hydrog17 hydrog ?    ? C CP1 1 N3   ? ? ? 1_555 D GPN 6 N1    ? ? C CP1 1 D GPN 6 1_555 ? ? ? ? ? ? WATSON-CRICK ?     ? ? 
hydrog18 hydrog ?    ? C CP1 1 N4   ? ? ? 1_555 D GPN 6 O6    ? ? C CP1 1 D GPN 6 1_555 ? ? ? ? ? ? WATSON-CRICK ?     ? ? 
hydrog19 hydrog ?    ? C CP1 1 O2   ? ? ? 1_555 D GPN 6 N2    ? ? C CP1 1 D GPN 6 1_555 ? ? ? ? ? ? WATSON-CRICK ?     ? ? 
hydrog20 hydrog ?    ? C GPN 2 N1   ? ? ? 1_555 D CP1 5 N3    ? ? C GPN 2 D CP1 5 1_555 ? ? ? ? ? ? WATSON-CRICK ?     ? ? 
hydrog21 hydrog ?    ? C GPN 2 N2   ? ? ? 1_555 D CP1 5 O2    ? ? C GPN 2 D CP1 5 1_555 ? ? ? ? ? ? WATSON-CRICK ?     ? ? 
hydrog22 hydrog ?    ? C GPN 2 O6   ? ? ? 1_555 D CP1 5 N4    ? ? C GPN 2 D CP1 5 1_555 ? ? ? ? ? ? WATSON-CRICK ?     ? ? 
hydrog23 hydrog ?    ? C TP1 3 N3   ? ? ? 1_555 D APN 4 N1    ? ? C TP1 3 D APN 4 1_555 ? ? ? ? ? ? WATSON-CRICK ?     ? ? 
hydrog24 hydrog ?    ? C TP1 3 O4   ? ? ? 1_555 D APN 4 N6    ? ? C TP1 3 D APN 4 1_555 ? ? ? ? ? ? WATSON-CRICK ?     ? ? 
hydrog25 hydrog ?    ? C APN 4 N1   ? ? ? 1_555 D TP1 3 N3    ? ? C APN 4 D TP1 3 1_555 ? ? ? ? ? ? WATSON-CRICK ?     ? ? 
hydrog26 hydrog ?    ? C APN 4 N6   ? ? ? 1_555 D TP1 3 O4    ? ? C APN 4 D TP1 3 1_555 ? ? ? ? ? ? WATSON-CRICK ?     ? ? 
hydrog27 hydrog ?    ? C CP1 5 N3   ? ? ? 1_555 D GPN 2 N1    ? ? C CP1 5 D GPN 2 1_555 ? ? ? ? ? ? WATSON-CRICK ?     ? ? 
hydrog28 hydrog ?    ? C CP1 5 N4   ? ? ? 1_555 D GPN 2 O6    ? ? C CP1 5 D GPN 2 1_555 ? ? ? ? ? ? WATSON-CRICK ?     ? ? 
hydrog29 hydrog ?    ? C CP1 5 O2   ? ? ? 1_555 D GPN 2 N2    ? ? C CP1 5 D GPN 2 1_555 ? ? ? ? ? ? WATSON-CRICK ?     ? ? 
hydrog30 hydrog ?    ? C GPN 6 N1   ? ? ? 1_555 D CP1 1 N3    ? ? C GPN 6 D CP1 1 1_555 ? ? ? ? ? ? WATSON-CRICK ?     ? ? 
hydrog31 hydrog ?    ? C GPN 6 N2   ? ? ? 1_555 D CP1 1 O2    ? ? C GPN 6 D CP1 1 1_555 ? ? ? ? ? ? WATSON-CRICK ?     ? ? 
hydrog32 hydrog ?    ? C GPN 6 O6   ? ? ? 1_555 D CP1 1 N4    ? ? C GPN 6 D CP1 1 1_555 ? ? ? ? ? ? WATSON-CRICK ?     ? ? 
hydrog33 hydrog ?    ? E CP1 1 N3   ? ? ? 1_555 F GPN 6 N1    ? ? E CP1 1 F GPN 6 1_555 ? ? ? ? ? ? WATSON-CRICK ?     ? ? 
hydrog34 hydrog ?    ? E CP1 1 N4   ? ? ? 1_555 F GPN 6 O6    ? ? E CP1 1 F GPN 6 1_555 ? ? ? ? ? ? WATSON-CRICK ?     ? ? 
hydrog35 hydrog ?    ? E CP1 1 O2   ? ? ? 1_555 F GPN 6 N2    ? ? E CP1 1 F GPN 6 1_555 ? ? ? ? ? ? WATSON-CRICK ?     ? ? 
hydrog36 hydrog ?    ? E GPN 2 N1   ? ? ? 1_555 F CP1 5 N3    ? ? E GPN 2 F CP1 5 1_555 ? ? ? ? ? ? WATSON-CRICK ?     ? ? 
hydrog37 hydrog ?    ? E GPN 2 N2   ? ? ? 1_555 F CP1 5 O2    ? ? E GPN 2 F CP1 5 1_555 ? ? ? ? ? ? WATSON-CRICK ?     ? ? 
hydrog38 hydrog ?    ? E GPN 2 O6   ? ? ? 1_555 F CP1 5 N4    ? ? E GPN 2 F CP1 5 1_555 ? ? ? ? ? ? WATSON-CRICK ?     ? ? 
hydrog39 hydrog ?    ? E TP1 3 N3   ? ? ? 1_555 F APN 4 N1    ? ? E TP1 3 F APN 4 1_555 ? ? ? ? ? ? WATSON-CRICK ?     ? ? 
hydrog40 hydrog ?    ? E TP1 3 O4   ? ? ? 1_555 F APN 4 N6    ? ? E TP1 3 F APN 4 1_555 ? ? ? ? ? ? WATSON-CRICK ?     ? ? 
hydrog41 hydrog ?    ? E APN 4 N1   ? ? ? 1_555 F TP1 3 N3    ? ? E APN 4 F TP1 3 1_555 ? ? ? ? ? ? WATSON-CRICK ?     ? ? 
hydrog42 hydrog ?    ? E APN 4 N6   ? ? ? 1_555 F TP1 3 O4    ? ? E APN 4 F TP1 3 1_555 ? ? ? ? ? ? WATSON-CRICK ?     ? ? 
hydrog43 hydrog ?    ? E CP1 5 N3   ? ? ? 1_555 F GPN 2 N1    ? ? E CP1 5 F GPN 2 1_555 ? ? ? ? ? ? WATSON-CRICK ?     ? ? 
hydrog44 hydrog ?    ? E CP1 5 N4   ? ? ? 1_555 F GPN 2 O6    ? ? E CP1 5 F GPN 2 1_555 ? ? ? ? ? ? WATSON-CRICK ?     ? ? 
hydrog45 hydrog ?    ? E CP1 5 O2   ? ? ? 1_555 F GPN 2 N2    ? ? E CP1 5 F GPN 2 1_555 ? ? ? ? ? ? WATSON-CRICK ?     ? ? 
hydrog46 hydrog ?    ? E GPN 6 N1   ? ? ? 1_555 F CP1 1 N3    ? ? E GPN 6 F CP1 1 1_555 ? ? ? ? ? ? WATSON-CRICK ?     ? ? 
hydrog47 hydrog ?    ? E GPN 6 N2   ? ? ? 1_555 F CP1 1 O2    ? ? E GPN 6 F CP1 1 1_555 ? ? ? ? ? ? WATSON-CRICK ?     ? ? 
hydrog48 hydrog ?    ? E GPN 6 O6   ? ? ? 1_555 F CP1 1 N4    ? ? E GPN 6 F CP1 1 1_555 ? ? ? ? ? ? WATSON-CRICK ?     ? ? 
hydrog49 hydrog ?    ? G CP1 1 N3   ? ? ? 1_555 H GPN 6 N1    ? ? G CP1 1 H GPN 6 1_555 ? ? ? ? ? ? WATSON-CRICK ?     ? ? 
hydrog50 hydrog ?    ? G CP1 1 N4   ? ? ? 1_555 H GPN 6 O6    ? ? G CP1 1 H GPN 6 1_555 ? ? ? ? ? ? WATSON-CRICK ?     ? ? 
hydrog51 hydrog ?    ? G CP1 1 O2   ? ? ? 1_555 H GPN 6 N2    ? ? G CP1 1 H GPN 6 1_555 ? ? ? ? ? ? WATSON-CRICK ?     ? ? 
hydrog52 hydrog ?    ? G GPN 2 N1   ? ? ? 1_555 H CP1 5 N3    ? ? G GPN 2 H CP1 5 1_555 ? ? ? ? ? ? WATSON-CRICK ?     ? ? 
hydrog53 hydrog ?    ? G GPN 2 N2   ? ? ? 1_555 H CP1 5 O2    ? ? G GPN 2 H CP1 5 1_555 ? ? ? ? ? ? WATSON-CRICK ?     ? ? 
hydrog54 hydrog ?    ? G GPN 2 O6   ? ? ? 1_555 H CP1 5 N4    ? ? G GPN 2 H CP1 5 1_555 ? ? ? ? ? ? WATSON-CRICK ?     ? ? 
hydrog55 hydrog ?    ? G TP1 3 N3   ? ? ? 1_555 H APN 4 N1    ? ? G TP1 3 H APN 4 1_555 ? ? ? ? ? ? WATSON-CRICK ?     ? ? 
hydrog56 hydrog ?    ? G TP1 3 O4   ? ? ? 1_555 H APN 4 N6    ? ? G TP1 3 H APN 4 1_555 ? ? ? ? ? ? WATSON-CRICK ?     ? ? 
hydrog57 hydrog ?    ? G APN 4 N1   ? ? ? 1_555 H TP1 3 N3    ? ? G APN 4 H TP1 3 1_555 ? ? ? ? ? ? WATSON-CRICK ?     ? ? 
hydrog58 hydrog ?    ? G APN 4 N6   ? ? ? 1_555 H TP1 3 O4    ? ? G APN 4 H TP1 3 1_555 ? ? ? ? ? ? WATSON-CRICK ?     ? ? 
hydrog59 hydrog ?    ? G CP1 5 N3   ? ? ? 1_555 H GPN 2 N1    ? ? G CP1 5 H GPN 2 1_555 ? ? ? ? ? ? WATSON-CRICK ?     ? ? 
hydrog60 hydrog ?    ? G CP1 5 N4   ? ? ? 1_555 H GPN 2 O6    ? ? G CP1 5 H GPN 2 1_555 ? ? ? ? ? ? WATSON-CRICK ?     ? ? 
hydrog61 hydrog ?    ? G CP1 5 O2   ? ? ? 1_555 H GPN 2 N2    ? ? G CP1 5 H GPN 2 1_555 ? ? ? ? ? ? WATSON-CRICK ?     ? ? 
hydrog62 hydrog ?    ? G GPN 6 N1   ? ? ? 1_555 H CP1 1 N3    ? ? G GPN 6 H CP1 1 1_555 ? ? ? ? ? ? WATSON-CRICK ?     ? ? 
hydrog63 hydrog ?    ? G GPN 6 N2   ? ? ? 1_555 H CP1 1 O2    ? ? G GPN 6 H CP1 1 1_555 ? ? ? ? ? ? WATSON-CRICK ?     ? ? 
hydrog64 hydrog ?    ? G GPN 6 O6   ? ? ? 1_555 H CP1 1 N4    ? ? G GPN 6 H CP1 1 1_555 ? ? ? ? ? ? WATSON-CRICK ?     ? ? 
# 
loop_
_struct_conn_type.id 
_struct_conn_type.criteria 
_struct_conn_type.reference 
covale ? ? 
hydrog ? ? 
# 
_atom_sites.entry_id                    1QPY 
_atom_sites.fract_transf_matrix[1][1]   -0.00942202 
_atom_sites.fract_transf_matrix[1][2]   0.01133448 
_atom_sites.fract_transf_matrix[1][3]   -0.01614444 
_atom_sites.fract_transf_matrix[2][1]   0.01410806 
_atom_sites.fract_transf_matrix[2][2]   -0.01908506 
_atom_sites.fract_transf_matrix[2][3]   -0.02163257 
_atom_sites.fract_transf_matrix[3][1]   -0.01889946 
_atom_sites.fract_transf_matrix[3][2]   -0.00828159 
_atom_sites.fract_transf_matrix[3][3]   -0.00501929 
_atom_sites.fract_transf_vector[1]      0.247441 
_atom_sites.fract_transf_vector[2]      0.260930 
_atom_sites.fract_transf_vector[3]      0.497445 
# 
loop_
_atom_type.symbol 
C 
N 
O 
# 
loop_
_atom_site.group_PDB 
_atom_site.id 
_atom_site.type_symbol 
_atom_site.label_atom_id 
_atom_site.label_alt_id 
_atom_site.label_comp_id 
_atom_site.label_asym_id 
_atom_site.label_entity_id 
_atom_site.label_seq_id 
_atom_site.pdbx_PDB_ins_code 
_atom_site.Cartn_x 
_atom_site.Cartn_y 
_atom_site.Cartn_z 
_atom_site.occupancy 
_atom_site.B_iso_or_equiv 
_atom_site.pdbx_formal_charge 
_atom_site.auth_seq_id 
_atom_site.auth_comp_id 
_atom_site.auth_asym_id 
_atom_site.auth_atom_id 
_atom_site.pdbx_PDB_model_num 
HETATM 1    C "C8'" . CP1 A 1 1 ? -10.371 -27.495 -0.940  1.00 20.55 ? 1   CP1 A "C8'" 1 
HETATM 2    C "C7'" . CP1 A 1 1 ? -10.194 -28.935 -1.431  1.00 26.38 ? 1   CP1 A "C7'" 1 
HETATM 3    O "O7'" . CP1 A 1 1 ? -11.092 -29.751 -1.230  1.00 28.60 ? 1   CP1 A "O7'" 1 
HETATM 4    C "C5'" A CP1 A 1 1 ? -8.776  -30.609 -2.656  0.50 30.46 ? 1   CP1 A "C5'" 1 
HETATM 5    C "C5'" B CP1 A 1 1 ? -8.804  -30.663 -2.470  0.50 27.42 ? 1   CP1 A "C5'" 1 
HETATM 6    C "C'"  A CP1 A 1 1 ? -8.872  -31.951 -1.914  0.50 31.28 ? 1   CP1 A "C'"  1 
HETATM 7    C "C'"  B CP1 A 1 1 ? -8.257  -31.506 -1.326  0.50 26.17 ? 1   CP1 A "C'"  1 
HETATM 8    O "O1'" A CP1 A 1 1 ? -9.651  -32.800 -2.351  0.50 32.47 ? 1   CP1 A "O1'" 1 
HETATM 9    O "O1'" B CP1 A 1 1 ? -7.518  -31.043 -0.453  0.50 22.29 ? 1   CP1 A "O1'" 1 
HETATM 10   N "N4'" . CP1 A 1 1 ? -9.056  -29.298 -2.062  1.00 29.76 ? 1   CP1 A "N4'" 1 
HETATM 11   C "C3'" . CP1 A 1 1 ? -7.892  -28.451 -2.273  1.00 35.84 ? 1   CP1 A "C3'" 1 
HETATM 12   C "C2'" . CP1 A 1 1 ? -8.136  -27.320 -3.283  1.00 49.58 ? 1   CP1 A "C2'" 1 
HETATM 13   N "N1'" . CP1 A 1 1 ? -7.525  -26.113 -2.727  1.00 54.68 ? 1   CP1 A "N1'" 1 
HETATM 14   C "C1'" . CP1 A 1 1 ? -7.202  -24.943 -3.596  1.00 56.40 ? 1   CP1 A "C1'" 1 
HETATM 15   N N1    . CP1 A 1 1 ? -11.619 -27.207 -0.208  1.00 14.26 ? 1   CP1 A N1    1 
HETATM 16   C C2    . CP1 A 1 1 ? -11.702 -27.694 1.100   1.00 11.92 ? 1   CP1 A C2    1 
HETATM 17   N N3    . CP1 A 1 1 ? -12.830 -27.457 1.793   1.00 11.06 ? 1   CP1 A N3    1 
HETATM 18   C C4    . CP1 A 1 1 ? -13.846 -26.788 1.273   1.00 11.20 ? 1   CP1 A C4    1 
HETATM 19   C C5    . CP1 A 1 1 ? -13.804 -26.292 -0.054  1.00 11.49 ? 1   CP1 A C5    1 
HETATM 20   C C6    . CP1 A 1 1 ? -12.672 -26.527 -0.753  1.00 13.40 ? 1   CP1 A C6    1 
HETATM 21   O O2    . CP1 A 1 1 ? -10.785 -28.320 1.637   1.00 17.42 ? 1   CP1 A O2    1 
HETATM 22   N N4    . CP1 A 1 1 ? -14.937 -26.599 1.995   1.00 16.85 ? 1   CP1 A N4    1 
HETATM 23   C "C8'" . GPN A 1 2 ? -11.123 -32.013 1.420   1.00 19.34 ? 2   GPN A "C8'" 1 
HETATM 24   C "C7'" . GPN A 1 2 ? -11.220 -33.480 0.993   1.00 19.75 ? 2   GPN A "C7'" 1 
HETATM 25   O "O7'" . GPN A 1 2 ? -12.324 -34.012 0.827   1.00 16.58 ? 2   GPN A "O7'" 1 
HETATM 26   C "C5'" . GPN A 1 2 ? -10.153 -35.613 0.485   1.00 18.06 ? 2   GPN A "C5'" 1 
HETATM 27   C C     . GPN A 1 2 ? -10.191 -36.492 1.728   1.00 15.69 ? 2   GPN A C     1 
HETATM 28   O O     . GPN A 1 2 ? -9.811  -36.064 2.815   1.00 19.75 ? 2   GPN A O     1 
HETATM 29   N "N4'" . GPN A 1 2 ? -10.116 -34.213 0.825   1.00 21.65 ? 2   GPN A "N4'" 1 
HETATM 30   C "C3'" A GPN A 1 2 ? -8.767  -33.711 1.070   0.50 26.29 ? 2   GPN A "C3'" 1 
HETATM 31   C "C3'" B GPN A 1 2 ? -8.757  -33.711 0.969   0.50 24.99 ? 2   GPN A "C3'" 1 
HETATM 32   C "C2'" A GPN A 1 2 ? -8.075  -33.569 -0.265  0.50 27.25 ? 2   GPN A "C2'" 1 
HETATM 33   C "C2'" B GPN A 1 2 ? -8.147  -33.759 -0.420  0.50 23.36 ? 2   GPN A "C2'" 1 
HETATM 34   N N     A GPN A 1 2 ? -8.137  -32.225 -0.832  0.50 28.42 ? 2   GPN A N     1 
HETATM 35   N N     B GPN A 1 2 ? -8.688  -32.767 -1.329  0.50 23.82 ? 2   GPN A N     1 
HETATM 36   N N9    . GPN A 1 2 ? -12.444 -31.524 1.825   1.00 22.59 ? 2   GPN A N9    1 
HETATM 37   C C8    . GPN A 1 2 ? -13.290 -30.713 1.125   1.00 17.02 ? 2   GPN A C8    1 
HETATM 38   N N7    . GPN A 1 2 ? -14.396 -30.463 1.763   1.00 20.62 ? 2   GPN A N7    1 
HETATM 39   C C5    . GPN A 1 2 ? -14.279 -31.170 2.955   1.00 15.97 ? 2   GPN A C5    1 
HETATM 40   C C6    . GPN A 1 2 ? -15.183 -31.274 4.022   1.00 18.16 ? 2   GPN A C6    1 
HETATM 41   O O6    . GPN A 1 2 ? -16.278 -30.741 4.104   1.00 19.22 ? 2   GPN A O6    1 
HETATM 42   N N1    . GPN A 1 2 ? -14.713 -32.082 5.034   1.00 19.06 ? 2   GPN A N1    1 
HETATM 43   C C2    . GPN A 1 2 ? -13.494 -32.726 5.024   1.00 22.33 ? 2   GPN A C2    1 
HETATM 44   N N2    . GPN A 1 2 ? -13.177 -33.486 6.083   1.00 20.92 ? 2   GPN A N2    1 
HETATM 45   N N3    . GPN A 1 2 ? -12.632 -32.615 4.013   1.00 21.05 ? 2   GPN A N3    1 
HETATM 46   C C4    . GPN A 1 2 ? -13.093 -31.830 3.012   1.00 20.42 ? 2   GPN A C4    1 
HETATM 47   C "C8'" . TP1 A 1 3 ? -13.458 -36.359 3.685   1.00 13.58 ? 3   TP1 A "C8'" 1 
HETATM 48   C "C7'" . TP1 A 1 3 ? -13.797 -37.826 3.379   1.00 15.37 ? 3   TP1 A "C7'" 1 
HETATM 49   O "O7'" . TP1 A 1 3 ? -14.970 -38.133 3.105   1.00 11.26 ? 3   TP1 A "O7'" 1 
HETATM 50   C "C5'" A TP1 A 1 3 ? -13.112 -40.151 3.066   0.50 11.41 ? 3   TP1 A "C5'" 1 
HETATM 51   C "C5'" B TP1 A 1 3 ? -13.112 -40.187 3.346   0.50 14.80 ? 3   TP1 A "C5'" 1 
HETATM 52   C "C'"  A TP1 A 1 3 ? -13.626 -41.150 4.101   0.50 15.24 ? 3   TP1 A "C'"  1 
HETATM 53   C "C'"  B TP1 A 1 3 ? -13.277 -40.743 4.756   0.50 19.44 ? 3   TP1 A "C'"  1 
HETATM 54   O "O1'" A TP1 A 1 3 ? -14.165 -42.198 3.720   0.50 16.38 ? 3   TP1 A "O1'" 1 
HETATM 55   O "O1'" B TP1 A 1 3 ? -12.871 -40.098 5.727   0.50 25.25 ? 3   TP1 A "O1'" 1 
HETATM 56   N "N4'" . TP1 A 1 3 ? -12.827 -38.768 3.449   1.00 12.47 ? 3   TP1 A "N4'" 1 
HETATM 57   C "C3'" . TP1 A 1 3 ? -11.411 -38.502 3.772   1.00 14.18 ? 3   TP1 A "C3'" 1 
HETATM 58   C "C2'" . TP1 A 1 3 ? -10.476 -38.777 2.580   1.00 13.49 ? 3   TP1 A "C2'" 1 
HETATM 59   N "N1'" . TP1 A 1 3 ? -10.650 -37.743 1.590   1.00 9.39  ? 3   TP1 A "N1'" 1 
HETATM 60   C "C1'" . TP1 A 1 3 ? -11.351 -38.340 0.425   1.00 16.17 ? 3   TP1 A "C1'" 1 
HETATM 61   N N1    . TP1 A 1 3 ? -14.685 -35.544 3.546   1.00 19.81 ? 3   TP1 A N1    1 
HETATM 62   C C6    . TP1 A 1 3 ? -14.995 -34.837 2.419   1.00 19.86 ? 3   TP1 A C6    1 
HETATM 63   C C2    . TP1 A 1 3 ? -15.568 -35.547 4.644   1.00 21.23 ? 3   TP1 A C2    1 
HETATM 64   O O2    . TP1 A 1 3 ? -15.354 -36.174 5.682   1.00 27.34 ? 3   TP1 A O2    1 
HETATM 65   N N3    . TP1 A 1 3 ? -16.729 -34.817 4.509   1.00 20.25 ? 3   TP1 A N3    1 
HETATM 66   C C4    . TP1 A 1 3 ? -17.091 -34.087 3.394   1.00 22.65 ? 3   TP1 A C4    1 
HETATM 67   O O4    . TP1 A 1 3 ? -18.146 -33.465 3.382   1.00 28.30 ? 3   TP1 A O4    1 
HETATM 68   C C5    . TP1 A 1 3 ? -16.133 -34.137 2.315   1.00 18.10 ? 3   TP1 A C5    1 
HETATM 69   C C5M   . TP1 A 1 3 ? -16.405 -33.374 1.032   1.00 13.57 ? 3   TP1 A C5M   1 
HETATM 70   C "C8'" . APN A 1 4 ? -16.786 -39.375 6.040   1.00 17.16 ? 4   APN A "C8'" 1 
HETATM 71   C "C7'" . APN A 1 4 ? -17.099 -40.867 5.963   1.00 19.91 ? 4   APN A "C7'" 1 
HETATM 72   O "O7'" . APN A 1 4 ? -18.104 -41.261 5.352   1.00 21.93 ? 4   APN A "O7'" 1 
HETATM 73   C "C5'" . APN A 1 4 ? -16.676 -43.189 6.616   1.00 16.27 ? 4   APN A "C5'" 1 
HETATM 74   C C     . APN A 1 4 ? -17.434 -43.553 7.897   1.00 16.07 ? 4   APN A C     1 
HETATM 75   O O     . APN A 1 4 ? -17.500 -42.779 8.849   1.00 11.00 ? 4   APN A O     1 
HETATM 76   N "N4'" . APN A 1 4 ? -16.317 -41.785 6.557   1.00 20.48 ? 4   APN A "N4'" 1 
HETATM 77   C "C3'" A APN A 1 4 ? -15.103 -41.427 7.295   0.50 17.65 ? 4   APN A "C3'" 1 
HETATM 78   C "C3'" B APN A 1 4 ? -15.021 -41.570 7.180   0.50 18.73 ? 4   APN A "C3'" 1 
HETATM 79   C "C2'" A APN A 1 4 ? -13.853 -41.792 6.473   0.50 19.73 ? 4   APN A "C2'" 1 
HETATM 80   C "C2'" B APN A 1 4 ? -14.014 -42.415 6.330   0.50 21.71 ? 4   APN A "C2'" 1 
HETATM 81   N N     A APN A 1 4 ? -13.493 -40.864 5.401   0.50 17.42 ? 4   APN A N     1 
HETATM 82   N N     B APN A 1 4 ? -13.871 -41.917 4.961   0.50 21.96 ? 4   APN A N     1 
HETATM 83   N N9    . APN A 1 4 ? -17.898 -38.590 5.482   1.00 17.19 ? 4   APN A N9    1 
HETATM 84   C C8    . APN A 1 4 ? -17.917 -37.931 4.290   1.00 13.06 ? 4   APN A C8    1 
HETATM 85   N N7    . APN A 1 4 ? -19.036 -37.317 4.067   1.00 21.53 ? 4   APN A N7    1 
HETATM 86   C C5    . APN A 1 4 ? -19.832 -37.589 5.187   1.00 17.96 ? 4   APN A C5    1 
HETATM 87   C C6    . APN A 1 4 ? -21.144 -37.221 5.545   1.00 15.93 ? 4   APN A C6    1 
HETATM 88   N N6    . APN A 1 4 ? -21.907 -36.459 4.763   1.00 15.43 ? 4   APN A N6    1 
HETATM 89   N N1    . APN A 1 4 ? -21.611 -37.668 6.715   1.00 14.79 ? 4   APN A N1    1 
HETATM 90   C C2    . APN A 1 4 ? -20.844 -38.432 7.483   1.00 13.37 ? 4   APN A C2    1 
HETATM 91   N N3    . APN A 1 4 ? -19.602 -38.840 7.266   1.00 17.30 ? 4   APN A N3    1 
HETATM 92   C C4    . APN A 1 4 ? -19.142 -38.373 6.067   1.00 20.51 ? 4   APN A C4    1 
HETATM 93   C "C8'" . CP1 A 1 5 ? -21.120 -42.293 7.703   1.00 20.58 ? 5   CP1 A "C8'" 1 
HETATM 94   C "C7'" . CP1 A 1 5 ? -21.509 -43.770 7.596   1.00 22.67 ? 5   CP1 A "C7'" 1 
HETATM 95   O "O7'" . CP1 A 1 5 ? -22.355 -44.134 6.776   1.00 23.38 ? 5   CP1 A "O7'" 1 
HETATM 96   C "C5'" . CP1 A 1 5 ? -21.308 -46.100 8.249   1.00 31.27 ? 5   CP1 A "C5'" 1 
HETATM 97   C "C'"  . CP1 A 1 5 ? -22.579 -46.546 8.937   1.00 37.75 ? 5   CP1 A "C'"  1 
HETATM 98   O "O1'" . CP1 A 1 5 ? -23.051 -47.618 8.569   1.00 43.61 ? 5   CP1 A "O1'" 1 
HETATM 99   N "N4'" . CP1 A 1 5 ? -20.967 -44.696 8.387   1.00 24.64 ? 5   CP1 A "N4'" 1 
HETATM 100  C "C3'" . CP1 A 1 5 ? -20.029 -44.429 9.451   1.00 17.80 ? 5   CP1 A "C3'" 1 
HETATM 101  C "C2'" . CP1 A 1 5 ? -18.724 -45.204 9.191   1.00 17.42 ? 5   CP1 A "C2'" 1 
HETATM 102  N "N1'" . CP1 A 1 5 ? -18.061 -44.727 7.985   1.00 13.51 ? 5   CP1 A "N1'" 1 
HETATM 103  C "C1'" . CP1 A 1 5 ? -18.048 -45.784 6.955   1.00 6.36  ? 5   CP1 A "C1'" 1 
HETATM 104  N N1    . CP1 A 1 5 ? -21.815 -41.487 6.678   1.00 18.30 ? 5   CP1 A N1    1 
HETATM 105  C C2    . CP1 A 1 5 ? -23.093 -41.023 7.013   1.00 23.74 ? 5   CP1 A C2    1 
HETATM 106  N N3    . CP1 A 1 5 ? -23.794 -40.301 6.096   1.00 21.32 ? 5   CP1 A N3    1 
HETATM 107  C C4    . CP1 A 1 5 ? -23.277 -40.025 4.890   1.00 20.16 ? 5   CP1 A C4    1 
HETATM 108  C C5    . CP1 A 1 5 ? -21.978 -40.495 4.518   1.00 19.43 ? 5   CP1 A C5    1 
HETATM 109  C C6    . CP1 A 1 5 ? -21.293 -41.210 5.441   1.00 21.66 ? 5   CP1 A C6    1 
HETATM 110  O O2    . CP1 A 1 5 ? -23.602 -41.267 8.108   1.00 23.37 ? 5   CP1 A O2    1 
HETATM 111  N N4    . CP1 A 1 5 ? -23.984 -39.314 4.030   1.00 18.53 ? 5   CP1 A N4    1 
HETATM 112  C "C8'" . GPN A 1 6 ? -25.569 -43.890 7.735   1.00 30.98 ? 6   GPN A "C8'" 1 
HETATM 113  C "C7'" . GPN A 1 6 ? -26.060 -45.340 7.824   1.00 36.62 ? 6   GPN A "C7'" 1 
HETATM 114  O "O7'" . GPN A 1 6 ? -26.573 -45.848 6.806   1.00 35.60 ? 6   GPN A "O7'" 1 
HETATM 115  C "C5'" . GPN A 1 6 ? -26.645 -47.359 9.074   1.00 40.78 ? 6   GPN A "C5'" 1 
HETATM 116  C C     . GPN A 1 6 ? -28.174 -47.223 9.153   1.00 45.50 ? 6   GPN A C     1 
HETATM 117  O O     . GPN A 1 6 ? -28.832 -46.207 9.436   1.00 44.55 ? 6   GPN A O     1 
HETATM 118  N "N4'" . GPN A 1 6 ? -26.033 -46.083 8.966   1.00 37.06 ? 6   GPN A "N4'" 1 
HETATM 119  C "C3'" . GPN A 1 6 ? -25.594 -45.872 10.349  1.00 39.58 ? 6   GPN A "C3'" 1 
HETATM 120  C "C2'" . GPN A 1 6 ? -24.250 -46.517 10.617  1.00 37.68 ? 6   GPN A "C2'" 1 
HETATM 121  N N     . GPN A 1 6 ? -23.205 -45.837 9.881   1.00 34.90 ? 6   GPN A N     1 
HETATM 122  N N9    . GPN A 1 6 ? -26.029 -43.253 6.462   1.00 24.54 ? 6   GPN A N9    1 
HETATM 123  C C8    . GPN A 1 6 ? -25.311 -43.102 5.318   1.00 20.79 ? 6   GPN A C8    1 
HETATM 124  N N7    . GPN A 1 6 ? -25.978 -42.508 4.369   1.00 23.71 ? 6   GPN A N7    1 
HETATM 125  C C5    . GPN A 1 6 ? -27.224 -42.249 4.927   1.00 20.54 ? 6   GPN A C5    1 
HETATM 126  C C6    . GPN A 1 6 ? -28.364 -41.624 4.354   1.00 20.37 ? 6   GPN A C6    1 
HETATM 127  O O6    . GPN A 1 6 ? -28.489 -41.164 3.222   1.00 24.93 ? 6   GPN A O6    1 
HETATM 128  N N1    . GPN A 1 6 ? -29.424 -41.568 5.242   1.00 17.75 ? 6   GPN A N1    1 
HETATM 129  C C2    . GPN A 1 6 ? -29.388 -42.047 6.534   1.00 20.69 ? 6   GPN A C2    1 
HETATM 130  N N2    . GPN A 1 6 ? -30.501 -41.909 7.241   1.00 17.25 ? 6   GPN A N2    1 
HETATM 131  N N3    . GPN A 1 6 ? -28.315 -42.637 7.075   1.00 22.70 ? 6   GPN A N3    1 
HETATM 132  C C4    . GPN A 1 6 ? -27.267 -42.697 6.215   1.00 21.32 ? 6   GPN A C4    1 
ATOM   133  N N     . LYS A 1 7 ? -28.556 -48.404 8.760   1.00 51.85 ? 7   LYS A N     1 
ATOM   134  C CA    . LYS A 1 7 ? -29.823 -49.099 8.617   1.00 56.02 ? 7   LYS A CA    1 
ATOM   135  C C     . LYS A 1 7 ? -31.000 -48.742 7.776   1.00 56.99 ? 7   LYS A C     1 
ATOM   136  O O     . LYS A 1 7 ? -31.942 -48.026 8.028   1.00 56.51 ? 7   LYS A O     1 
ATOM   137  C CB    . LYS A 1 7 ? -30.344 -49.440 10.062  1.00 59.37 ? 7   LYS A CB    1 
ATOM   138  C CG    . LYS A 1 7 ? -29.090 -50.153 10.604  1.00 63.49 ? 7   LYS A CG    1 
ATOM   139  C CD    . LYS A 1 7 ? -28.933 -51.525 11.180  1.00 65.56 ? 7   LYS A CD    1 
ATOM   140  C CE    . LYS A 1 7 ? -27.449 -51.546 11.572  1.00 66.74 ? 7   LYS A CE    1 
ATOM   141  N NZ    . LYS A 1 7 ? -27.075 -50.402 12.404  1.00 69.24 ? 7   LYS A NZ    1 
ATOM   142  O OXT   . LYS A 1 7 ? -30.805 -49.520 6.695   1.00 58.38 ? 7   LYS A OXT   1 
HETATM 143  C "C8'" . CP1 B 1 1 ? -34.947 -39.273 5.348   1.00 23.85 ? 1   CP1 B "C8'" 1 
HETATM 144  C "C7'" . CP1 B 1 1 ? -34.706 -38.285 6.523   1.00 28.04 ? 1   CP1 B "C7'" 1 
HETATM 145  O "O7'" . CP1 B 1 1 ? -33.633 -37.675 6.609   1.00 22.72 ? 1   CP1 B "O7'" 1 
HETATM 146  C "C5'" A CP1 B 1 1 ? -35.688 -37.139 8.498   0.50 29.94 ? 1   CP1 B "C5'" 1 
HETATM 147  C "C5'" B CP1 B 1 1 ? -35.537 -37.268 8.579   0.50 29.66 ? 1   CP1 B "C5'" 1 
HETATM 148  C "C'"  A CP1 B 1 1 ? -34.614 -37.098 9.590   0.50 27.87 ? 1   CP1 B "C'"  1 
HETATM 149  C "C'"  B CP1 B 1 1 ? -34.904 -38.004 9.750   0.50 27.81 ? 1   CP1 B "C'"  1 
HETATM 150  O "O1'" A CP1 B 1 1 ? -34.059 -36.017 9.800   0.50 29.99 ? 1   CP1 B "O1'" 1 
HETATM 151  O "O1'" B CP1 B 1 1 ? -35.310 -39.111 10.106  0.50 29.70 ? 1   CP1 B "O1'" 1 
HETATM 152  N "N4'" . CP1 B 1 1 ? -35.702 -38.121 7.408   1.00 29.04 ? 1   CP1 B "N4'" 1 
HETATM 153  C "C3'" . CP1 B 1 1 ? -37.035 -38.709 7.117   1.00 32.83 ? 1   CP1 B "C3'" 1 
HETATM 154  C "C2'" . CP1 B 1 1 ? -37.880 -39.206 8.301   1.00 36.69 ? 1   CP1 B "C2'" 1 
HETATM 155  N "N1'" . CP1 B 1 1 ? -38.090 -40.647 8.216   1.00 39.54 ? 1   CP1 B "N1'" 1 
HETATM 156  C "C1'" . CP1 B 1 1 ? -38.799 -41.308 7.069   1.00 38.90 ? 1   CP1 B "C1'" 1 
HETATM 157  N N1    . CP1 B 1 1 ? -33.810 -39.392 4.412   1.00 19.30 ? 1   CP1 B N1    1 
HETATM 158  C C2    . CP1 B 1 1 ? -32.704 -40.122 4.873   1.00 16.89 ? 1   CP1 B C2    1 
HETATM 159  N N3    . CP1 B 1 1 ? -31.634 -40.241 4.062   1.00 20.30 ? 1   CP1 B N3    1 
HETATM 160  C C4    . CP1 B 1 1 ? -31.622 -39.673 2.846   1.00 21.05 ? 1   CP1 B C4    1 
HETATM 161  C C5    . CP1 B 1 1 ? -32.740 -38.926 2.356   1.00 19.90 ? 1   CP1 B C5    1 
HETATM 162  C C6    . CP1 B 1 1 ? -33.805 -38.813 3.170   1.00 16.18 ? 1   CP1 B C6    1 
HETATM 163  O O2    . CP1 B 1 1 ? -32.651 -40.660 5.980   1.00 17.99 ? 1   CP1 B O2    1 
HETATM 164  N N4    . CP1 B 1 1 ? -30.541 -39.813 2.076   1.00 20.52 ? 1   CP1 B N4    1 
HETATM 165  C "C8'" . GPN B 1 2 ? -30.975 -38.546 8.568   1.00 14.67 ? 2   GPN B "C8'" 1 
HETATM 166  C "C7'" . GPN B 1 2 ? -30.544 -37.488 9.582   1.00 19.52 ? 2   GPN B "C7'" 1 
HETATM 167  O "O7'" . GPN B 1 2 ? -29.704 -36.626 9.293   1.00 18.62 ? 2   GPN B "O7'" 1 
HETATM 168  C "C5'" . GPN B 1 2 ? -30.663 -36.579 11.853  1.00 19.81 ? 2   GPN B "C5'" 1 
HETATM 169  C C     . GPN B 1 2 ? -29.439 -37.077 12.606  1.00 23.22 ? 2   GPN B C     1 
HETATM 170  O O     . GPN B 1 2 ? -29.170 -38.285 12.658  1.00 27.14 ? 2   GPN B O     1 
HETATM 171  N "N4'" . GPN B 1 2 ? -31.062 -37.525 10.813  1.00 23.97 ? 2   GPN B "N4'" 1 
HETATM 172  C "C3'" A GPN B 1 2 ? -31.984 -38.589 11.244  0.50 24.74 ? 2   GPN B "C3'" 1 
HETATM 173  C "C3'" B GPN B 1 2 ? -31.978 -38.581 11.250  0.50 25.01 ? 2   GPN B "C3'" 1 
HETATM 174  C "C2'" A GPN B 1 2 ? -33.385 -38.037 11.477  0.50 25.26 ? 2   GPN B "C2'" 1 
HETATM 175  C "C2'" B GPN B 1 2 ? -33.308 -37.930 11.552  0.50 25.65 ? 2   GPN B "C2'" 1 
HETATM 176  N N     A GPN B 1 2 ? -34.293 -38.156 10.341  0.50 27.12 ? 2   GPN B N     1 
HETATM 177  N N     B GPN B 1 2 ? -33.913 -37.367 10.365  0.50 28.06 ? 2   GPN B N     1 
HETATM 178  N N9    . GPN B 1 2 ? -30.096 -38.481 7.392   1.00 15.37 ? 2   GPN B N9    1 
HETATM 179  C C8    . GPN B 1 2 ? -30.378 -37.962 6.159   1.00 9.68  ? 2   GPN B C8    1 
HETATM 180  N N7    . GPN B 1 2 ? -29.389 -38.046 5.339   1.00 10.96 ? 2   GPN B N7    1 
HETATM 181  C C5    . GPN B 1 2 ? -28.370 -38.689 6.069   1.00 14.09 ? 2   GPN B C5    1 
HETATM 182  C C6    . GPN B 1 2 ? -27.042 -39.045 5.694   1.00 13.36 ? 2   GPN B C6    1 
HETATM 183  O O6    . GPN B 1 2 ? -26.500 -38.869 4.616   1.00 18.90 ? 2   GPN B O6    1 
HETATM 184  N N1    . GPN B 1 2 ? -26.335 -39.658 6.706   1.00 10.27 ? 2   GPN B N1    1 
HETATM 185  C C2    . GPN B 1 2 ? -26.835 -39.893 7.958   1.00 12.54 ? 2   GPN B C2    1 
HETATM 186  N N2    . GPN B 1 2 ? -25.997 -40.484 8.797   1.00 9.68  ? 2   GPN B N2    1 
HETATM 187  N N3    . GPN B 1 2 ? -28.078 -39.564 8.338   1.00 14.67 ? 2   GPN B N3    1 
HETATM 188  C C4    . GPN B 1 2 ? -28.789 -38.957 7.338   1.00 14.34 ? 2   GPN B C4    1 
HETATM 189  C "C8'" . TP1 B 1 3 ? -26.162 -37.131 10.628  1.00 16.87 ? 3   TP1 B "C8'" 1 
HETATM 190  C "C7'" . TP1 B 1 3 ? -25.463 -36.084 11.522  1.00 19.42 ? 3   TP1 B "C7'" 1 
HETATM 191  O "O7'" . TP1 B 1 3 ? -24.769 -35.206 11.015  1.00 17.92 ? 3   TP1 B "O7'" 1 
HETATM 192  C "C5'" A TP1 B 1 3 ? -25.028 -35.265 13.832  0.50 16.76 ? 3   TP1 B "C5'" 1 
HETATM 193  C "C5'" B TP1 B 1 3 ? -24.691 -35.624 13.824  0.50 21.29 ? 3   TP1 B "C5'" 1 
HETATM 194  C "C'"  A TP1 B 1 3 ? -23.571 -35.415 14.296  0.50 15.35 ? 3   TP1 B "C'"  1 
HETATM 195  C "C'"  B TP1 B 1 3 ? -23.490 -36.558 14.082  0.50 23.58 ? 3   TP1 B "C'"  1 
HETATM 196  O "O1'" A TP1 B 1 3 ? -22.961 -34.403 14.613  0.50 11.00 ? 3   TP1 B "O1'" 1 
HETATM 197  O "O1'" B TP1 B 1 3 ? -23.414 -37.743 13.697  0.50 22.80 ? 3   TP1 B "O1'" 1 
HETATM 198  N "N4'" . TP1 B 1 3 ? -25.605 -36.194 12.857  1.00 21.73 ? 3   TP1 B "N4'" 1 
HETATM 199  C "C3'" . TP1 B 1 3 ? -26.466 -37.195 13.492  1.00 17.68 ? 3   TP1 B "C3'" 1 
HETATM 200  C "C2'" . TP1 B 1 3 ? -27.691 -36.525 14.156  1.00 19.41 ? 3   TP1 B "C2'" 1 
HETATM 201  N "N1'" . TP1 B 1 3 ? -28.671 -36.131 13.148  1.00 16.25 ? 3   TP1 B "N1'" 1 
HETATM 202  C "C1'" . TP1 B 1 3 ? -28.710 -34.646 12.853  1.00 2.00  ? 3   TP1 B "C1'" 1 
HETATM 203  N N1    . TP1 B 1 3 ? -25.829 -36.866 9.214   1.00 17.48 ? 3   TP1 B N1    1 
HETATM 204  C C6    . TP1 B 1 3 ? -26.681 -36.209 8.368   1.00 14.44 ? 3   TP1 B C6    1 
HETATM 205  C C2    . TP1 B 1 3 ? -24.556 -37.291 8.785   1.00 16.10 ? 3   TP1 B C2    1 
HETATM 206  O O2    . TP1 B 1 3 ? -23.757 -37.877 9.534   1.00 17.54 ? 3   TP1 B O2    1 
HETATM 207  N N3    . TP1 B 1 3 ? -24.232 -37.000 7.461   1.00 17.36 ? 3   TP1 B N3    1 
HETATM 208  C C4    . TP1 B 1 3 ? -25.050 -36.345 6.557   1.00 18.79 ? 3   TP1 B C4    1 
HETATM 209  O O4    . TP1 B 1 3 ? -24.685 -36.137 5.405   1.00 22.51 ? 3   TP1 B O4    1 
HETATM 210  C C5    . TP1 B 1 3 ? -26.339 -35.946 7.099   1.00 17.78 ? 3   TP1 B C5    1 
HETATM 211  C C5M   . TP1 B 1 3 ? -27.319 -35.220 6.202   1.00 14.92 ? 3   TP1 B C5M   1 
HETATM 212  C "C8'" . APN B 1 4 ? -21.241 -35.963 11.064  1.00 15.06 ? 4   APN B "C8'" 1 
HETATM 213  C "C7'" . APN B 1 4 ? -20.453 -35.066 12.002  1.00 14.69 ? 4   APN B "C7'" 1 
HETATM 214  O "O7'" . APN B 1 4 ? -20.069 -33.957 11.605  1.00 13.59 ? 4   APN B "O7'" 1 
HETATM 215  C "C5'" . APN B 1 4 ? -19.279 -34.653 14.092  1.00 17.25 ? 4   APN B "C5'" 1 
HETATM 216  C C     . APN B 1 4 ? -17.829 -35.107 14.008  1.00 17.97 ? 4   APN B C     1 
HETATM 217  O O     . APN B 1 4 ? -17.514 -36.185 13.484  1.00 17.57 ? 4   APN B O     1 
HETATM 218  N "N4'" . APN B 1 4 ? -20.135 -35.468 13.238  1.00 17.25 ? 4   APN B "N4'" 1 
HETATM 219  C "C3'" A APN B 1 4 ? -20.499 -36.788 13.780  0.50 16.70 ? 4   APN B "C3'" 1 
HETATM 220  C "C3'" B APN B 1 4 ? -20.459 -36.788 13.796  0.50 17.80 ? 4   APN B "C3'" 1 
HETATM 221  C "C2'" A APN B 1 4 ? -21.556 -36.677 14.886  0.50 19.50 ? 4   APN B "C2'" 1 
HETATM 222  C "C2'" B APN B 1 4 ? -21.261 -36.592 15.090  0.50 22.02 ? 4   APN B "C2'" 1 
HETATM 223  N N     A APN B 1 4 ? -22.927 -36.587 14.382  0.50 18.79 ? 4   APN B N     1 
HETATM 224  N N     B APN B 1 4 ? -22.524 -35.947 14.776  0.50 21.70 ? 4   APN B N     1 
HETATM 225  N N9    . APN B 1 4 ? -21.229 -35.427 9.697   1.00 14.06 ? 4   APN B N9    1 
HETATM 226  C C8    . APN B 1 4 ? -22.262 -34.842 9.066   1.00 12.77 ? 4   APN B C8    1 
HETATM 227  N N7    . APN B 1 4 ? -21.982 -34.458 7.863   1.00 19.95 ? 4   APN B N7    1 
HETATM 228  C C5    . APN B 1 4 ? -20.646 -34.820 7.675   1.00 14.66 ? 4   APN B C5    1 
HETATM 229  C C6    . APN B 1 4 ? -19.759 -34.691 6.591   1.00 11.91 ? 4   APN B C6    1 
HETATM 230  N N6    . APN B 1 4 ? -20.087 -34.118 5.438   1.00 12.27 ? 4   APN B N6    1 
HETATM 231  N N1    . APN B 1 4 ? -18.524 -35.158 6.743   1.00 11.14 ? 4   APN B N1    1 
HETATM 232  C C2    . APN B 1 4 ? -18.179 -35.712 7.896   1.00 11.48 ? 4   APN B C2    1 
HETATM 233  N N3    . APN B 1 4 ? -18.907 -35.896 8.982   1.00 14.44 ? 4   APN B N3    1 
HETATM 234  C C4    . APN B 1 4 ? -20.168 -35.419 8.798   1.00 15.91 ? 4   APN B C4    1 
HETATM 235  C "C8'" . CP1 B 1 5 ? -16.184 -33.921 10.706  1.00 17.72 ? 5   CP1 B "C8'" 1 
HETATM 236  C "C7'" . CP1 B 1 5 ? -15.363 -32.946 11.581  1.00 15.21 ? 5   CP1 B "C7'" 1 
HETATM 237  O "O7'" . CP1 B 1 5 ? -15.190 -31.775 11.229  1.00 17.93 ? 5   CP1 B "O7'" 1 
HETATM 238  C "C5'" . CP1 B 1 5 ? -14.045 -32.423 13.541  1.00 21.82 ? 5   CP1 B "C5'" 1 
HETATM 239  C "C'"  . CP1 B 1 5 ? -12.606 -32.164 13.109  1.00 23.70 ? 5   CP1 B "C'"  1 
HETATM 240  O "O1'" . CP1 B 1 5 ? -12.009 -31.193 13.587  1.00 25.02 ? 5   CP1 B "O1'" 1 
HETATM 241  N "N4'" . CP1 B 1 5 ? -14.797 -33.360 12.717  1.00 17.33 ? 5   CP1 B "N4'" 1 
HETATM 242  C "C3'" . CP1 B 1 5 ? -14.831 -34.750 13.249  1.00 10.52 ? 5   CP1 B "C3'" 1 
HETATM 243  C "C2'" . CP1 B 1 5 ? -15.530 -34.743 14.654  1.00 11.74 ? 5   CP1 B "C2'" 1 
HETATM 244  N "N1'" . CP1 B 1 5 ? -16.931 -34.309 14.550  1.00 14.18 ? 5   CP1 B "N1'" 1 
HETATM 245  C "C1'" . CP1 B 1 5 ? -17.190 -32.982 15.201  1.00 12.34 ? 5   CP1 B "C1'" 1 
HETATM 246  N N1    . CP1 B 1 5 ? -16.759 -33.204 9.543   1.00 15.99 ? 5   CP1 B N1    1 
HETATM 247  C C2    . CP1 B 1 5 ? -15.943 -33.119 8.407   1.00 13.85 ? 5   CP1 B C2    1 
HETATM 248  N N3    . CP1 B 1 5 ? -16.412 -32.452 7.321   1.00 11.32 ? 5   CP1 B N3    1 
HETATM 249  C C4    . CP1 B 1 5 ? -17.625 -31.877 7.327   1.00 14.20 ? 5   CP1 B C4    1 
HETATM 250  C C5    . CP1 B 1 5 ? -18.466 -31.961 8.469   1.00 10.66 ? 5   CP1 B C5    1 
HETATM 251  C C6    . CP1 B 1 5 ? -17.993 -32.628 9.543   1.00 10.83 ? 5   CP1 B C6    1 
HETATM 252  O O2    . CP1 B 1 5 ? -14.825 -33.622 8.398   1.00 14.87 ? 5   CP1 B O2    1 
HETATM 253  N N4    . CP1 B 1 5 ? -18.067 -31.217 6.260   1.00 12.00 ? 5   CP1 B N4    1 
HETATM 254  C "C8'" . GPN B 1 6 ? -12.679 -31.179 9.077   1.00 15.92 ? 6   GPN B "C8'" 1 
HETATM 255  C "C7'" . GPN B 1 6 ? -11.662 -30.294 9.841   1.00 21.08 ? 6   GPN B "C7'" 1 
HETATM 256  O "O7'" . GPN B 1 6 ? -11.767 -29.056 9.841   1.00 19.12 ? 6   GPN B "O7'" 1 
HETATM 257  C "C5'" . GPN B 1 6 ? -9.627  -30.128 11.167  1.00 23.37 ? 6   GPN B "C5'" 1 
HETATM 258  C C     . GPN B 1 6 ? -8.698  -29.477 10.147  1.00 29.48 ? 6   GPN B C     1 
HETATM 259  O O     . GPN B 1 6 ? -8.544  -29.907 8.990   1.00 30.10 ? 6   GPN B O     1 
HETATM 260  N "N4'" . GPN B 1 6 ? -10.639 -30.882 10.474  1.00 18.96 ? 6   GPN B "N4'" 1 
HETATM 261  C "C3'" . GPN B 1 6 ? -10.414 -32.327 10.378  1.00 15.15 ? 6   GPN B "C3'" 1 
HETATM 262  C "C2'" . GPN B 1 6 ? -10.722 -33.004 11.712  1.00 19.20 ? 6   GPN B "C2'" 1 
HETATM 263  N N     . GPN B 1 6 ? -12.108 -32.986 12.161  1.00 21.74 ? 6   GPN B N     1 
HETATM 264  N N9    . GPN B 1 6 ? -13.472 -30.321 8.173   1.00 5.97  ? 6   GPN B N9    1 
HETATM 265  C C8    . GPN B 1 6 ? -14.711 -29.840 8.406   1.00 8.92  ? 6   GPN B C8    1 
HETATM 266  N N7    . GPN B 1 6 ? -15.167 -29.098 7.444   1.00 10.74 ? 6   GPN B N7    1 
HETATM 267  C C5    . GPN B 1 6 ? -14.153 -29.086 6.507   1.00 11.20 ? 6   GPN B C5    1 
HETATM 268  C C6    . GPN B 1 6 ? -14.074 -28.427 5.246   1.00 10.23 ? 6   GPN B C6    1 
HETATM 269  O O6    . GPN B 1 6 ? -14.902 -27.721 4.694   1.00 10.49 ? 6   GPN B O6    1 
HETATM 270  N N1    . GPN B 1 6 ? -12.872 -28.656 4.618   1.00 7.39  ? 6   GPN B N1    1 
HETATM 271  C C2    . GPN B 1 6 ? -11.871 -29.428 5.130   1.00 5.80  ? 6   GPN B C2    1 
HETATM 272  N N2    . GPN B 1 6 ? -10.788 -29.523 4.373   1.00 12.35 ? 6   GPN B N2    1 
HETATM 273  N N3    . GPN B 1 6 ? -11.939 -30.050 6.302   1.00 7.12  ? 6   GPN B N3    1 
HETATM 274  C C4    . GPN B 1 6 ? -13.106 -29.843 6.942   1.00 6.94  ? 6   GPN B C4    1 
ATOM   275  N N     . LYS B 1 7 ? -8.127  -28.441 10.749  1.00 33.82 ? 7   LYS B N     1 
ATOM   276  C CA    . LYS B 1 7 ? -7.127  -27.511 10.278  1.00 37.01 ? 7   LYS B CA    1 
ATOM   277  C C     . LYS B 1 7 ? -7.566  -26.246 9.574   1.00 42.20 ? 7   LYS B C     1 
ATOM   278  O O     . LYS B 1 7 ? -7.259  -25.975 8.406   1.00 47.15 ? 7   LYS B O     1 
ATOM   279  C CB    . LYS B 1 7 ? -6.137  -28.207 9.344   1.00 30.11 ? 7   LYS B CB    1 
ATOM   280  C CG    . LYS B 1 7 ? -4.871  -28.664 10.006  1.00 29.90 ? 7   LYS B CG    1 
ATOM   281  C CD    . LYS B 1 7 ? -5.135  -29.525 11.242  1.00 27.12 ? 7   LYS B CD    1 
ATOM   282  C CE    . LYS B 1 7 ? -3.792  -29.948 11.845  1.00 28.00 ? 7   LYS B CE    1 
ATOM   283  N NZ    . LYS B 1 7 ? -3.931  -30.643 13.106  1.00 17.50 ? 7   LYS B NZ    1 
ATOM   284  O OXT   . LYS B 1 7 ? -8.234  -25.436 10.362  1.00 46.80 ? 7   LYS B OXT   1 
HETATM 285  C "C8'" . CP1 C 1 1 ? 11.454  -14.012 0.822   1.00 28.10 ? 1   CP1 C "C8'" 1 
HETATM 286  C "C7'" . CP1 C 1 1 ? 11.170  -14.874 -0.439  1.00 33.35 ? 1   CP1 C "C7'" 1 
HETATM 287  O "O7'" . CP1 C 1 1 ? 10.153  -15.559 -0.493  1.00 35.88 ? 1   CP1 C "O7'" 1 
HETATM 288  C "C5'" A CP1 C 1 1 ? 12.086  -15.414 -2.758  0.50 39.17 ? 1   CP1 C "C5'" 1 
HETATM 289  C "C5'" B CP1 C 1 1 ? 11.931  -15.498 -2.690  0.50 35.05 ? 1   CP1 C "C5'" 1 
HETATM 290  C "C'"  A CP1 C 1 1 ? 10.854  -15.957 -3.465  0.50 43.04 ? 1   CP1 C "C'"  1 
HETATM 291  C "C'"  B CP1 C 1 1 ? 10.928  -14.831 -3.617  0.50 36.09 ? 1   CP1 C "C'"  1 
HETATM 292  O "O1'" A CP1 C 1 1 ? 10.452  -17.110 -3.279  0.50 45.39 ? 1   CP1 C "O1'" 1 
HETATM 293  O "O1'" B CP1 C 1 1 ? 10.781  -13.606 -3.630  0.50 35.31 ? 1   CP1 C "O1'" 1 
HETATM 294  N "N4'" . CP1 C 1 1 ? 12.081  -14.805 -1.433  1.00 35.97 ? 1   CP1 C "N4'" 1 
HETATM 295  C "C3'" . CP1 C 1 1 ? 13.305  -13.970 -1.345  1.00 42.53 ? 1   CP1 C "C3'" 1 
HETATM 296  C "C2'" . CP1 C 1 1 ? 14.664  -14.749 -1.318  1.00 48.05 ? 1   CP1 C "C2'" 1 
HETATM 297  N "N1'" . CP1 C 1 1 ? 14.542  -15.996 -0.571  1.00 53.62 ? 1   CP1 C "N1'" 1 
HETATM 298  C "C1'" . CP1 C 1 1 ? 15.700  -16.791 -0.047  1.00 54.31 ? 1   CP1 C "C1'" 1 
HETATM 299  N N1    . CP1 C 1 1 ? 10.339  -13.932 1.817   1.00 21.07 ? 1   CP1 C N1    1 
HETATM 300  C C2    . CP1 C 1 1 ? 9.221   -13.153 1.454   1.00 17.97 ? 1   CP1 C C2    1 
HETATM 301  N N3    . CP1 C 1 1 ? 8.187   -13.068 2.317   1.00 20.58 ? 1   CP1 C N3    1 
HETATM 302  C C4    . CP1 C 1 1 ? 8.216   -13.705 3.488   1.00 23.73 ? 1   CP1 C C4    1 
HETATM 303  C C5    . CP1 C 1 1 ? 9.342   -14.505 3.876   1.00 23.49 ? 1   CP1 C C5    1 
HETATM 304  C C6    . CP1 C 1 1 ? 10.368  -14.583 3.007   1.00 18.02 ? 1   CP1 C C6    1 
HETATM 305  O O2    . CP1 C 1 1 ? 9.158   -12.544 0.381   1.00 17.60 ? 1   CP1 C O2    1 
HETATM 306  N N4    . CP1 C 1 1 ? 7.170   -13.603 4.308   1.00 23.59 ? 1   CP1 C N4    1 
HETATM 307  C "C8'" . GPN C 1 2 ? 7.326   -14.620 -1.908  1.00 23.25 ? 2   GPN C "C8'" 1 
HETATM 308  C "C7'" . GPN C 1 2 ? 6.729   -15.511 -3.033  1.00 27.57 ? 2   GPN C "C7'" 1 
HETATM 309  O "O7'" . GPN C 1 2 ? 5.892   -16.366 -2.743  1.00 27.95 ? 2   GPN C "O7'" 1 
HETATM 310  C "C5'" . GPN C 1 2 ? 6.329   -16.213 -5.341  1.00 29.79 ? 2   GPN C "C5'" 1 
HETATM 311  C C     . GPN C 1 2 ? 5.243   -15.430 -6.070  1.00 27.59 ? 2   GPN C C     1 
HETATM 312  O O     . GPN C 1 2 ? 5.097   -14.211 -5.949  1.00 30.06 ? 2   GPN C O     1 
HETATM 313  N "N4'" . GPN C 1 2 ? 7.023   -15.438 -4.330  1.00 28.98 ? 2   GPN C "N4'" 1 
HETATM 314  C "C3'" A GPN C 1 2 ? 8.014   -14.555 -4.902  0.50 35.94 ? 2   GPN C "C3'" 1 
HETATM 315  C "C3'" B GPN C 1 2 ? 8.010   -14.532 -4.890  0.50 33.29 ? 2   GPN C "C3'" 1 
HETATM 316  C "C2'" A GPN C 1 2 ? 9.209   -15.451 -5.232  0.50 40.15 ? 2   GPN C "C2'" 1 
HETATM 317  C "C2'" B GPN C 1 2 ? 9.240   -15.332 -5.384  0.50 36.00 ? 2   GPN C "C2'" 1 
HETATM 318  N N     A GPN C 1 2 ? 10.343  -15.128 -4.381  0.50 43.15 ? 2   GPN C N     1 
HETATM 319  N N     B GPN C 1 2 ? 10.212  -15.702 -4.359  0.50 36.91 ? 2   GPN C N     1 
HETATM 320  N N9    . GPN C 1 2 ? 6.507   -14.890 -0.689  1.00 19.10 ? 2   GPN C N9    1 
HETATM 321  C C8    . GPN C 1 2 ? 6.829   -15.606 0.444   1.00 15.37 ? 2   GPN C C8    1 
HETATM 322  N N7    . GPN C 1 2 ? 5.866   -15.670 1.316   1.00 14.95 ? 2   GPN C N7    1 
HETATM 323  C C5    . GPN C 1 2 ? 4.822   -14.956 0.720   1.00 14.55 ? 2   GPN C C5    1 
HETATM 324  C C6    . GPN C 1 2 ? 3.529   -14.707 1.202   1.00 12.61 ? 2   GPN C C6    1 
HETATM 325  O O6    . GPN C 1 2 ? 3.121   -15.130 2.266   1.00 15.43 ? 2   GPN C O6    1 
HETATM 326  N N1    . GPN C 1 2 ? 2.772   -13.958 0.311   1.00 6.76  ? 2   GPN C N1    1 
HETATM 327  C C2    . GPN C 1 2 ? 3.217   -13.503 -0.913  1.00 10.75 ? 2   GPN C C2    1 
HETATM 328  N N2    . GPN C 1 2 ? 2.373   -12.806 -1.658  1.00 11.74 ? 2   GPN C N2    1 
HETATM 329  N N3    . GPN C 1 2 ? 4.445   -13.736 -1.375  1.00 15.01 ? 2   GPN C N3    1 
HETATM 330  C C4    . GPN C 1 2 ? 5.193   -14.474 -0.505  1.00 16.02 ? 2   GPN C C4    1 
HETATM 331  C "C8'" . TP1 C 1 3 ? 2.401   -15.744 -3.844  1.00 20.65 ? 3   TP1 C "C8'" 1 
HETATM 332  C "C7'" . TP1 C 1 3 ? 1.682   -16.697 -4.812  1.00 19.85 ? 3   TP1 C "C7'" 1 
HETATM 333  O "O7'" . TP1 C 1 3 ? 1.122   -17.711 -4.345  1.00 13.92 ? 3   TP1 C "O7'" 1 
HETATM 334  C "C5'" A TP1 C 1 3 ? 0.940   -17.408 -7.012  0.50 19.87 ? 3   TP1 C "C5'" 1 
HETATM 335  C "C5'" B TP1 C 1 3 ? 0.763   -17.245 -6.997  0.50 21.31 ? 3   TP1 C "C5'" 1 
HETATM 336  C "C'"  A TP1 C 1 3 ? -0.454  -17.061 -7.531  0.50 19.46 ? 3   TP1 C "C'"  1 
HETATM 337  C "C'"  B TP1 C 1 3 ? -0.561  -16.506 -7.093  0.50 20.81 ? 3   TP1 C "C'"  1 
HETATM 338  O "O1'" A TP1 C 1 3 ? -0.908  -17.636 -8.516  0.50 19.96 ? 3   TP1 C "O1'" 1 
HETATM 339  O "O1'" B TP1 C 1 3 ? -0.702  -15.446 -6.469  0.50 23.42 ? 3   TP1 C "O1'" 1 
HETATM 340  N "N4'" . TP1 C 1 3 ? 1.603   -16.443 -6.132  1.00 18.04 ? 3   TP1 C "N4'" 1 
HETATM 341  C "C3'" . TP1 C 1 3 ? 2.207   -15.300 -6.835  1.00 22.47 ? 3   TP1 C "C3'" 1 
HETATM 342  C "C2'" . TP1 C 1 3 ? 3.420   -15.705 -7.705  1.00 24.98 ? 3   TP1 C "C2'" 1 
HETATM 343  N "N1'" . TP1 C 1 3 ? 4.504   -16.209 -6.869  1.00 25.17 ? 3   TP1 C "N1'" 1 
HETATM 344  C "C1'" . TP1 C 1 3 ? 4.707   -17.655 -7.199  1.00 17.55 ? 3   TP1 C "C1'" 1 
HETATM 345  N N1    . TP1 C 1 3 ? 2.069   -16.234 -2.485  1.00 22.00 ? 3   TP1 C N1    1 
HETATM 346  C C6    . TP1 C 1 3 ? 2.886   -17.061 -1.771  1.00 21.54 ? 3   TP1 C C6    1 
HETATM 347  C C2    . TP1 C 1 3 ? 0.846   -15.815 -1.956  1.00 23.24 ? 3   TP1 C C2    1 
HETATM 348  O O2    . TP1 C 1 3 ? 0.050   -15.086 -2.563  1.00 29.31 ? 3   TP1 C O2    1 
HETATM 349  N N3    . TP1 C 1 3 ? 0.535   -16.327 -0.712  1.00 22.93 ? 3   TP1 C N3    1 
HETATM 350  C C4    . TP1 C 1 3 ? 1.324   -17.153 0.060   1.00 21.06 ? 3   TP1 C C4    1 
HETATM 351  O O4    . TP1 C 1 3 ? 0.956   -17.521 1.168   1.00 30.61 ? 3   TP1 C O4    1 
HETATM 352  C C5    . TP1 C 1 3 ? 2.560   -17.519 -0.555  1.00 18.96 ? 3   TP1 C C5    1 
HETATM 353  C C5M   . TP1 C 1 3 ? 3.514   -18.445 0.179   1.00 17.72 ? 3   TP1 C C5M   1 
HETATM 354  C "C8'" . APN C 1 4 ? -2.770  -16.887 -3.904  1.00 7.55  ? 4   APN C "C8'" 1 
HETATM 355  C "C7'" . APN C 1 4 ? -3.648  -17.649 -4.908  1.00 10.88 ? 4   APN C "C7'" 1 
HETATM 356  O "O7'" . APN C 1 4 ? -4.075  -18.778 -4.624  1.00 7.13  ? 4   APN C "O7'" 1 
HETATM 357  C "C5'" . APN C 1 4 ? -4.918  -17.741 -7.031  1.00 13.95 ? 4   APN C "C5'" 1 
HETATM 358  C C     . APN C 1 4 ? -6.364  -17.542 -6.595  1.00 18.57 ? 4   APN C C     1 
HETATM 359  O O     . APN C 1 4 ? -6.626  -16.687 -5.758  1.00 21.07 ? 4   APN C O     1 
HETATM 360  N "N4'" . APN C 1 4 ? -4.002  -17.104 -6.095  1.00 14.34 ? 4   APN C "N4'" 1 
HETATM 361  C "C3'" A APN C 1 4 ? -3.625  -15.733 -6.438  0.50 14.78 ? 4   APN C "C3'" 1 
HETATM 362  C "C3'" B APN C 1 4 ? -3.530  -15.850 -6.647  0.50 16.06 ? 4   APN C "C3'" 1 
HETATM 363  C "C2'" A APN C 1 4 ? -2.455  -15.707 -7.417  0.50 19.53 ? 4   APN C "C2'" 1 
HETATM 364  C "C2'" B APN C 1 4 ? -2.777  -16.203 -7.976  0.50 21.45 ? 4   APN C "C2'" 1 
HETATM 365  N N     A APN C 1 4 ? -1.181  -16.160 -6.876  0.50 19.41 ? 4   APN C N     1 
HETATM 366  N N     B APN C 1 4 ? -1.557  -16.996 -7.821  0.50 19.50 ? 4   APN C N     1 
HETATM 367  N N9    . APN C 1 4 ? -2.645  -17.660 -2.662  1.00 10.77 ? 4   APN C N9    1 
HETATM 368  C C8    . APN C 1 4 ? -1.554  -18.360 -2.227  1.00 8.08  ? 4   APN C C8    1 
HETATM 369  N N7    . APN C 1 4 ? -1.730  -18.960 -1.095  1.00 11.05 ? 4   APN C N7    1 
HETATM 370  C C5    . APN C 1 4 ? -3.043  -18.632 -0.742  1.00 9.19  ? 4   APN C C5    1 
HETATM 371  C C6    . APN C 1 4 ? -3.829  -18.969 0.351   1.00 5.29  ? 4   APN C C6    1 
HETATM 372  N N6    . APN C 1 4 ? -3.386  -19.749 1.339   1.00 2.00  ? 4   APN C N6    1 
HETATM 373  N N1    . APN C 1 4 ? -5.072  -18.483 0.379   1.00 5.16  ? 4   APN C N1    1 
HETATM 374  C C2    . APN C 1 4 ? -5.511  -17.720 -0.608  1.00 4.30  ? 4   APN C C2    1 
HETATM 375  N N3    . APN C 1 4 ? -4.871  -17.335 -1.685  1.00 8.01  ? 4   APN C N3    1 
HETATM 376  C C4    . APN C 1 4 ? -3.615  -17.834 -1.688  1.00 10.61 ? 4   APN C C4    1 
HETATM 377  C "C8'" . CP1 C 1 5 ? -7.388  -19.384 -3.487  1.00 12.58 ? 5   CP1 C "C8'" 1 
HETATM 378  C "C7'" . CP1 C 1 5 ? -8.327  -20.282 -4.300  1.00 9.73  ? 5   CP1 C "C7'" 1 
HETATM 379  O "O7'" . CP1 C 1 5 ? -8.351  -21.504 -4.097  1.00 11.42 ? 5   CP1 C "O7'" 1 
HETATM 380  C "C5'" . CP1 C 1 5 ? -9.945  -20.627 -6.067  1.00 8.69  ? 5   CP1 C "C5'" 1 
HETATM 381  C "C'"  . CP1 C 1 5 ? -11.395 -20.732 -5.630  1.00 11.99 ? 5   CP1 C "C'"  1 
HETATM 382  O "O1'" . CP1 C 1 5 ? -12.132 -21.500 -6.249  1.00 14.65 ? 5   CP1 C "O1'" 1 
HETATM 383  N "N4'" . CP1 C 1 5 ? -9.128  -19.761 -5.234  1.00 10.69 ? 5   CP1 C "N4'" 1 
HETATM 384  C "C3'" . CP1 C 1 5 ? -9.236  -18.324 -5.520  1.00 11.58 ? 5   CP1 C "C3'" 1 
HETATM 385  C "C2'" . CP1 C 1 5 ? -8.741  -18.110 -6.939  1.00 17.49 ? 5   CP1 C "C2'" 1 
HETATM 386  N "N1'" . CP1 C 1 5 ? -7.304  -18.372 -7.076  1.00 20.10 ? 5   CP1 C "N1'" 1 
HETATM 387  C "C1'" . CP1 C 1 5 ? -7.093  -19.560 -7.987  1.00 15.17 ? 5   CP1 C "C1'" 1 
HETATM 388  N N1    . CP1 C 1 5 ? -6.845  -20.196 -2.393  1.00 12.20 ? 5   CP1 C N1    1 
HETATM 389  C C2    . CP1 C 1 5 ? -7.649  -20.332 -1.240  1.00 11.37 ? 5   CP1 C C2    1 
HETATM 390  N N3    . CP1 C 1 5 ? -7.211  -21.092 -0.210  1.00 8.04  ? 5   CP1 C N3    1 
HETATM 391  C C4    . CP1 C 1 5 ? -6.024  -21.708 -0.281  1.00 9.27  ? 5   CP1 C C4    1 
HETATM 392  C C5    . CP1 C 1 5 ? -5.191  -21.597 -1.446  1.00 10.00 ? 5   CP1 C C5    1 
HETATM 393  C C6    . CP1 C 1 5 ? -5.647  -20.833 -2.466  1.00 10.62 ? 5   CP1 C C6    1 
HETATM 394  O O2    . CP1 C 1 5 ? -8.740  -19.785 -1.141  1.00 7.25  ? 5   CP1 C O2    1 
HETATM 395  N N4    . CP1 C 1 5 ? -5.618  -22.442 0.752   1.00 5.07  ? 5   CP1 C N4    1 
HETATM 396  C "C8'" . GPN C 1 6 ? -11.069 -22.133 -1.869  1.00 14.11 ? 6   GPN C "C8'" 1 
HETATM 397  C "C7'" . GPN C 1 6 ? -11.950 -23.005 -2.750  1.00 17.22 ? 6   GPN C "C7'" 1 
HETATM 398  O "O7'" . GPN C 1 6 ? -11.662 -24.197 -2.945  1.00 16.02 ? 6   GPN C "O7'" 1 
HETATM 399  C "C5'" . GPN C 1 6 ? -13.950 -23.217 -4.081  1.00 24.88 ? 6   GPN C "C5'" 1 
HETATM 400  C C     . GPN C 1 6 ? -14.725 -24.186 -3.205  1.00 36.55 ? 6   GPN C C     1 
HETATM 401  O O     . GPN C 1 6 ? -14.638 -24.218 -1.945  1.00 43.47 ? 6   GPN C O     1 
HETATM 402  N "N4'" . GPN C 1 6 ? -13.035 -22.438 -3.279  1.00 15.19 ? 6   GPN C "N4'" 1 
HETATM 403  C "C3'" . GPN C 1 6 ? -13.462 -21.051 -2.955  1.00 6.62  ? 6   GPN C "C3'" 1 
HETATM 404  C "C2'" . GPN C 1 6 ? -13.221 -20.066 -4.111  1.00 8.45  ? 6   GPN C "C2'" 1 
HETATM 405  N N     . GPN C 1 6 ? -11.843 -20.014 -4.586  1.00 7.96  ? 6   GPN C N     1 
HETATM 406  N N9    . GPN C 1 6 ? -10.188 -23.030 -1.092  1.00 13.56 ? 6   GPN C N9    1 
HETATM 407  C C8    . GPN C 1 6 ? -8.963  -23.504 -1.466  1.00 9.51  ? 6   GPN C C8    1 
HETATM 408  N N7    . GPN C 1 6 ? -8.419  -24.264 -0.567  1.00 7.01  ? 6   GPN C N7    1 
HETATM 409  C C5    . GPN C 1 6 ? -9.341  -24.306 0.467   1.00 6.76  ? 6   GPN C C5    1 
HETATM 410  C C6    . GPN C 1 6 ? -9.275  -24.967 1.727   1.00 6.84  ? 6   GPN C C6    1 
HETATM 411  O O6    . GPN C 1 6 ? -8.391  -25.678 2.188   1.00 10.99 ? 6   GPN C O6    1 
HETATM 412  N N1    . GPN C 1 6 ? -10.404 -24.758 2.459   1.00 2.00  ? 6   GPN C N1    1 
HETATM 413  C C2    . GPN C 1 6 ? -11.460 -23.972 2.098   1.00 9.70  ? 6   GPN C C2    1 
HETATM 414  N N2    . GPN C 1 6 ? -12.459 -23.918 2.978   1.00 6.27  ? 6   GPN C N2    1 
HETATM 415  N N3    . GPN C 1 6 ? -11.538 -23.345 0.918   1.00 9.67  ? 6   GPN C N3    1 
HETATM 416  C C4    . GPN C 1 6 ? -10.424 -23.526 0.167   1.00 8.26  ? 6   GPN C C4    1 
ATOM   417  N N     . LYS C 1 7 ? -15.349 -25.048 -3.998  1.00 43.02 ? 7   LYS C N     1 
ATOM   418  C CA    . LYS C 1 7 ? -16.249 -26.064 -3.531  1.00 49.36 ? 7   LYS C CA    1 
ATOM   419  C C     . LYS C 1 7 ? -15.609 -27.385 -3.332  1.00 53.83 ? 7   LYS C C     1 
ATOM   420  O O     . LYS C 1 7 ? -15.969 -28.507 -3.827  1.00 59.10 ? 7   LYS C O     1 
ATOM   421  C CB    . LYS C 1 7 ? -17.312 -25.745 -4.576  1.00 51.43 ? 7   LYS C CB    1 
ATOM   422  C CG    . LYS C 1 7 ? -18.056 -26.785 -5.293  1.00 54.78 ? 7   LYS C CG    1 
ATOM   423  C CD    . LYS C 1 7 ? -17.175 -26.802 -6.519  1.00 59.81 ? 7   LYS C CD    1 
ATOM   424  C CE    . LYS C 1 7 ? -17.565 -25.967 -7.658  1.00 63.09 ? 7   LYS C CE    1 
ATOM   425  N NZ    . LYS C 1 7 ? -16.690 -26.435 -8.716  1.00 66.30 ? 7   LYS C NZ    1 
ATOM   426  O OXT   . LYS C 1 7 ? -14.945 -27.103 -2.216  1.00 56.62 ? 7   LYS C OXT   1 
HETATM 427  C "C8'" . CP1 D 1 1 ? -12.837 -26.561 7.741   1.00 19.98 ? 1   CP1 D "C8'" 1 
HETATM 428  C "C7'" . CP1 D 1 1 ? -13.039 -25.160 8.342   1.00 23.40 ? 1   CP1 D "C7'" 1 
HETATM 429  O "O7'" . CP1 D 1 1 ? -12.161 -24.304 8.207   1.00 24.95 ? 1   CP1 D "O7'" 1 
HETATM 430  C "C5'" A CP1 D 1 1 ? -14.725 -23.599 9.565   0.50 22.66 ? 1   CP1 D "C5'" 1 
HETATM 431  C "C5'" B CP1 D 1 1 ? -14.351 -23.533 9.629   0.50 22.41 ? 1   CP1 D "C5'" 1 
HETATM 432  C "C'"  A CP1 D 1 1 ? -14.227 -22.185 9.304   0.50 19.64 ? 1   CP1 D "C'"  1 
HETATM 433  C "C'"  B CP1 D 1 1 ? -14.930 -22.420 8.773   0.50 18.45 ? 1   CP1 D "C'"  1 
HETATM 434  O "O1'" A CP1 D 1 1 ? -13.307 -21.667 9.936   0.50 20.63 ? 1   CP1 D "O1'" 1 
HETATM 435  O "O1'" B CP1 D 1 1 ? -15.870 -22.629 8.015   0.50 18.34 ? 1   CP1 D "O1'" 1 
HETATM 436  N "N4'" . CP1 D 1 1 ? -14.172 -24.865 9.036   1.00 26.56 ? 1   CP1 D "N4'" 1 
HETATM 437  C "C3'" . CP1 D 1 1 ? -15.001 -25.902 9.618   1.00 28.54 ? 1   CP1 D "C3'" 1 
HETATM 438  C "C2'" . CP1 D 1 1 ? -14.131 -26.066 10.889  1.00 33.46 ? 1   CP1 D "C2'" 1 
HETATM 439  N "N1'" . CP1 D 1 1 ? -14.847 -26.625 11.989  1.00 35.58 ? 1   CP1 D "N1'" 1 
HETATM 440  C "C1'" . CP1 D 1 1 ? -14.013 -27.515 12.813  1.00 38.77 ? 1   CP1 D "C1'" 1 
HETATM 441  N N1    . CP1 D 1 1 ? -11.634 -26.732 6.890   1.00 12.80 ? 1   CP1 D N1    1 
HETATM 442  C C2    . CP1 D 1 1 ? -11.677 -26.146 5.631   1.00 13.31 ? 1   CP1 D C2    1 
HETATM 443  N N3    . CP1 D 1 1 ? -10.604 -26.276 4.823   1.00 13.86 ? 1   CP1 D N3    1 
HETATM 444  C C4    . CP1 D 1 1 ? -9.516  -26.942 5.206   1.00 16.05 ? 1   CP1 D C4    1 
HETATM 445  C C5    . CP1 D 1 1 ? -9.455  -27.567 6.487   1.00 15.41 ? 1   CP1 D C5    1 
HETATM 446  C C6    . CP1 D 1 1 ? -10.531 -27.426 7.283   1.00 16.71 ? 1   CP1 D C6    1 
HETATM 447  O O2    . CP1 D 1 1 ? -12.666 -25.527 5.250   1.00 15.74 ? 1   CP1 D O2    1 
HETATM 448  N N4    . CP1 D 1 1 ? -8.486  -27.022 4.363   1.00 13.66 ? 1   CP1 D N4    1 
HETATM 449  C "C8'" . GPN D 1 2 ? -12.040 -22.038 5.858   1.00 12.90 ? 2   GPN D "C8'" 1 
HETATM 450  C "C7'" . GPN D 1 2 ? -11.983 -20.543 6.243   1.00 15.47 ? 2   GPN D "C7'" 1 
HETATM 451  O "O7'" . GPN D 1 2 ? -10.885 -19.981 6.301   1.00 9.97  ? 2   GPN D "O7'" 1 
HETATM 452  C "C5'" . GPN D 1 2 ? -12.880 -18.328 6.740   1.00 17.51 ? 2   GPN D "C5'" 1 
HETATM 453  C C     . GPN D 1 2 ? -13.193 -17.475 5.510   1.00 18.40 ? 2   GPN D C     1 
HETATM 454  O O     . GPN D 1 2 ? -13.702 -17.948 4.493   1.00 23.15 ? 2   GPN D O     1 
HETATM 455  N "N4'" . GPN D 1 2 ? -13.025 -19.758 6.520   1.00 16.48 ? 2   GPN D "N4'" 1 
HETATM 456  C "C3'" A GPN D 1 2 ? -14.409 -20.205 6.586   0.50 16.79 ? 2   GPN D "C3'" 1 
HETATM 457  C "C3'" B GPN D 1 2 ? -14.410 -20.209 6.647   0.50 15.75 ? 2   GPN D "C3'" 1 
HETATM 458  C "C2'" A GPN D 1 2 ? -14.760 -20.181 8.053   0.50 13.98 ? 2   GPN D "C2'" 1 
HETATM 459  C "C2'" B GPN D 1 2 ? -14.798 -20.080 8.125   0.50 13.29 ? 2   GPN D "C2'" 1 
HETATM 460  N N     A GPN D 1 2 ? -15.012 -21.540 8.445   0.50 15.18 ? 2   GPN D N     1 
HETATM 461  N N     B GPN D 1 2 ? -14.346 -21.224 8.891   0.50 14.32 ? 2   GPN D N     1 
HETATM 462  N N9    . GPN D 1 2 ? -10.656 -22.403 5.417   1.00 8.31  ? 2   GPN D N9    1 
HETATM 463  C C8    . GPN D 1 2 ? -9.731  -23.168 6.066   1.00 5.39  ? 2   GPN D C8    1 
HETATM 464  N N7    . GPN D 1 2 ? -8.615  -23.287 5.429   1.00 4.39  ? 2   GPN D N7    1 
HETATM 465  C C5    . GPN D 1 2 ? -8.802  -22.534 4.272   1.00 2.24  ? 2   GPN D C5    1 
HETATM 466  C C6    . GPN D 1 2 ? -7.919  -22.292 3.189   1.00 4.43  ? 2   GPN D C6    1 
HETATM 467  O O6    . GPN D 1 2 ? -6.766  -22.704 3.062   1.00 10.00 ? 2   GPN D O6    1 
HETATM 468  N N1    . GPN D 1 2 ? -8.496  -21.487 2.226   1.00 2.00  ? 2   GPN D N1    1 
HETATM 469  C C2    . GPN D 1 2 ? -9.776  -20.968 2.284   1.00 2.00  ? 2   GPN D C2    1 
HETATM 470  N N2    . GPN D 1 2 ? -10.180 -20.215 1.267   1.00 2.12  ? 2   GPN D N2    1 
HETATM 471  N N3    . GPN D 1 2 ? -10.607 -21.192 3.287   1.00 2.00  ? 2   GPN D N3    1 
HETATM 472  C C4    . GPN D 1 2 ? -10.050 -21.985 4.250   1.00 5.23  ? 2   GPN D C4    1 
HETATM 473  C "C8'" . TP1 D 1 3 ? -10.042 -17.491 3.761   1.00 15.09 ? 3   TP1 D "C8'" 1 
HETATM 474  C "C7'" . TP1 D 1 3 ? -9.760  -16.016 4.063   1.00 16.65 ? 3   TP1 D "C7'" 1 
HETATM 475  O "O7'" . TP1 D 1 3 ? -8.639  -15.689 4.443   1.00 16.35 ? 3   TP1 D "O7'" 1 
HETATM 476  C "C5'" A TP1 D 1 3 ? -10.467 -13.662 4.176   0.50 17.80 ? 3   TP1 D "C5'" 1 
HETATM 477  C "C5'" B TP1 D 1 3 ? -10.361 -13.667 3.705   0.50 20.86 ? 3   TP1 D "C5'" 1 
HETATM 478  C "C'"  A TP1 D 1 3 ? -9.946  -12.728 3.097   0.50 17.58 ? 3   TP1 D "C'"  1 
HETATM 479  C "C'"  B TP1 D 1 3 ? -10.135 -13.376 2.214   0.50 24.27 ? 3   TP1 D "C'"  1 
HETATM 480  O "O1'" A TP1 D 1 3 ? -9.344  -11.722 3.464   0.50 18.86 ? 3   TP1 D "O1'" 1 
HETATM 481  O "O1'" B TP1 D 1 3 ? -10.202 -14.262 1.353   0.50 28.00 ? 3   TP1 D "O1'" 1 
HETATM 482  N "N4'" . TP1 D 1 3 ? -10.704 -15.082 3.865   1.00 22.02 ? 3   TP1 D "N4'" 1 
HETATM 483  C "C3'" . TP1 D 1 3 ? -12.076 -15.414 3.435   1.00 18.08 ? 3   TP1 D "C3'" 1 
HETATM 484  C "C2'" . TP1 D 1 3 ? -13.121 -15.221 4.547   1.00 12.65 ? 3   TP1 D "C2'" 1 
HETATM 485  N "N1'" . TP1 D 1 3 ? -12.871 -16.176 5.608   1.00 14.08 ? 3   TP1 D "N1'" 1 
HETATM 486  C "C1'" . TP1 D 1 3 ? -12.420 -15.473 6.851   1.00 11.11 ? 3   TP1 D "C1'" 1 
HETATM 487  N N1    . TP1 D 1 3 ? -8.717  -18.173 3.782   1.00 14.68 ? 3   TP1 D N1    1 
HETATM 488  C C6    . TP1 D 1 3 ? -8.258  -18.836 4.877   1.00 9.82  ? 3   TP1 D C6    1 
HETATM 489  C C2    . TP1 D 1 3 ? -7.927  -18.043 2.626   1.00 13.65 ? 3   TP1 D C2    1 
HETATM 490  O O2    . TP1 D 1 3 ? -8.278  -17.443 1.600   1.00 15.50 ? 3   TP1 D O2    1 
HETATM 491  N N3    . TP1 D 1 3 ? -6.693  -18.650 2.688   1.00 10.92 ? 3   TP1 D N3    1 
HETATM 492  C C4    . TP1 D 1 3 ? -6.176  -19.331 3.768   1.00 12.33 ? 3   TP1 D C4    1 
HETATM 493  O O4    . TP1 D 1 3 ? -5.057  -19.831 3.723   1.00 18.27 ? 3   TP1 D O4    1 
HETATM 494  C C5    . TP1 D 1 3 ? -7.052  -19.401 4.911   1.00 10.26 ? 3   TP1 D C5    1 
HETATM 495  C C5M   . TP1 D 1 3 ? -6.596  -20.142 6.158   1.00 5.75  ? 3   TP1 D C5M   1 
HETATM 496  C "C8'" . APN D 1 4 ? -6.661  -14.204 1.322   1.00 15.39 ? 4   APN D "C8'" 1 
HETATM 497  C "C7'" . APN D 1 4 ? -6.421  -12.699 1.427   1.00 19.10 ? 4   APN D "C7'" 1 
HETATM 498  O "O7'" . APN D 1 4 ? -5.419  -12.284 2.017   1.00 19.43 ? 4   APN D "O7'" 1 
HETATM 499  C "C5'" . APN D 1 4 ? -7.086  -10.375 0.884   1.00 22.60 ? 4   APN D "C5'" 1 
HETATM 500  C C     . APN D 1 4 ? -6.138  -9.973  -0.227  1.00 24.89 ? 4   APN D C     1 
HETATM 501  O O     . APN D 1 4 ? -5.900  -10.796 -1.110  1.00 29.87 ? 4   APN D O     1 
HETATM 502  N "N4'" . APN D 1 4 ? -7.275  -11.833 0.854   1.00 21.97 ? 4   APN D "N4'" 1 
HETATM 503  C "C3'" A APN D 1 4 ? -8.404  -12.298 0.048   0.50 18.00 ? 4   APN D "C3'" 1 
HETATM 504  C "C3'" B APN D 1 4 ? -8.339  -12.282 -0.036  0.50 22.14 ? 4   APN D "C3'" 1 
HETATM 505  C "C2'" A APN D 1 4 ? -9.745  -12.070 0.733   0.50 16.86 ? 4   APN D "C2'" 1 
HETATM 506  C "C2'" B APN D 1 4 ? -9.666  -11.757 0.460   0.50 23.69 ? 4   APN D "C2'" 1 
HETATM 507  N N     A APN D 1 4 ? -10.104 -13.000 1.793   0.50 16.87 ? 4   APN D N     1 
HETATM 508  N N     B APN D 1 4 ? -9.881  -12.126 1.848   0.50 23.71 ? 4   APN D N     1 
HETATM 509  N N9    . APN D 1 4 ? -5.529  -14.936 1.886   1.00 12.73 ? 4   APN D N9    1 
HETATM 510  C C8    . APN D 1 4 ? -5.474  -15.595 3.072   1.00 10.09 ? 4   APN D C8    1 
HETATM 511  N N7    . APN D 1 4 ? -4.320  -16.141 3.306   1.00 14.57 ? 4   APN D N7    1 
HETATM 512  C C5    . APN D 1 4 ? -3.543  -15.813 2.192   1.00 12.47 ? 4   APN D C5    1 
HETATM 513  C C6    . APN D 1 4 ? -2.216  -16.097 1.833   1.00 10.98 ? 4   APN D C6    1 
HETATM 514  N N6    . APN D 1 4 ? -1.379  -16.789 2.597   1.00 7.46  ? 4   APN D N6    1 
HETATM 515  N N1    . APN D 1 4 ? -1.778  -15.631 0.676   1.00 8.79  ? 4   APN D N1    1 
HETATM 516  C C2    . APN D 1 4 ? -2.594  -14.914 -0.088  1.00 14.18 ? 4   APN D C2    1 
HETATM 517  N N3    . APN D 1 4 ? -3.851  -14.575 0.120   1.00 18.01 ? 4   APN D N3    1 
HETATM 518  C C4    . APN D 1 4 ? -4.273  -15.074 1.312   1.00 14.61 ? 4   APN D C4    1 
HETATM 519  C "C8'" . CP1 D 1 5 ? -2.569  -11.097 0.246   1.00 20.85 ? 5   CP1 D "C8'" 1 
HETATM 520  C "C7'" . CP1 D 1 5 ? -2.138  -9.622  0.431   1.00 26.32 ? 5   CP1 D "C7'" 1 
HETATM 521  O "O7'" . CP1 D 1 5 ? -1.365  -9.294  1.340   1.00 28.18 ? 5   CP1 D "O7'" 1 
HETATM 522  C "C5'" . CP1 D 1 5 ? -2.201  -7.288  -0.197  1.00 25.34 ? 5   CP1 D "C5'" 1 
HETATM 523  C "C'"  . CP1 D 1 5 ? -1.067  -6.776  -1.069  1.00 25.93 ? 5   CP1 D "C'"  1 
HETATM 524  O "O1'" . CP1 D 1 5 ? -0.649  -5.638  -0.858  1.00 28.33 ? 5   CP1 D "O1'" 1 
HETATM 525  N "N4'" . CP1 D 1 5 ? -2.582  -8.676  -0.395  1.00 25.95 ? 5   CP1 D "N4'" 1 
HETATM 526  C "C3'" . CP1 D 1 5 ? -3.439  -8.954  -1.551  1.00 24.90 ? 5   CP1 D "C3'" 1 
HETATM 527  C "C2'" . CP1 D 1 5 ? -4.809  -8.270  -1.401  1.00 26.39 ? 5   CP1 D "C2'" 1 
HETATM 528  N "N1'" . CP1 D 1 5 ? -5.545  -8.770  -0.229  1.00 27.41 ? 5   CP1 D "N1'" 1 
HETATM 529  C "C1'" . CP1 D 1 5 ? -5.582  -7.785  0.896   1.00 23.55 ? 5   CP1 D "C1'" 1 
HETATM 530  N N1    . CP1 D 1 5 ? -1.712  -11.930 1.114   1.00 19.93 ? 5   CP1 D N1    1 
HETATM 531  C C2    . CP1 D 1 5 ? -0.462  -12.289 0.585   1.00 17.03 ? 5   CP1 D C2    1 
HETATM 532  N N3    . CP1 D 1 5 ? 0.354   -13.020 1.368   1.00 14.58 ? 5   CP1 D N3    1 
HETATM 533  C C4    . CP1 D 1 5 ? -0.007  -13.395 2.595   1.00 10.88 ? 5   CP1 D C4    1 
HETATM 534  C C5    . CP1 D 1 5 ? -1.262  -13.040 3.135   1.00 9.15  ? 5   CP1 D C5    1 
HETATM 535  C C6    . CP1 D 1 5 ? -2.072  -12.308 2.357   1.00 14.43 ? 5   CP1 D C6    1 
HETATM 536  O O2    . CP1 D 1 5 ? -0.113  -11.951 -0.546  1.00 9.73  ? 5   CP1 D O2    1 
HETATM 537  N N4    . CP1 D 1 5 ? 0.809   -14.113 3.357   1.00 8.29  ? 5   CP1 D N4    1 
HETATM 538  C "C8'" . GPN D 1 6 ? 1.937   -9.297  -0.136  1.00 23.69 ? 6   GPN D "C8'" 1 
HETATM 539  C "C7'" . GPN D 1 6 ? 2.298   -7.826  0.047   1.00 31.23 ? 6   GPN D "C7'" 1 
HETATM 540  O "O7'" . GPN D 1 6 ? 2.648   -7.403  1.166   1.00 30.88 ? 6   GPN D "O7'" 1 
HETATM 541  C "C5'" . GPN D 1 6 ? 2.650   -5.634  -0.959  1.00 35.38 ? 6   GPN D "C5'" 1 
HETATM 542  C C     . GPN D 1 6 ? 4.174   -5.538  -0.756  1.00 39.12 ? 6   GPN D C     1 
HETATM 543  O O     . GPN D 1 6 ? 4.959   -6.488  -0.867  1.00 33.86 ? 6   GPN D O     1 
HETATM 544  N "N4'" . GPN D 1 6 ? 2.246   -7.017  -1.034  1.00 30.73 ? 6   GPN D "N4'" 1 
HETATM 545  C "C3'" . GPN D 1 6 ? 1.907   -7.406  -2.412  1.00 31.78 ? 6   GPN D "C3'" 1 
HETATM 546  C "C2'" . GPN D 1 6 ? 0.534   -6.913  -2.848  1.00 28.38 ? 6   GPN D "C2'" 1 
HETATM 547  N N     . GPN D 1 6 ? -0.530  -7.509  -2.054  1.00 26.11 ? 6   GPN D N     1 
HETATM 548  N N9    . GPN D 1 6 ? 2.432   -10.042 1.030   1.00 20.06 ? 6   GPN D N9    1 
HETATM 549  C C8    . GPN D 1 6 ? 1.779   -10.269 2.199   1.00 15.43 ? 6   GPN D C8    1 
HETATM 550  N N7    . GPN D 1 6 ? 2.470   -10.974 3.050   1.00 23.36 ? 6   GPN D N7    1 
HETATM 551  C C5    . GPN D 1 6 ? 3.674   -11.232 2.398   1.00 20.56 ? 6   GPN D C5    1 
HETATM 552  C C6    . GPN D 1 6 ? 4.811   -11.951 2.841   1.00 22.49 ? 6   GPN D C6    1 
HETATM 553  O O6    . GPN D 1 6 ? 4.973   -12.531 3.911   1.00 25.40 ? 6   GPN D O6    1 
HETATM 554  N N1    . GPN D 1 6 ? 5.806   -11.996 1.877   1.00 23.67 ? 6   GPN D N1    1 
HETATM 555  C C2    . GPN D 1 6 ? 5.738   -11.366 0.650   1.00 24.06 ? 6   GPN D C2    1 
HETATM 556  N N2    . GPN D 1 6 ? 6.802   -11.515 -0.132  1.00 27.61 ? 6   GPN D N2    1 
HETATM 557  N N3    . GPN D 1 6 ? 4.659   -10.707 0.214   1.00 23.22 ? 6   GPN D N3    1 
HETATM 558  C C4    . GPN D 1 6 ? 3.667   -10.667 1.144   1.00 21.78 ? 6   GPN D C4    1 
ATOM   559  N N     . LYS D 1 7 ? 4.495   -4.314  -0.374  1.00 46.13 ? 7   LYS D N     1 
ATOM   560  C CA    . LYS D 1 7 ? 5.792   -3.723  -0.095  1.00 52.40 ? 7   LYS D CA    1 
ATOM   561  C C     . LYS D 1 7 ? 6.809   -4.030  1.098   1.00 56.01 ? 7   LYS D C     1 
ATOM   562  O O     . LYS D 1 7 ? 6.902   -3.236  2.029   1.00 59.98 ? 7   LYS D O     1 
ATOM   563  C CB    . LYS D 1 7 ? 5.260   -2.289  -0.063  1.00 52.93 ? 7   LYS D CB    1 
ATOM   564  C CG    . LYS D 1 7 ? 6.167   -1.299  -0.691  1.00 55.15 ? 7   LYS D CG    1 
ATOM   565  C CD    . LYS D 1 7 ? 6.970   -0.635  0.366   1.00 57.42 ? 7   LYS D CD    1 
ATOM   566  C CE    . LYS D 1 7 ? 7.109   0.642   -0.379  1.00 59.47 ? 7   LYS D CE    1 
ATOM   567  N NZ    . LYS D 1 7 ? 8.096   1.510   0.240   1.00 63.92 ? 7   LYS D NZ    1 
ATOM   568  O OXT   . LYS D 1 7 ? 7.600   -5.072  1.273   1.00 59.07 ? 7   LYS D OXT   1 
HETATM 569  C "C8'" . CP1 E 1 1 ? 12.499  26.442  -8.492  1.00 20.54 ? 1   CP1 E "C8'" 1 
HETATM 570  C "C7'" . CP1 E 1 1 ? 12.676  25.009  -9.069  1.00 28.25 ? 1   CP1 E "C7'" 1 
HETATM 571  O "O7'" . CP1 E 1 1 ? 11.824  24.127  -8.848  1.00 21.57 ? 1   CP1 E "O7'" 1 
HETATM 572  C "C5'" A CP1 E 1 1 ? 14.109  23.466  -10.472 0.50 28.47 ? 1   CP1 E "C5'" 1 
HETATM 573  C "C5'" B CP1 E 1 1 ? 14.103  23.395  -10.273 0.50 25.13 ? 1   CP1 E "C5'" 1 
HETATM 574  C "C'"  A CP1 E 1 1 ? 14.218  22.096  -9.785  0.50 27.64 ? 1   CP1 E "C'"  1 
HETATM 575  C "C'"  B CP1 E 1 1 ? 14.663  22.533  -9.145  0.50 22.79 ? 1   CP1 E "C'"  1 
HETATM 576  O "O1'" A CP1 E 1 1 ? 13.513  21.184  -10.222 0.50 27.91 ? 1   CP1 E "O1'" 1 
HETATM 577  O "O1'" B CP1 E 1 1 ? 15.053  23.055  -8.098  0.50 18.53 ? 1   CP1 E "O1'" 1 
HETATM 578  N "N4'" . CP1 E 1 1 ? 13.786  24.742  -9.819  1.00 30.64 ? 1   CP1 E "N4'" 1 
HETATM 579  C "C3'" . CP1 E 1 1 ? 14.706  25.787  -10.315 1.00 29.82 ? 1   CP1 E "C3'" 1 
HETATM 580  C "C2'" . CP1 E 1 1 ? 14.143  26.179  -11.697 1.00 28.14 ? 1   CP1 E "C2'" 1 
HETATM 581  N "N1'" . CP1 E 1 1 ? 14.002  27.616  -11.781 1.00 28.19 ? 1   CP1 E "N1'" 1 
HETATM 582  C "C1'" . CP1 E 1 1 ? 15.171  28.521  -11.960 1.00 24.62 ? 1   CP1 E "C1'" 1 
HETATM 583  N N1    . CP1 E 1 1 ? 11.268  26.651  -7.702  1.00 20.21 ? 1   CP1 E N1    1 
HETATM 584  C C2    . CP1 E 1 1 ? 11.259  26.098  -6.405  1.00 22.70 ? 1   CP1 E C2    1 
HETATM 585  N N3    . CP1 E 1 1 ? 10.145  26.234  -5.652  1.00 20.61 ? 1   CP1 E N3    1 
HETATM 586  C C4    . CP1 E 1 1 ? 9.074   26.877  -6.120  1.00 20.79 ? 1   CP1 E C4    1 
HETATM 587  C C5    . CP1 E 1 1 ? 9.049   27.443  -7.431  1.00 19.07 ? 1   CP1 E C5    1 
HETATM 588  C C6    . CP1 E 1 1 ? 10.163  27.302  -8.179  1.00 17.98 ? 1   CP1 E C6    1 
HETATM 589  O O2    . CP1 E 1 1 ? 12.232  25.499  -5.942  1.00 24.85 ? 1   CP1 E O2    1 
HETATM 590  N N4    . CP1 E 1 1 ? 8.001   26.985  -5.347  1.00 24.55 ? 1   CP1 E N4    1 
HETATM 591  C "C8'" . GPN E 1 2 ? 11.999  21.783  -6.343  1.00 19.88 ? 2   GPN E "C8'" 1 
HETATM 592  C "C7'" . GPN E 1 2 ? 11.956  20.334  -6.825  1.00 20.77 ? 2   GPN E "C7'" 1 
HETATM 593  O "O7'" . GPN E 1 2 ? 10.869  19.746  -6.928  1.00 13.08 ? 2   GPN E "O7'" 1 
HETATM 594  C "C5'" . GPN E 1 2 ? 13.099  18.283  -7.503  1.00 11.51 ? 2   GPN E "C5'" 1 
HETATM 595  C C     . GPN E 1 2 ? 13.132  17.361  -6.296  1.00 10.82 ? 2   GPN E C     1 
HETATM 596  O O     . GPN E 1 2 ? 13.550  17.731  -5.208  1.00 15.90 ? 2   GPN E O     1 
HETATM 597  N "N4'" . GPN E 1 2 ? 13.105  19.676  -7.105  1.00 19.85 ? 2   GPN E "N4'" 1 
HETATM 598  C "C3'" A GPN E 1 2 ? 14.448  20.249  -6.887  0.50 18.81 ? 2   GPN E "C3'" 1 
HETATM 599  C "C3'" B GPN E 1 2 ? 14.458  20.237  -6.991  0.50 17.06 ? 2   GPN E "C3'" 1 
HETATM 600  C "C2'" A GPN E 1 2 ? 15.186  20.485  -8.211  0.50 21.09 ? 2   GPN E "C2'" 1 
HETATM 601  C "C2'" B GPN E 1 2 ? 15.155  20.240  -8.372  0.50 17.29 ? 2   GPN E "C2'" 1 
HETATM 602  N N     A GPN E 1 2 ? 15.056  21.832  -8.773  0.50 26.06 ? 2   GPN E N     1 
HETATM 603  N N     B GPN E 1 2 ? 14.638  21.202  -9.338  0.50 20.11 ? 2   GPN E N     1 
HETATM 604  N N9    . GPN E 1 2 ? 10.679  22.188  -5.852  1.00 21.54 ? 2   GPN E N9    1 
HETATM 605  C C8    . GPN E 1 2 ? 9.784   23.005  -6.472  1.00 19.53 ? 2   GPN E C8    1 
HETATM 606  N N7    . GPN E 1 2 ? 8.703   23.180  -5.790  1.00 23.98 ? 2   GPN E N7    1 
HETATM 607  C C5    . GPN E 1 2 ? 8.889   22.428  -4.627  1.00 20.42 ? 2   GPN E C5    1 
HETATM 608  C C6    . GPN E 1 2 ? 8.028   22.233  -3.512  1.00 20.98 ? 2   GPN E C6    1 
HETATM 609  O O6    . GPN E 1 2 ? 6.909   22.698  -3.319  1.00 29.86 ? 2   GPN E O6    1 
HETATM 610  N N1    . GPN E 1 2 ? 8.586   21.403  -2.554  1.00 19.28 ? 2   GPN E N1    1 
HETATM 611  C C2    . GPN E 1 2 ? 9.829   20.810  -2.657  1.00 14.34 ? 2   GPN E C2    1 
HETATM 612  N N2    . GPN E 1 2 ? 10.185  20.041  -1.636  1.00 6.90  ? 2   GPN E N2    1 
HETATM 613  N N3    . GPN E 1 2 ? 10.648  20.987  -3.703  1.00 16.58 ? 2   GPN E N3    1 
HETATM 614  C C4    . GPN E 1 2 ? 10.104  21.803  -4.655  1.00 19.87 ? 2   GPN E C4    1 
HETATM 615  C "C8'" . TP1 E 1 3 ? 9.927   17.249  -4.187  1.00 14.88 ? 3   TP1 E "C8'" 1 
HETATM 616  C "C7'" . TP1 E 1 3 ? 9.642   15.773  -4.541  1.00 17.11 ? 3   TP1 E "C7'" 1 
HETATM 617  O "O7'" . TP1 E 1 3 ? 8.490   15.403  -4.761  1.00 19.49 ? 3   TP1 E "O7'" 1 
HETATM 618  C "C5'" A TP1 E 1 3 ? 10.530  13.550  -5.032  0.50 12.71 ? 3   TP1 E "C5'" 1 
HETATM 619  C "C5'" B TP1 E 1 3 ? 10.489  13.473  -4.603  0.50 18.86 ? 3   TP1 E "C5'" 1 
HETATM 620  C "C'"  A TP1 E 1 3 ? 10.204  12.512  -3.990  0.50 9.79  ? 3   TP1 E "C'"  1 
HETATM 621  C "C'"  B TP1 E 1 3 ? 10.334  13.014  -3.156  0.50 20.24 ? 3   TP1 E "C'"  1 
HETATM 622  O "O1'" A TP1 E 1 3 ? 9.961   11.390  -4.404  0.50 7.91  ? 3   TP1 E "O1'" 1 
HETATM 623  O "O1'" B TP1 E 1 3 ? 10.508  13.799  -2.215  0.50 22.68 ? 3   TP1 E "O1'" 1 
HETATM 624  N "N4'" . TP1 E 1 3 ? 10.668  14.915  -4.563  1.00 16.75 ? 3   TP1 E "N4'" 1 
HETATM 625  C "C3'" . TP1 E 1 3 ? 12.062  15.293  -4.291  1.00 16.98 ? 3   TP1 E "C3'" 1 
HETATM 626  C "C2'" . TP1 E 1 3 ? 12.952  15.075  -5.525  1.00 9.12  ? 3   TP1 E "C2'" 1 
HETATM 627  N "N1'" . TP1 E 1 3 ? 12.651  16.145  -6.453  1.00 7.95  ? 3   TP1 E "N1'" 1 
HETATM 628  C "C1'" . TP1 E 1 3 ? 11.740  15.699  -7.535  1.00 8.06  ? 3   TP1 E "C1'" 1 
HETATM 629  N N1    . TP1 E 1 3 ? 8.670   18.013  -4.245  1.00 14.09 ? 3   TP1 E N1    1 
HETATM 630  C C6    . TP1 E 1 3 ? 8.288   18.749  -5.332  1.00 13.84 ? 3   TP1 E C6    1 
HETATM 631  C C2    . TP1 E 1 3 ? 7.846   17.930  -3.107  1.00 14.74 ? 3   TP1 E C2    1 
HETATM 632  O O2    . TP1 E 1 3 ? 8.132   17.254  -2.109  1.00 21.68 ? 3   TP1 E O2    1 
HETATM 633  N N3    . TP1 E 1 3 ? 6.644   18.611  -3.155  1.00 10.61 ? 3   TP1 E N3    1 
HETATM 634  C C4    . TP1 E 1 3 ? 6.207   19.375  -4.221  1.00 15.83 ? 3   TP1 E C4    1 
HETATM 635  O O4    . TP1 E 1 3 ? 5.127   19.950  -4.158  1.00 15.21 ? 3   TP1 E O4    1 
HETATM 636  C C5    . TP1 E 1 3 ? 7.135   19.426  -5.350  1.00 16.07 ? 3   TP1 E C5    1 
HETATM 637  C C5M   . TP1 E 1 3 ? 6.791   20.212  -6.589  1.00 15.25 ? 3   TP1 E C5M   1 
HETATM 638  C "C8'" . APN E 1 4 ? 6.820   13.994  -1.837  1.00 14.19 ? 4   APN E "C8'" 1 
HETATM 639  C "C7'" . APN E 1 4 ? 6.564   12.498  -2.007  1.00 19.58 ? 4   APN E "C7'" 1 
HETATM 640  O "O7'" . APN E 1 4 ? 5.554   12.092  -2.601  1.00 23.97 ? 4   APN E "O7'" 1 
HETATM 641  C "C5'" . APN E 1 4 ? 7.145   10.178  -1.480  1.00 17.23 ? 4   APN E "C5'" 1 
HETATM 642  C C     . APN E 1 4 ? 6.431   9.725   -0.212  1.00 17.50 ? 4   APN E C     1 
HETATM 643  O O     . APN E 1 4 ? 6.409   10.461  0.775   1.00 18.24 ? 4   APN E O     1 
HETATM 644  N "N4'" . APN E 1 4 ? 7.417   11.611  -1.479  1.00 18.39 ? 4   APN E "N4'" 1 
HETATM 645  C "C3'" A APN E 1 4 ? 8.645   12.033  -0.787  0.50 17.35 ? 4   APN E "C3'" 1 
HETATM 646  C "C3'" B APN E 1 4 ? 8.665   11.941  -0.798  0.50 21.45 ? 4   APN E "C3'" 1 
HETATM 647  C "C2'" A APN E 1 4 ? 9.898   11.801  -1.665  0.50 14.96 ? 4   APN E "C2'" 1 
HETATM 648  C "C2'" B APN E 1 4 ? 9.824   11.254  -1.571  0.50 22.30 ? 4   APN E "C2'" 1 
HETATM 649  N N     A APN E 1 4 ? 10.166  12.815  -2.686  0.50 12.27 ? 4   APN E N     1 
HETATM 650  N N     B APN E 1 4 ? 10.006  11.749  -2.934  0.50 22.83 ? 4   APN E N     1 
HETATM 651  N N9    . APN E 1 4 ? 5.674   14.757  -2.309  1.00 15.49 ? 4   APN E N9    1 
HETATM 652  C C8    . APN E 1 4 ? 5.578   15.478  -3.461  1.00 12.62 ? 4   APN E C8    1 
HETATM 653  N N7    . APN E 1 4 ? 4.427   16.052  -3.624  1.00 17.48 ? 4   APN E N7    1 
HETATM 654  C C5    . APN E 1 4 ? 3.696   15.689  -2.497  1.00 16.48 ? 4   APN E C5    1 
HETATM 655  C C6    . APN E 1 4 ? 2.390   15.978  -2.073  1.00 14.64 ? 4   APN E C6    1 
HETATM 656  N N6    . APN E 1 4 ? 1.540   16.733  -2.760  1.00 12.04 ? 4   APN E N6    1 
HETATM 657  N N1    . APN E 1 4 ? 1.990   15.450  -0.907  1.00 14.70 ? 4   APN E N1    1 
HETATM 658  C C2    . APN E 1 4 ? 2.819   14.679  -0.205  1.00 9.66  ? 4   APN E C2    1 
HETATM 659  N N3    . APN E 1 4 ? 4.058   14.342  -0.489  1.00 16.15 ? 4   APN E N3    1 
HETATM 660  C C4    . APN E 1 4 ? 4.446   14.892  -1.676  1.00 17.42 ? 4   APN E C4    1 
HETATM 661  C "C8'" . CP1 E 1 5 ? 2.691   10.821  -0.164  1.00 21.65 ? 5   CP1 E "C8'" 1 
HETATM 662  C "C7'" . CP1 E 1 5 ? 2.360   9.336   -0.330  1.00 24.21 ? 5   CP1 E "C7'" 1 
HETATM 663  O "O7'" . CP1 E 1 5 ? 1.493   8.985   -1.147  1.00 29.07 ? 5   CP1 E "O7'" 1 
HETATM 664  C "C5'" . CP1 E 1 5 ? 2.675   6.980   0.190   1.00 27.06 ? 5   CP1 E "C5'" 1 
HETATM 665  C "C'"  . CP1 E 1 5 ? 1.428   6.476   0.916   1.00 32.88 ? 5   CP1 E "C'"  1 
HETATM 666  O "O1'" . CP1 E 1 5 ? 0.959   5.396   0.558   1.00 31.68 ? 5   CP1 E "O1'" 1 
HETATM 667  N "N4'" . CP1 E 1 5 ? 2.983   8.388   0.383   1.00 22.08 ? 5   CP1 E "N4'" 1 
HETATM 668  C "C3'" . CP1 E 1 5 ? 3.987   8.596   1.401   1.00 16.76 ? 5   CP1 E "C3'" 1 
HETATM 669  C "C2'" . CP1 E 1 5 ? 5.269   7.870   0.944   1.00 17.96 ? 5   CP1 E "C2'" 1 
HETATM 670  N "N1'" . CP1 E 1 5 ? 5.844   8.516   -0.241  1.00 18.66 ? 5   CP1 E "N1'" 1 
HETATM 671  C "C1'" . CP1 E 1 5 ? 5.774   7.665   -1.478  1.00 17.21 ? 5   CP1 E "C1'" 1 
HETATM 672  N N1    . CP1 E 1 5 ? 1.920   11.639  -1.129  1.00 21.76 ? 5   CP1 E N1    1 
HETATM 673  C C2    . CP1 E 1 5 ? 0.635   12.039  -0.716  1.00 21.85 ? 5   CP1 E C2    1 
HETATM 674  N N3    . CP1 E 1 5 ? -0.129  12.779  -1.562  1.00 17.34 ? 5   CP1 E N3    1 
HETATM 675  C C4    . CP1 E 1 5 ? 0.332   13.113  -2.761  1.00 18.75 ? 5   CP1 E C4    1 
HETATM 676  C C5    . CP1 E 1 5 ? 1.627   12.722  -3.206  1.00 17.30 ? 5   CP1 E C5    1 
HETATM 677  C C6    . CP1 E 1 5 ? 2.379   11.987  -2.363  1.00 20.51 ? 5   CP1 E C6    1 
HETATM 678  O O2    . CP1 E 1 5 ? 0.194   11.731  0.390   1.00 18.22 ? 5   CP1 E O2    1 
HETATM 679  N N4    . CP1 E 1 5 ? -0.443  13.844  -3.562  1.00 26.04 ? 5   CP1 E N4    1 
HETATM 680  C "C8'" . GPN E 1 6 ? -1.695  9.045   -0.037  1.00 27.62 ? 6   GPN E "C8'" 1 
HETATM 681  C "C7'" . GPN E 1 6 ? -2.143  7.587   -0.029  1.00 36.80 ? 6   GPN E "C7'" 1 
HETATM 682  O "O7'" . GPN E 1 6 ? -2.653  7.085   -1.041  1.00 40.11 ? 6   GPN E "O7'" 1 
HETATM 683  C "C5'" . GPN E 1 6 ? -2.567  5.520   1.222   1.00 43.40 ? 6   GPN E "C5'" 1 
HETATM 684  C C     . GPN E 1 6 ? -4.086  5.558   1.318   1.00 44.81 ? 6   GPN E C     1 
HETATM 685  O O     . GPN E 1 6 ? -4.763  6.488   1.688   1.00 42.36 ? 6   GPN E O     1 
HETATM 686  N "N4'" . GPN E 1 6 ? -2.030  6.870   1.095   1.00 37.12 ? 6   GPN E "N4'" 1 
HETATM 687  C "C3'" . GPN E 1 6 ? -1.548  7.437   2.342   1.00 40.71 ? 6   GPN E "C3'" 1 
HETATM 688  C "C2'" . GPN E 1 6 ? -0.268  6.730   2.651   1.00 39.11 ? 6   GPN E "C2'" 1 
HETATM 689  N N     . GPN E 1 6 ? 0.850   7.242   1.873   1.00 38.42 ? 6   GPN E N     1 
HETATM 690  N N9    . GPN E 1 6 ? -2.228  9.708   -1.247  1.00 25.51 ? 6   GPN E N9    1 
HETATM 691  C C8    . GPN E 1 6 ? -1.567  9.936   -2.403  1.00 21.16 ? 6   GPN E C8    1 
HETATM 692  N N7    . GPN E 1 6 ? -2.296  10.542  -3.293  1.00 27.58 ? 6   GPN E N7    1 
HETATM 693  C C5    . GPN E 1 6 ? -3.532  10.728  -2.687  1.00 22.13 ? 6   GPN E C5    1 
HETATM 694  C C6    . GPN E 1 6 ? -4.714  11.336  -3.185  1.00 22.26 ? 6   GPN E C6    1 
HETATM 695  O O6    . GPN E 1 6 ? -4.908  11.856  -4.283  1.00 25.59 ? 6   GPN E O6    1 
HETATM 696  N N1    . GPN E 1 6 ? -5.730  11.305  -2.257  1.00 20.56 ? 6   GPN E N1    1 
HETATM 697  C C2    . GPN E 1 6 ? -5.633  10.770  -0.991  1.00 18.26 ? 6   GPN E C2    1 
HETATM 698  N N2    . GPN E 1 6 ? -6.705  10.833  -0.219  1.00 11.92 ? 6   GPN E N2    1 
HETATM 699  N N3    . GPN E 1 6 ? -4.531  10.205  -0.520  1.00 21.78 ? 6   GPN E N3    1 
HETATM 700  C C4    . GPN E 1 6 ? -3.510  10.222  -1.423  1.00 22.72 ? 6   GPN E C4    1 
ATOM   701  N N     . LYS E 1 7 ? -4.468  4.353   0.910   1.00 50.51 ? 7   LYS E N     1 
ATOM   702  C CA    . LYS E 1 7 ? -5.829  3.699   0.860   1.00 54.41 ? 7   LYS E CA    1 
ATOM   703  C C     . LYS E 1 7 ? -6.777  3.737   -0.386  1.00 56.36 ? 7   LYS E C     1 
ATOM   704  O O     . LYS E 1 7 ? -8.093  4.009   -0.187  1.00 55.76 ? 7   LYS E O     1 
ATOM   705  C CB    . LYS E 1 7 ? -6.613  4.222   2.024   1.00 56.32 ? 7   LYS E CB    1 
ATOM   706  C CG    . LYS E 1 7 ? -7.079  3.073   2.941   1.00 58.23 ? 7   LYS E CG    1 
ATOM   707  C CD    . LYS E 1 7 ? -6.710  3.480   4.313   1.00 61.36 ? 7   LYS E CD    1 
ATOM   708  C CE    . LYS E 1 7 ? -5.299  2.954   4.649   1.00 61.40 ? 7   LYS E CE    1 
ATOM   709  N NZ    . LYS E 1 7 ? -4.279  3.979   4.494   1.00 60.17 ? 7   LYS E NZ    1 
ATOM   710  O OXT   . LYS E 1 7 ? -6.088  3.397   -1.584  1.00 57.02 ? 7   LYS E OXT   1 
HETATM 711  C "C8'" . CP1 F 1 1 ? -11.329 13.204  -1.403  1.00 18.17 ? 1   CP1 F "C8'" 1 
HETATM 712  C "C7'" . CP1 F 1 1 ? -11.064 14.040  -0.139  1.00 26.99 ? 1   CP1 F "C7'" 1 
HETATM 713  O "O7'" . CP1 F 1 1 ? -10.035 14.723  -0.067  1.00 29.18 ? 1   CP1 F "O7'" 1 
HETATM 714  C "C5'" A CP1 F 1 1 ? -11.939 14.707  2.133   0.50 30.31 ? 1   CP1 F "C5'" 1 
HETATM 715  C "C5'" B CP1 F 1 1 ? -11.756 14.802  2.061   0.50 29.23 ? 1   CP1 F "C5'" 1 
HETATM 716  C "C'"  A CP1 F 1 1 ? -10.704 14.742  3.008   0.50 31.10 ? 1   CP1 F "C'"  1 
HETATM 717  C "C'"  B CP1 F 1 1 ? -11.011 14.027  3.131   0.50 29.70 ? 1   CP1 F "C'"  1 
HETATM 718  O "O1'" A CP1 F 1 1 ? -10.066 15.793  3.033   0.50 32.98 ? 1   CP1 F "O1'" 1 
HETATM 719  O "O1'" B CP1 F 1 1 ? -11.279 12.850  3.394   0.50 31.28 ? 1   CP1 F "O1'" 1 
HETATM 720  N "N4'" . CP1 F 1 1 ? -11.994 14.043  0.853   1.00 28.88 ? 1   CP1 F "N4'" 1 
HETATM 721  C "C3'" . CP1 F 1 1 ? -13.386 13.508  0.890   1.00 32.46 ? 1   CP1 F "C3'" 1 
HETATM 722  C "C2'" . CP1 F 1 1 ? -13.772 12.009  0.682   1.00 36.42 ? 1   CP1 F "C2'" 1 
HETATM 723  N "N1'" . CP1 F 1 1 ? -14.343 11.817  -0.653  1.00 34.22 ? 1   CP1 F "N1'" 1 
HETATM 724  C "C1'" . CP1 F 1 1 ? -15.814 11.713  -0.967  1.00 35.09 ? 1   CP1 F "C1'" 1 
HETATM 725  N N1    . CP1 F 1 1 ? -10.242 13.225  -2.424  1.00 14.98 ? 1   CP1 F N1    1 
HETATM 726  C C2    . CP1 F 1 1 ? -9.066  12.516  -2.128  1.00 14.00 ? 1   CP1 F C2    1 
HETATM 727  N N3    . CP1 F 1 1 ? -8.057  12.534  -3.025  1.00 10.18 ? 1   CP1 F N3    1 
HETATM 728  C C4    . CP1 F 1 1 ? -8.167  13.206  -4.171  1.00 16.25 ? 1   CP1 F C4    1 
HETATM 729  C C5    . CP1 F 1 1 ? -9.347  13.937  -4.486  1.00 16.38 ? 1   CP1 F C5    1 
HETATM 730  C C6    . CP1 F 1 1 ? -10.350 13.915  -3.587  1.00 11.43 ? 1   CP1 F C6    1 
HETATM 731  O O2    . CP1 F 1 1 ? -8.928  11.876  -1.082  1.00 17.52 ? 1   CP1 F O2    1 
HETATM 732  N N4    . CP1 F 1 1 ? -7.156  13.208  -5.041  1.00 16.66 ? 1   CP1 F N4    1 
HETATM 733  C "C8'" . GPN F 1 2 ? -7.143  13.792  1.584   1.00 16.00 ? 2   GPN F "C8'" 1 
HETATM 734  C "C7'" . GPN F 1 2 ? -6.694  14.773  2.676   1.00 24.26 ? 2   GPN F "C7'" 1 
HETATM 735  O "O7'" . GPN F 1 2 ? -5.943  15.726  2.432   1.00 21.48 ? 2   GPN F "O7'" 1 
HETATM 736  C "C5'" . GPN F 1 2 ? -6.657  15.435  5.015   1.00 23.43 ? 2   GPN F "C5'" 1 
HETATM 737  C C     . GPN F 1 2 ? -5.356  14.948  5.627   1.00 22.72 ? 2   GPN F C     1 
HETATM 738  O O     . GPN F 1 2 ? -5.010  13.769  5.578   1.00 23.87 ? 2   GPN F O     1 
HETATM 739  N "N4'" . GPN F 1 2 ? -7.094  14.588  3.936   1.00 23.59 ? 2   GPN F "N4'" 1 
HETATM 740  C "C3'" A GPN F 1 2 ? -7.862  13.416  4.331   0.50 26.12 ? 2   GPN F "C3'" 1 
HETATM 741  C "C3'" B GPN F 1 2 ? -7.969  13.516  4.368   0.50 25.04 ? 2   GPN F "C3'" 1 
HETATM 742  C "C2'" A GPN F 1 2 ? -9.264  13.796  4.756   0.50 30.60 ? 2   GPN F "C2'" 1 
HETATM 743  C "C2'" B GPN F 1 2 ? -9.274  14.143  4.842   0.50 28.62 ? 2   GPN F "C2'" 1 
HETATM 744  N N     A GPN F 1 2 ? -10.328 13.696  3.754   0.50 32.17 ? 2   GPN F N     1 
HETATM 745  N N     B GPN F 1 2 ? -10.051 14.716  3.755   0.50 29.74 ? 2   GPN F N     1 
HETATM 746  N N9    . GPN F 1 2 ? -6.363  14.019  0.369   1.00 18.81 ? 2   GPN F N9    1 
HETATM 747  C C8    . GPN F 1 2 ? -6.767  14.644  -0.794  1.00 15.34 ? 2   GPN F C8    1 
HETATM 748  N N7    . GPN F 1 2 ? -5.827  14.689  -1.689  1.00 16.35 ? 2   GPN F N7    1 
HETATM 749  C C5    . GPN F 1 2 ? -4.728  14.037  -1.099  1.00 14.42 ? 2   GPN F C5    1 
HETATM 750  C C6    . GPN F 1 2 ? -3.426  13.804  -1.612  1.00 15.88 ? 2   GPN F C6    1 
HETATM 751  O O6    . GPN F 1 2 ? -2.987  14.107  -2.709  1.00 17.16 ? 2   GPN F O6    1 
HETATM 752  N N1    . GPN F 1 2 ? -2.611  13.145  -0.711  1.00 18.31 ? 2   GPN F N1    1 
HETATM 753  C C2    . GPN F 1 2 ? -3.010  12.761  0.561   1.00 17.26 ? 2   GPN F C2    1 
HETATM 754  N N2    . GPN F 1 2 ? -2.083  12.156  1.295   1.00 15.01 ? 2   GPN F N2    1 
HETATM 755  N N3    . GPN F 1 2 ? -4.238  12.978  1.055   1.00 12.49 ? 2   GPN F N3    1 
HETATM 756  C C4    . GPN F 1 2 ? -5.039  13.624  0.169   1.00 15.57 ? 2   GPN F C4    1 
HETATM 757  C "C8'" . TP1 F 1 3 ? -2.263  15.258  3.433   1.00 16.11 ? 3   TP1 F "C8'" 1 
HETATM 758  C "C7'" . TP1 F 1 3 ? -1.582  16.288  4.386   1.00 18.73 ? 3   TP1 F "C7'" 1 
HETATM 759  O "O7'" . TP1 F 1 3 ? -0.980  17.279  3.916   1.00 16.46 ? 3   TP1 F "O7'" 1 
HETATM 760  C "C5'" A TP1 F 1 3 ? -1.011  17.045  6.613   0.50 11.70 ? 3   TP1 F "C5'" 1 
HETATM 761  C "C5'" B TP1 F 1 3 ? -0.612  16.651  6.587   0.50 16.89 ? 3   TP1 F "C5'" 1 
HETATM 762  C "C'"  A TP1 F 1 3 ? 0.440   16.868  7.032   0.50 12.34 ? 3   TP1 F "C'"  1 
HETATM 763  C "C'"  B TP1 F 1 3 ? 0.619   15.730  6.574   0.50 19.07 ? 3   TP1 F "C'"  1 
HETATM 764  O "O1'" A TP1 F 1 3 ? 0.987   17.817  7.589   0.50 7.94  ? 3   TP1 F "O1'" 1 
HETATM 765  O "O1'" B TP1 F 1 3 ? 0.696   14.695  5.890   0.50 18.75 ? 3   TP1 F "O1'" 1 
HETATM 766  N "N4'" . TP1 F 1 3 ? -1.603  16.072  5.710   1.00 13.86 ? 3   TP1 F "N4'" 1 
HETATM 767  C "C3'" . TP1 F 1 3 ? -2.339  15.010  6.397   1.00 19.92 ? 3   TP1 F "C3'" 1 
HETATM 768  C "C2'" . TP1 F 1 3 ? -3.531  15.608  7.127   1.00 22.76 ? 3   TP1 F "C2'" 1 
HETATM 769  N "N1'" . TP1 F 1 3 ? -4.608  15.906  6.185   1.00 23.43 ? 3   TP1 F "N1'" 1 
HETATM 770  C "C1'" . TP1 F 1 3 ? -4.860  17.379  6.141   1.00 20.46 ? 3   TP1 F "C1'" 1 
HETATM 771  N N1    . TP1 F 1 3 ? -2.046  15.681  2.033   1.00 15.61 ? 3   TP1 F N1    1 
HETATM 772  C C6    . TP1 F 1 3 ? -2.982  16.373  1.306   1.00 9.82  ? 3   TP1 F C6    1 
HETATM 773  C C2    . TP1 F 1 3 ? -0.806  15.374  1.482   1.00 12.01 ? 3   TP1 F C2    1 
HETATM 774  O O2    . TP1 F 1 3 ? 0.080   14.769  2.097   1.00 15.53 ? 3   TP1 F O2    1 
HETATM 775  N N3    . TP1 F 1 3 ? -0.620  15.808  0.178   1.00 10.33 ? 3   TP1 F N3    1 
HETATM 776  C C4    . TP1 F 1 3 ? -1.525  16.506  -0.598  1.00 5.95  ? 3   TP1 F C4    1 
HETATM 777  O O4    . TP1 F 1 3 ? -1.259  16.843  -1.735  1.00 12.82 ? 3   TP1 F O4    1 
HETATM 778  C C5    . TP1 F 1 3 ? -2.754  16.776  0.061   1.00 4.21  ? 3   TP1 F C5    1 
HETATM 779  C C5M   . TP1 F 1 3 ? -3.839  17.497  -0.648  1.00 4.40  ? 3   TP1 F C5M   1 
HETATM 780  C "C8'" . APN F 1 4 ? 2.640   16.630  3.626   1.00 13.75 ? 4   APN F "C8'" 1 
HETATM 781  C "C7'" . APN F 1 4 ? 3.434   17.494  4.603   1.00 16.04 ? 4   APN F "C7'" 1 
HETATM 782  O "O7'" . APN F 1 4 ? 3.739   18.652  4.309   1.00 22.76 ? 4   APN F "O7'" 1 
HETATM 783  C "C5'" . APN F 1 4 ? 4.721   17.719  6.683   1.00 7.37  ? 4   APN F "C5'" 1 
HETATM 784  C C     . APN F 1 4 ? 6.189   17.417  6.428   1.00 11.16 ? 4   APN F C     1 
HETATM 785  O O     . APN F 1 4 ? 6.547   16.438  5.779   1.00 12.90 ? 4   APN F O     1 
HETATM 786  N "N4'" . APN F 1 4 ? 3.851   16.986  5.778   1.00 15.60 ? 4   APN F "N4'" 1 
HETATM 787  C "C3'" A APN F 1 4 ? 3.574   15.600  6.176   0.50 15.04 ? 4   APN F "C3'" 1 
HETATM 788  C "C3'" B APN F 1 4 ? 3.658   15.580  6.158   0.50 16.69 ? 4   APN F "C3'" 1 
HETATM 789  C "C2'" A APN F 1 4 ? 2.469   15.492  7.246   0.50 14.83 ? 4   APN F "C2'" 1 
HETATM 790  C "C2'" B APN F 1 4 ? 2.868   15.432  7.471   0.50 18.90 ? 4   APN F "C2'" 1 
HETATM 791  N N     A APN F 1 4 ? 1.106   15.731  6.781   0.50 14.47 ? 4   APN F N     1 
HETATM 792  N N     B APN F 1 4 ? 1.597   16.126  7.385   0.50 19.41 ? 4   APN F N     1 
HETATM 793  N N9    . APN F 1 4 ? 2.507   17.309  2.345   1.00 15.51 ? 4   APN F N9    1 
HETATM 794  C C8    . APN F 1 4 ? 1.385   17.900  1.836   1.00 16.25 ? 4   APN F C8    1 
HETATM 795  N N7    . APN F 1 4 ? 1.563   18.427  0.660   1.00 18.89 ? 4   APN F N7    1 
HETATM 796  C C5    . APN F 1 4 ? 2.897   18.175  0.362   1.00 16.75 ? 4   APN F C5    1 
HETATM 797  C C6    . APN F 1 4 ? 3.690   18.484  -0.736  1.00 18.05 ? 4   APN F C6    1 
HETATM 798  N N6    . APN F 1 4 ? 3.236   19.157  -1.796  1.00 17.84 ? 4   APN F N6    1 
HETATM 799  N N1    . APN F 1 4 ? 4.977   18.080  -0.707  1.00 22.59 ? 4   APN F N1    1 
HETATM 800  C C2    . APN F 1 4 ? 5.431   17.420  0.344   1.00 20.47 ? 4   APN F C2    1 
HETATM 801  N N3    . APN F 1 4 ? 4.774   17.074  1.433   1.00 21.59 ? 4   APN F N3    1 
HETATM 802  C C4    . APN F 1 4 ? 3.491   17.486  1.379   1.00 17.61 ? 4   APN F C4    1 
HETATM 803  C "C8'" . CP1 F 1 5 ? 7.545   19.010  3.139   1.00 21.53 ? 5   CP1 F "C8'" 1 
HETATM 804  C "C7'" . CP1 F 1 5 ? 8.379   19.936  4.045   1.00 20.12 ? 5   CP1 F "C7'" 1 
HETATM 805  O "O7'" . CP1 F 1 5 ? 8.445   21.153  3.805   1.00 25.70 ? 5   CP1 F "O7'" 1 
HETATM 806  C "C5'" . CP1 F 1 5 ? 9.811   20.310  5.967   1.00 21.18 ? 5   CP1 F "C5'" 1 
HETATM 807  C "C'"  . CP1 F 1 5 ? 11.219  20.681  5.490   1.00 24.87 ? 5   CP1 F "C'"  1 
HETATM 808  O "O1'" . CP1 F 1 5 ? 11.768  21.666  6.003   1.00 28.09 ? 5   CP1 F "O1'" 1 
HETATM 809  N "N4'" . CP1 F 1 5 ? 9.045   19.448  5.086   1.00 16.50 ? 5   CP1 F "N4'" 1 
HETATM 810  C "C3'" . CP1 F 1 5 ? 9.077   18.046  5.449   1.00 13.34 ? 5   CP1 F "C3'" 1 
HETATM 811  C "C2'" . CP1 F 1 5 ? 8.497   17.950  6.880   1.00 18.95 ? 5   CP1 F "C2'" 1 
HETATM 812  N "N1'" . CP1 F 1 5 ? 7.070   18.285  6.908   1.00 10.06 ? 5   CP1 F "N1'" 1 
HETATM 813  C "C1'" . CP1 F 1 5 ? 6.874   19.590  7.631   1.00 4.40  ? 5   CP1 F "C1'" 1 
HETATM 814  N N1    . CP1 F 1 5 ? 6.847   19.813  2.108   1.00 15.42 ? 5   CP1 F N1    1 
HETATM 815  C C2    . CP1 F 1 5 ? 7.560   20.068  0.940   1.00 16.05 ? 5   CP1 F C2    1 
HETATM 816  N N3    . CP1 F 1 5 ? 6.997   20.822  -0.057  1.00 17.13 ? 5   CP1 F N3    1 
HETATM 817  C C4    . CP1 F 1 5 ? 5.754   21.312  0.092   1.00 19.49 ? 5   CP1 F C4    1 
HETATM 818  C C5    . CP1 F 1 5 ? 4.997   21.070  1.307   1.00 17.79 ? 5   CP1 F C5    1 
HETATM 819  C C6    . CP1 F 1 5 ? 5.590   20.322  2.271   1.00 18.79 ? 5   CP1 F C6    1 
HETATM 820  O O2    . CP1 F 1 5 ? 8.693   19.626  0.791   1.00 19.26 ? 5   CP1 F O2    1 
HETATM 821  N N4    . CP1 F 1 5 ? 5.266   22.035  -0.924  1.00 18.44 ? 5   CP1 F N4    1 
HETATM 822  C "C8'" . GPN F 1 6 ? 10.798  22.121  1.563   1.00 18.99 ? 6   GPN F "C8'" 1 
HETATM 823  C "C7'" . GPN F 1 6 ? 11.791  22.937  2.356   1.00 23.81 ? 6   GPN F "C7'" 1 
HETATM 824  O "O7'" . GPN F 1 6 ? 11.620  24.149  2.495   1.00 30.93 ? 6   GPN F "O7'" 1 
HETATM 825  C "C5'" . GPN F 1 6 ? 13.910  23.096  3.535   1.00 34.15 ? 6   GPN F "C5'" 1 
HETATM 826  C C     . GPN F 1 6 ? 14.751  23.895  2.520   1.00 39.01 ? 6   GPN F C     1 
HETATM 827  O O     . GPN F 1 6 ? 14.861  23.617  1.310   1.00 42.37 ? 6   GPN F O     1 
HETATM 828  N "N4'" . GPN F 1 6 ? 12.856  22.346  2.880   1.00 23.64 ? 6   GPN F "N4'" 1 
HETATM 829  C "C3'" . GPN F 1 6 ? 13.156  20.925  2.721   1.00 18.00 ? 6   GPN F "C3'" 1 
HETATM 830  C "C2'" . GPN F 1 6 ? 13.173  20.190  4.076   1.00 19.02 ? 6   GPN F "C2'" 1 
HETATM 831  N N     . GPN F 1 6 ? 11.841  19.900  4.578   1.00 15.92 ? 6   GPN F N     1 
HETATM 832  N N9    . GPN F 1 6 ? 9.878   23.019  0.839   1.00 10.08 ? 6   GPN F N9    1 
HETATM 833  C C8    . GPN F 1 6 ? 8.624   23.395  1.212   1.00 10.72 ? 6   GPN F C8    1 
HETATM 834  N N7    . GPN F 1 6 ? 8.062   24.190  0.353   1.00 16.46 ? 6   GPN F N7    1 
HETATM 835  C C5    . GPN F 1 6 ? 8.998   24.356  -0.650  1.00 10.74 ? 6   GPN F C5    1 
HETATM 836  C C6    . GPN F 1 6 ? 8.936   25.126  -1.850  1.00 11.81 ? 6   GPN F C6    1 
HETATM 837  O O6    . GPN F 1 6 ? 8.025   25.819  -2.289  1.00 14.64 ? 6   GPN F O6    1 
HETATM 838  N N1    . GPN F 1 6 ? 10.101  25.025  -2.578  1.00 10.38 ? 6   GPN F N1    1 
HETATM 839  C C2    . GPN F 1 6 ? 11.198  24.273  -2.219  1.00 11.65 ? 6   GPN F C2    1 
HETATM 840  N N2    . GPN F 1 6 ? 12.228  24.315  -3.061  1.00 11.81 ? 6   GPN F N2    1 
HETATM 841  N N3    . GPN F 1 6 ? 11.259  23.545  -1.089  1.00 12.50 ? 6   GPN F N3    1 
HETATM 842  C C4    . GPN F 1 6 ? 10.121  23.634  -0.355  1.00 10.71 ? 6   GPN F C4    1 
ATOM   843  N N     . LYS F 1 7 ? 15.296  24.876  3.208   1.00 43.28 ? 7   LYS F N     1 
ATOM   844  C CA    . LYS F 1 7 ? 16.162  25.958  2.855   1.00 46.30 ? 7   LYS F CA    1 
ATOM   845  C C     . LYS F 1 7 ? 15.348  27.216  2.564   1.00 48.12 ? 7   LYS F C     1 
ATOM   846  O O     . LYS F 1 7 ? 15.305  27.715  1.453   1.00 51.95 ? 7   LYS F O     1 
ATOM   847  C CB    . LYS F 1 7 ? 17.067  25.570  1.682   1.00 48.85 ? 7   LYS F CB    1 
ATOM   848  C CG    . LYS F 1 7 ? 18.445  25.333  2.263   1.00 53.56 ? 7   LYS F CG    1 
ATOM   849  C CD    . LYS F 1 7 ? 19.270  24.571  1.141   1.00 55.31 ? 7   LYS F CD    1 
ATOM   850  C CE    . LYS F 1 7 ? 20.688  25.134  0.628   1.00 59.29 ? 7   LYS F CE    1 
ATOM   851  N NZ    . LYS F 1 7 ? 21.790  24.192  0.819   1.00 60.25 ? 7   LYS F NZ    1 
ATOM   852  O OXT   . LYS F 1 7 ? 14.710  27.730  3.609   1.00 47.64 ? 7   LYS F OXT   1 
HETATM 853  C "C8'" . CP1 G 1 1 ? 35.172  38.504  -5.581  1.00 28.45 ? 1   CP1 G "C8'" 1 
HETATM 854  C "C7'" . CP1 G 1 1 ? 34.951  37.521  -6.758  1.00 31.39 ? 1   CP1 G "C7'" 1 
HETATM 855  O "O7'" . CP1 G 1 1 ? 33.887  36.897  -6.829  1.00 35.70 ? 1   CP1 G "O7'" 1 
HETATM 856  C "C5'" A CP1 G 1 1 ? 36.074  36.608  -8.874  0.50 25.16 ? 1   CP1 G "C5'" 1 
HETATM 857  C "C5'" B CP1 G 1 1 ? 35.851  36.490  -8.782  0.50 20.66 ? 1   CP1 G "C5'" 1 
HETATM 858  C "C'"  A CP1 G 1 1 ? 34.867  36.175  -9.672  0.50 17.03 ? 1   CP1 G "C'"  1 
HETATM 859  C "C'"  B CP1 G 1 1 ? 34.996  37.117  -9.855  0.50 11.51 ? 1   CP1 G "C'"  1 
HETATM 860  O "O1'" A CP1 G 1 1 ? 34.363  35.069  -9.499  0.50 16.40 ? 1   CP1 G "O1'" 1 
HETATM 861  O "O1'" B CP1 G 1 1 ? 34.974  38.339  -9.998  0.50 6.31  ? 1   CP1 G "O1'" 1 
HETATM 862  N "N4'" . CP1 G 1 1 ? 35.966  37.401  -7.649  1.00 29.60 ? 1   CP1 G "N4'" 1 
HETATM 863  C "C3'" . CP1 G 1 1 ? 37.269  38.085  -7.492  1.00 35.05 ? 1   CP1 G "C3'" 1 
HETATM 864  C "C2'" . CP1 G 1 1 ? 38.195  37.323  -6.490  1.00 41.93 ? 1   CP1 G "C2'" 1 
HETATM 865  N "N1'" . CP1 G 1 1 ? 37.712  35.985  -6.158  1.00 52.81 ? 1   CP1 G "N1'" 1 
HETATM 866  C "C1'" . CP1 G 1 1 ? 38.637  34.882  -5.761  1.00 56.67 ? 1   CP1 G "C1'" 1 
HETATM 867  N N1    . CP1 G 1 1 ? 34.006  38.732  -4.719  1.00 25.51 ? 1   CP1 G N1    1 
HETATM 868  C C2    . CP1 G 1 1 ? 32.982  39.527  -5.255  1.00 23.41 ? 1   CP1 G C2    1 
HETATM 869  N N3    . CP1 G 1 1 ? 31.886  39.761  -4.510  1.00 24.12 ? 1   CP1 G N3    1 
HETATM 870  C C4    . CP1 G 1 1 ? 31.781  39.255  -3.272  1.00 29.03 ? 1   CP1 G C4    1 
HETATM 871  C C5    . CP1 G 1 1 ? 32.809  38.431  -2.711  1.00 27.66 ? 1   CP1 G C5    1 
HETATM 872  C C6    . CP1 G 1 1 ? 33.899  38.209  -3.472  1.00 23.87 ? 1   CP1 G C6    1 
HETATM 873  O O2    . CP1 G 1 1 ? 33.054  40.010  -6.383  1.00 24.34 ? 1   CP1 G O2    1 
HETATM 874  N N4    . CP1 G 1 1 ? 30.676  39.494  -2.557  1.00 31.09 ? 1   CP1 G N4    1 
HETATM 875  C "C8'" . GPN G 1 2 ? 31.279  37.824  -8.600  1.00 12.25 ? 2   GPN G "C8'" 1 
HETATM 876  C "C7'" . GPN G 1 2 ? 30.726  36.837  -9.666  1.00 19.51 ? 2   GPN G "C7'" 1 
HETATM 877  O "O7'" . GPN G 1 2 ? 29.805  36.057  -9.369  1.00 23.82 ? 2   GPN G "O7'" 1 
HETATM 878  C "C5'" . GPN G 1 2 ? 30.516  35.950  -11.943 1.00 15.12 ? 2   GPN G "C5'" 1 
HETATM 879  C C     . GPN G 1 2 ? 29.547  36.705  -12.854 1.00 13.73 ? 2   GPN G C     1 
HETATM 880  O O     . GPN G 1 2 ? 29.451  37.927  -12.830 1.00 14.40 ? 2   GPN G O     1 
HETATM 881  N "N4'" . GPN G 1 2 ? 31.167  36.781  -10.922 1.00 16.15 ? 2   GPN G "N4'" 1 
HETATM 882  C "C3'" A GPN G 1 2 ? 32.243  37.631  -11.410 0.50 16.90 ? 2   GPN G "C3'" 1 
HETATM 883  C "C3'" B GPN G 1 2 ? 32.271  37.595  -11.411 0.50 14.71 ? 2   GPN G "C3'" 1 
HETATM 884  C "C2'" A GPN G 1 2 ? 33.471  36.753  -11.582 0.50 16.58 ? 2   GPN G "C2'" 1 
HETATM 885  C "C2'" B GPN G 1 2 ? 33.495  36.708  -11.704 0.50 12.11 ? 2   GPN G "C2'" 1 
HETATM 886  N N     A GPN G 1 2 ? 34.516  37.032  -10.625 0.50 13.90 ? 2   GPN G N     1 
HETATM 887  N N     B GPN G 1 2 ? 34.274  36.263  -10.567 0.50 6.86  ? 2   GPN G N     1 
HETATM 888  N N9    . GPN G 1 2 ? 30.347  37.712  -7.445  1.00 10.86 ? 2   GPN G N9    1 
HETATM 889  C C8    . GPN G 1 2 ? 30.542  37.103  -6.228  1.00 6.06  ? 2   GPN G C8    1 
HETATM 890  N N7    . GPN G 1 2 ? 29.513  37.174  -5.440  1.00 6.68  ? 2   GPN G N7    1 
HETATM 891  C C5    . GPN G 1 2 ? 28.559  37.879  -6.191  1.00 9.61  ? 2   GPN G C5    1 
HETATM 892  C C6    . GPN G 1 2 ? 27.232  38.249  -5.844  1.00 9.50  ? 2   GPN G C6    1 
HETATM 893  O O6    . GPN G 1 2 ? 26.675  37.978  -4.785  1.00 10.17 ? 2   GPN G O6    1 
HETATM 894  N N1    . GPN G 1 2 ? 26.594  38.956  -6.872  1.00 6.71  ? 2   GPN G N1    1 
HETATM 895  C C2    . GPN G 1 2 ? 27.186  39.263  -8.090  1.00 7.34  ? 2   GPN G C2    1 
HETATM 896  N N2    . GPN G 1 2 ? 26.425  39.939  -8.927  1.00 10.65 ? 2   GPN G N2    1 
HETATM 897  N N3    . GPN G 1 2 ? 28.438  38.909  -8.424  1.00 9.44  ? 2   GPN G N3    1 
HETATM 898  C C4    . GPN G 1 2 ? 29.063  38.216  -7.421  1.00 8.32  ? 2   GPN G C4    1 
HETATM 899  C "C8'" . TP1 G 1 3 ? 26.484  36.751  -10.834 1.00 16.66 ? 3   TP1 G "C8'" 1 
HETATM 900  C "C7'" . TP1 G 1 3 ? 25.792  35.759  -11.768 1.00 15.75 ? 3   TP1 G "C7'" 1 
HETATM 901  O "O7'" . TP1 G 1 3 ? 25.153  34.833  -11.270 1.00 17.56 ? 3   TP1 G "O7'" 1 
HETATM 902  C "C5'" A TP1 G 1 3 ? 25.388  34.882  -13.998 0.50 20.39 ? 3   TP1 G "C5'" 1 
HETATM 903  C "C5'" B TP1 G 1 3 ? 25.016  35.186  -14.012 0.50 19.00 ? 3   TP1 G "C5'" 1 
HETATM 904  C "C'"  A TP1 G 1 3 ? 24.143  35.173  -14.808 0.50 22.59 ? 3   TP1 G "C'"  1 
HETATM 905  C "C'"  B TP1 G 1 3 ? 23.762  36.033  -14.211 0.50 19.60 ? 3   TP1 G "C'"  1 
HETATM 906  O "O1'" A TP1 G 1 3 ? 24.055  34.664  -15.925 0.50 25.65 ? 3   TP1 G "O1'" 1 
HETATM 907  O "O1'" B TP1 G 1 3 ? 23.611  37.116  -13.619 0.50 23.11 ? 3   TP1 G "O1'" 1 
HETATM 908  N "N4'" . TP1 G 1 3 ? 25.863  35.919  -13.093 1.00 17.13 ? 3   TP1 G "N4'" 1 
HETATM 909  C "C3'" . TP1 G 1 3 ? 26.619  36.989  -13.765 1.00 14.64 ? 3   TP1 G "C3'" 1 
HETATM 910  C "C2'" . TP1 G 1 3 ? 27.837  36.544  -14.627 1.00 14.32 ? 3   TP1 G "C2'" 1 
HETATM 911  N "N1'" . TP1 G 1 3 ? 28.875  35.991  -13.761 1.00 17.69 ? 3   TP1 G "N1'" 1 
HETATM 912  C "C1'" . TP1 G 1 3 ? 29.115  34.539  -14.043 1.00 24.15 ? 3   TP1 G "C1'" 1 
HETATM 913  N N1    . TP1 G 1 3 ? 26.015  36.424  -9.479  1.00 13.33 ? 3   TP1 G N1    1 
HETATM 914  C C6    . TP1 G 1 3 ? 26.724  35.638  -8.626  1.00 11.40 ? 3   TP1 G C6    1 
HETATM 915  C C2    . TP1 G 1 3 ? 24.772  36.971  -9.106  1.00 13.14 ? 3   TP1 G C2    1 
HETATM 916  O O2    . TP1 G 1 3 ? 24.075  37.671  -9.847  1.00 16.60 ? 3   TP1 G O2    1 
HETATM 917  N N3    . TP1 G 1 3 ? 24.316  36.610  -7.854  1.00 15.72 ? 3   TP1 G N3    1 
HETATM 918  C C4    . TP1 G 1 3 ? 24.997  35.830  -6.937  1.00 13.96 ? 3   TP1 G C4    1 
HETATM 919  O O4    . TP1 G 1 3 ? 24.526  35.608  -5.828  1.00 23.38 ? 3   TP1 G O4    1 
HETATM 920  C C5    . TP1 G 1 3 ? 26.266  35.337  -7.399  1.00 11.44 ? 3   TP1 G C5    1 
HETATM 921  C C5M   . TP1 G 1 3 ? 27.086  34.443  -6.478  1.00 5.86  ? 3   TP1 G C5M   1 
HETATM 922  C "C8'" . APN G 1 4 ? 21.262  35.879  -11.259 1.00 14.18 ? 4   APN G "C8'" 1 
HETATM 923  C "C7'" . APN G 1 4 ? 20.458  35.082  -12.267 1.00 16.05 ? 4   APN G "C7'" 1 
HETATM 924  O "O7'" . APN G 1 4 ? 19.947  34.020  -11.893 1.00 21.08 ? 4   APN G "O7'" 1 
HETATM 925  C "C5'" . APN G 1 4 ? 19.332  34.763  -14.427 1.00 16.50 ? 4   APN G "C5'" 1 
HETATM 926  C C     . APN G 1 4 ? 17.878  35.146  -14.159 1.00 17.99 ? 4   APN G C     1 
HETATM 927  O O     . APN G 1 4 ? 17.623  36.105  -13.433 1.00 19.27 ? 4   APN G O     1 
HETATM 928  N "N4'" . APN G 1 4 ? 20.240  35.488  -13.536 1.00 17.78 ? 4   APN G "N4'" 1 
HETATM 929  C "C3'" A APN G 1 4 ? 20.818  36.689  -14.153 0.50 17.21 ? 4   APN G "C3'" 1 
HETATM 930  C "C3'" B APN G 1 4 ? 20.783  36.683  -14.183 0.50 15.90 ? 4   APN G "C3'" 1 
HETATM 931  C "C2'" A APN G 1 4 ? 21.972  36.243  -15.056 0.50 20.06 ? 4   APN G "C2'" 1 
HETATM 932  C "C2'" B APN G 1 4 ? 21.633  36.213  -15.395 0.50 17.16 ? 4   APN G "C2'" 1 
HETATM 933  N N     A APN G 1 4 ? 23.177  35.937  -14.295 0.50 22.30 ? 4   APN G N     1 
HETATM 934  N N     B APN G 1 4 ? 22.859  35.512  -15.044 0.50 19.25 ? 4   APN G N     1 
HETATM 935  N N9    . APN G 1 4 ? 21.233  35.225  -9.936  1.00 11.47 ? 4   APN G N9    1 
HETATM 936  C C8    . APN G 1 4 ? 22.231  34.514  -9.353  1.00 7.41  ? 4   APN G C8    1 
HETATM 937  N N7    . APN G 1 4 ? 21.932  34.050  -8.185  1.00 16.36 ? 4   APN G N7    1 
HETATM 938  C C5    . APN G 1 4 ? 20.628  34.499  -7.972  1.00 14.96 ? 4   APN G C5    1 
HETATM 939  C C6    . APN G 1 4 ? 19.747  34.338  -6.921  1.00 12.45 ? 4   APN G C6    1 
HETATM 940  N N6    . APN G 1 4 ? 20.079  33.656  -5.839  1.00 15.62 ? 4   APN G N6    1 
HETATM 941  N N1    . APN G 1 4 ? 18.560  34.904  -7.046  1.00 14.39 ? 4   APN G N1    1 
HETATM 942  C C2    . APN G 1 4 ? 18.236  35.576  -8.130  1.00 12.29 ? 4   APN G C2    1 
HETATM 943  N N3    . APN G 1 4 ? 18.966  35.805  -9.190  1.00 11.09 ? 4   APN G N3    1 
HETATM 944  C C4    . APN G 1 4 ? 20.182  35.219  -9.040  1.00 13.50 ? 4   APN G C4    1 
HETATM 945  C "C8'" . CP1 G 1 5 ? 16.493  33.704  -10.994 1.00 14.68 ? 5   CP1 G "C8'" 1 
HETATM 946  C "C7'" . CP1 G 1 5 ? 15.598  32.771  -11.811 1.00 14.23 ? 5   CP1 G "C7'" 1 
HETATM 947  O "O7'" . CP1 G 1 5 ? 15.498  31.583  -11.486 1.00 14.71 ? 5   CP1 G "O7'" 1 
HETATM 948  C "C5'" . CP1 G 1 5 ? 14.077  32.340  -13.665 1.00 17.03 ? 5   CP1 G "C5'" 1 
HETATM 949  C "C'"  . CP1 G 1 5 ? 12.587  32.328  -13.342 1.00 16.62 ? 5   CP1 G "C'"  1 
HETATM 950  O "O1'" . CP1 G 1 5 ? 11.840  31.554  -13.930 1.00 18.57 ? 5   CP1 G "O1'" 1 
HETATM 951  N "N4'" . CP1 G 1 5 ? 14.902  33.242  -12.856 1.00 15.20 ? 5   CP1 G "N4'" 1 
HETATM 952  C "C3'" . CP1 G 1 5 ? 14.878  34.668  -13.253 1.00 13.41 ? 5   CP1 G "C3'" 1 
HETATM 953  C "C2'" . CP1 G 1 5 ? 15.475  34.888  -14.663 1.00 12.64 ? 5   CP1 G "C2'" 1 
HETATM 954  N "N1'" . CP1 G 1 5 ? 16.889  34.487  -14.748 1.00 16.82 ? 5   CP1 G "N1'" 1 
HETATM 955  C "C1'" . CP1 G 1 5 ? 17.103  33.470  -15.815 1.00 14.45 ? 5   CP1 G "C1'" 1 
HETATM 956  N N1    . CP1 G 1 5 ? 16.894  32.981  -9.771  1.00 13.10 ? 5   CP1 G N1    1 
HETATM 957  C C2    . CP1 G 1 5 ? 15.995  33.017  -8.694  1.00 10.38 ? 5   CP1 G C2    1 
HETATM 958  N N3    . CP1 G 1 5 ? 16.300  32.350  -7.566  1.00 10.34 ? 5   CP1 G N3    1 
HETATM 959  C C4    . CP1 G 1 5 ? 17.437  31.663  -7.465  1.00 12.78 ? 5   CP1 G C4    1 
HETATM 960  C C5    . CP1 G 1 5 ? 18.374  31.617  -8.550  1.00 12.89 ? 5   CP1 G C5    1 
HETATM 961  C C6    . CP1 G 1 5 ? 18.050  32.291  -9.674  1.00 12.71 ? 5   CP1 G C6    1 
HETATM 962  O O2    . CP1 G 1 5 ? 14.932  33.621  -8.773  1.00 15.33 ? 5   CP1 G O2    1 
HETATM 963  N N4    . CP1 G 1 5 ? 17.717  31.026  -6.327  1.00 10.01 ? 5   CP1 G N4    1 
HETATM 964  C "C8'" . GPN G 1 6 ? 12.543  31.338  -9.456  1.00 16.68 ? 6   GPN G "C8'" 1 
HETATM 965  C "C7'" . GPN G 1 6 ? 11.680  30.415  -10.301 1.00 15.46 ? 6   GPN G "C7'" 1 
HETATM 966  O "O7'" . GPN G 1 6 ? 11.902  29.195  -10.334 1.00 12.58 ? 6   GPN G "O7'" 1 
HETATM 967  C "C5'" . GPN G 1 6 ? 9.765   30.190  -11.790 1.00 24.22 ? 6   GPN G "C5'" 1 
HETATM 968  C C     . GPN G 1 6 ? 8.869   29.325  -10.920 1.00 29.71 ? 6   GPN G C     1 
HETATM 969  O O     . GPN G 1 6 ? 8.810   29.457  -9.696  1.00 30.19 ? 6   GPN G O     1 
HETATM 970  N "N4'" . GPN G 1 6 ? 10.667  30.968  -10.966 1.00 18.07 ? 6   GPN G "N4'" 1 
HETATM 971  C "C3'" . GPN G 1 6 ? 10.292  32.374  -10.837 1.00 22.01 ? 6   GPN G "C3'" 1 
HETATM 972  C "C2'" . GPN G 1 6 ? 10.662  33.179  -12.103 1.00 17.84 ? 6   GPN G "C2'" 1 
HETATM 973  N N     . GPN G 1 6 ? 12.076  33.136  -12.422 1.00 17.60 ? 6   GPN G N     1 
HETATM 974  N N9    . GPN G 1 6 ? 13.297  30.499  -8.500  1.00 18.26 ? 6   GPN G N9    1 
HETATM 975  C C8    . GPN G 1 6 ? 14.512  29.928  -8.703  1.00 17.33 ? 6   GPN G C8    1 
HETATM 976  N N7    . GPN G 1 6 ? 14.934  29.242  -7.678  1.00 18.55 ? 6   GPN G N7    1 
HETATM 977  C C5    . GPN G 1 6 ? 13.923  29.355  -6.738  1.00 16.34 ? 6   GPN G C5    1 
HETATM 978  C C6    . GPN G 1 6 ? 13.827  28.803  -5.439  1.00 19.00 ? 6   GPN G C6    1 
HETATM 979  O O6    . GPN G 1 6 ? 14.646  28.102  -4.846  1.00 25.54 ? 6   GPN G O6    1 
HETATM 980  N N1    . GPN G 1 6 ? 12.664  29.163  -4.808  1.00 13.54 ? 6   GPN G N1    1 
HETATM 981  C C2    . GPN G 1 6 ? 11.683  29.911  -5.372  1.00 12.81 ? 6   GPN G C2    1 
HETATM 982  N N2    . GPN G 1 6 ? 10.635  30.138  -4.588  1.00 21.93 ? 6   GPN G N2    1 
HETATM 983  N N3    . GPN G 1 6 ? 11.767  30.463  -6.590  1.00 17.92 ? 6   GPN G N3    1 
HETATM 984  C C4    . GPN G 1 6 ? 12.907  30.127  -7.225  1.00 16.91 ? 6   GPN G C4    1 
ATOM   985  N N     . LYS G 1 7 ? 8.238   28.366  -11.648 1.00 35.02 ? 7   LYS G N     1 
ATOM   986  C CA    . LYS G 1 7 ? 7.213   27.542  -10.999 1.00 41.48 ? 7   LYS G CA    1 
ATOM   987  C C     . LYS G 1 7 ? 7.666   26.378  -10.123 1.00 45.22 ? 7   LYS G C     1 
ATOM   988  O O     . LYS G 1 7 ? 7.632   25.213  -10.424 1.00 49.53 ? 7   LYS G O     1 
ATOM   989  C CB    . LYS G 1 7 ? 6.112   26.905  -11.923 1.00 40.22 ? 7   LYS G CB    1 
ATOM   990  C CG    . LYS G 1 7 ? 5.098   27.540  -12.912 1.00 40.67 ? 7   LYS G CG    1 
ATOM   991  C CD    . LYS G 1 7 ? 4.133   26.359  -13.137 1.00 47.92 ? 7   LYS G CD    1 
ATOM   992  C CE    . LYS G 1 7 ? 3.216   26.274  -14.376 1.00 51.57 ? 7   LYS G CE    1 
ATOM   993  N NZ    . LYS G 1 7 ? 3.373   24.992  -15.017 1.00 52.86 ? 7   LYS G NZ    1 
ATOM   994  O OXT   . LYS G 1 7 ? 8.066   26.688  -8.877  1.00 47.32 ? 7   LYS G OXT   1 
HETATM 995  C "C8'" . CP1 H 1 1 ? 9.794   27.666  0.090   1.00 27.33 ? 1   CP1 H "C8'" 1 
HETATM 996  C "C7'" . CP1 H 1 1 ? 9.564   29.127  0.514   1.00 32.67 ? 1   CP1 H "C7'" 1 
HETATM 997  O "O7'" . CP1 H 1 1 ? 10.482  29.939  0.406   1.00 39.59 ? 1   CP1 H "O7'" 1 
HETATM 998  C "C5'" A CP1 H 1 1 ? 7.814   30.801  1.305   0.50 33.49 ? 1   CP1 H "C5'" 1 
HETATM 999  C "C5'" B CP1 H 1 1 ? 8.081   30.845  1.402   0.50 31.58 ? 1   CP1 H "C5'" 1 
HETATM 1000 C "C'"  A CP1 H 1 1 ? 8.401   32.148  0.903   0.50 30.83 ? 1   CP1 H "C'"  1 
HETATM 1001 C "C'"  B CP1 H 1 1 ? 7.863   31.794  0.232   0.50 27.76 ? 1   CP1 H "C'"  1 
HETATM 1002 O "O1'" A CP1 H 1 1 ? 9.263   32.712  1.577   0.50 31.99 ? 1   CP1 H "O1'" 1 
HETATM 1003 O "O1'" B CP1 H 1 1 ? 7.351   31.407  -0.817  0.50 26.97 ? 1   CP1 H "O1'" 1 
HETATM 1004 N "N4'" . CP1 H 1 1 ? 8.352   29.480  0.990   1.00 33.38 ? 1   CP1 H "N4'" 1 
HETATM 1005 C "C3'" . CP1 H 1 1 ? 7.231   28.579  1.226   1.00 35.58 ? 1   CP1 H "C3'" 1 
HETATM 1006 C "C2'" . CP1 H 1 1 ? 7.451   27.725  2.476   1.00 45.57 ? 1   CP1 H "C2'" 1 
HETATM 1007 N "N1'" . CP1 H 1 1 ? 7.310   28.379  3.760   1.00 51.22 ? 1   CP1 H "N1'" 1 
HETATM 1008 C "C1'" . CP1 H 1 1 ? 7.836   27.647  4.957   1.00 53.54 ? 1   CP1 H "C1'" 1 
HETATM 1009 N N1    . CP1 H 1 1 ? 11.068  27.395  -0.608  1.00 23.64 ? 1   CP1 H N1    1 
HETATM 1010 C C2    . CP1 H 1 1 ? 11.181  27.866  -1.920  1.00 21.63 ? 1   CP1 H C2    1 
HETATM 1011 N N3    . CP1 H 1 1 ? 12.343  27.632  -2.586  1.00 24.99 ? 1   CP1 H N3    1 
HETATM 1012 C C4    . CP1 H 1 1 ? 13.365  26.974  -2.013  1.00 21.39 ? 1   CP1 H C4    1 
HETATM 1013 C C5    . CP1 H 1 1 ? 13.267  26.478  -0.683  1.00 21.36 ? 1   CP1 H C5    1 
HETATM 1014 C C6    . CP1 H 1 1 ? 12.110  26.716  -0.024  1.00 23.79 ? 1   CP1 H C6    1 
HETATM 1015 O O2    . CP1 H 1 1 ? 10.263  28.472  -2.468  1.00 19.69 ? 1   CP1 H O2    1 
HETATM 1016 N N4    . CP1 H 1 1 ? 14.486  26.764  -2.697  1.00 19.15 ? 1   CP1 H N4    1 
HETATM 1017 C "C8'" . GPN H 1 2 ? 10.930  31.965  -2.166  1.00 19.58 ? 2   GPN H "C8'" 1 
HETATM 1018 C "C7'" . GPN H 1 2 ? 10.997  33.489  -1.905  1.00 23.55 ? 2   GPN H "C7'" 1 
HETATM 1019 O "O7'" . GPN H 1 2 ? 12.109  34.010  -1.746  1.00 23.76 ? 2   GPN H "O7'" 1 
HETATM 1020 C "C5'" . GPN H 1 2 ? 10.132  35.770  -1.747  1.00 21.88 ? 2   GPN H "C5'" 1 
HETATM 1021 C C     . GPN H 1 2 ? 10.002  36.483  -3.086  1.00 20.75 ? 2   GPN H C     1 
HETATM 1022 O O     . GPN H 1 2 ? 9.591   35.933  -4.114  1.00 22.61 ? 2   GPN H O     1 
HETATM 1023 N "N4'" . GPN H 1 2 ? 9.963   34.335  -1.856  1.00 22.07 ? 2   GPN H "N4'" 1 
HETATM 1024 C "C3'" A GPN H 1 2 ? 8.564   33.956  -2.005  0.50 26.24 ? 2   GPN H "C3'" 1 
HETATM 1025 C "C3'" B GPN H 1 2 ? 8.562   33.949  -1.923  0.50 25.64 ? 2   GPN H "C3'" 1 
HETATM 1026 C "C2'" A GPN H 1 2 ? 8.050   34.046  -0.592  0.50 28.64 ? 2   GPN H "C2'" 1 
HETATM 1027 C "C2'" B GPN H 1 2 ? 8.046   34.134  -0.490  0.50 26.60 ? 2   GPN H "C2'" 1 
HETATM 1028 N N     A GPN H 1 2 ? 7.763   32.711  -0.119  0.50 29.39 ? 2   GPN H N     1 
HETATM 1029 N N     B GPN H 1 2 ? 8.316   33.037  0.431   0.50 25.49 ? 2   GPN H N     1 
HETATM 1030 N N9    . GPN H 1 2 ? 12.338  31.530  -2.388  1.00 17.50 ? 2   GPN H N9    1 
HETATM 1031 C C8    . GPN H 1 2 ? 13.161  30.814  -1.557  1.00 12.57 ? 2   GPN H C8    1 
HETATM 1032 N N7    . GPN H 1 2 ? 14.350  30.622  -2.063  1.00 18.28 ? 2   GPN H N7    1 
HETATM 1033 C C5    . GPN H 1 2 ? 14.318  31.257  -3.304  1.00 11.93 ? 2   GPN H C5    1 
HETATM 1034 C C6    . GPN H 1 2 ? 15.328  31.385  -4.287  1.00 14.35 ? 2   GPN H C6    1 
HETATM 1035 O O6    . GPN H 1 2 ? 16.470  30.952  -4.257  1.00 15.38 ? 2   GPN H O6    1 
HETATM 1036 N N1    . GPN H 1 2 ? 14.895  32.105  -5.389  1.00 14.78 ? 2   GPN H N1    1 
HETATM 1037 C C2    . GPN H 1 2 ? 13.623  32.640  -5.526  1.00 12.84 ? 2   GPN H C2    1 
HETATM 1038 N N2    . GPN H 1 2 ? 13.369  33.298  -6.656  1.00 13.31 ? 2   GPN H N2    1 
HETATM 1039 N N3    . GPN H 1 2 ? 12.672  32.519  -4.605  1.00 12.34 ? 2   GPN H N3    1 
HETATM 1040 C C4    . GPN H 1 2 ? 13.093  31.819  -3.520  1.00 14.95 ? 2   GPN H C4    1 
HETATM 1041 C "C8'" . TP1 H 1 3 ? 13.310  36.227  -4.470  1.00 8.01  ? 3   TP1 H "C8'" 1 
HETATM 1042 C "C7'" . TP1 H 1 3 ? 13.595  37.736  -4.268  1.00 11.34 ? 3   TP1 H "C7'" 1 
HETATM 1043 O "O7'" . TP1 H 1 3 ? 14.662  38.103  -3.780  1.00 11.95 ? 3   TP1 H "O7'" 1 
HETATM 1044 C "C5'" A TP1 H 1 3 ? 12.909  40.055  -4.411  0.50 7.46  ? 3   TP1 H "C5'" 1 
HETATM 1045 C "C5'" B TP1 H 1 3 ? 13.076  39.981  -5.011  0.50 15.71 ? 3   TP1 H "C5'" 1 
HETATM 1046 C "C'"  A TP1 H 1 3 ? 13.456  40.950  -5.514  0.50 5.84  ? 3   TP1 H "C'"  1 
HETATM 1047 C "C'"  B TP1 H 1 3 ? 13.390  40.040  -6.517  0.50 19.18 ? 3   TP1 H "C'"  1 
HETATM 1048 O "O1'" A TP1 H 1 3 ? 13.822  42.084  -5.202  0.50 4.13  ? 3   TP1 H "O1'" 1 
HETATM 1049 O "O1'" B TP1 H 1 3 ? 13.309  39.075  -7.301  0.50 23.06 ? 3   TP1 H "O1'" 1 
HETATM 1050 N "N4'" . TP1 H 1 3 ? 12.705  38.634  -4.673  1.00 12.45 ? 3   TP1 H "N4'" 1 
HETATM 1051 C "C3'" . TP1 H 1 3 ? 11.390  38.271  -5.218  1.00 15.11 ? 3   TP1 H "C3'" 1 
HETATM 1052 C "C2'" . TP1 H 1 3 ? 10.285  38.602  -4.207  1.00 20.80 ? 3   TP1 H "C2'" 1 
HETATM 1053 N "N1'" . TP1 H 1 3 ? 10.391  37.751  -3.026  1.00 18.48 ? 3   TP1 H "N1'" 1 
HETATM 1054 C "C1'" . TP1 H 1 3 ? 10.673  38.590  -1.803  1.00 9.90  ? 3   TP1 H "C1'" 1 
HETATM 1055 N N1    . TP1 H 1 3 ? 14.582  35.543  -4.231  1.00 9.93  ? 3   TP1 H N1    1 
HETATM 1056 C C6    . TP1 H 1 3 ? 14.895  34.964  -3.033  1.00 13.88 ? 3   TP1 H C6    1 
HETATM 1057 C C2    . TP1 H 1 3 ? 15.500  35.525  -5.292  1.00 10.47 ? 3   TP1 H C2    1 
HETATM 1058 O O2    . TP1 H 1 3 ? 15.293  36.041  -6.392  1.00 11.97 ? 3   TP1 H O2    1 
HETATM 1059 N N3    . TP1 H 1 3 ? 16.698  34.909  -5.026  1.00 9.78  ? 3   TP1 H N3    1 
HETATM 1060 C C4    . TP1 H 1 3 ? 17.068  34.316  -3.835  1.00 13.09 ? 3   TP1 H C4    1 
HETATM 1061 O O4    . TP1 H 1 3 ? 18.166  33.795  -3.689  1.00 15.42 ? 3   TP1 H O4    1 
HETATM 1062 C C5    . TP1 H 1 3 ? 16.080  34.389  -2.810  1.00 12.58 ? 3   TP1 H C5    1 
HETATM 1063 C C5M   . TP1 H 1 3 ? 16.372  33.758  -1.453  1.00 18.08 ? 3   TP1 H C5M   1 
HETATM 1064 C "C8'" . APN H 1 4 ? 17.040  39.183  -6.839  1.00 2.13  ? 4   APN H "C8'" 1 
HETATM 1065 C "C7'" . APN H 1 4 ? 17.294  40.685  -6.858  1.00 7.56  ? 4   APN H "C7'" 1 
HETATM 1066 O "O7'" . APN H 1 4 ? 18.249  41.153  -6.251  1.00 9.31  ? 4   APN H "O7'" 1 
HETATM 1067 C "C5'" . APN H 1 4 ? 16.773  42.949  -7.667  1.00 14.87 ? 4   APN H "C5'" 1 
HETATM 1068 C C     . APN H 1 4 ? 17.859  43.212  -8.721  1.00 21.48 ? 4   APN H C     1 
HETATM 1069 O O     . APN H 1 4 ? 18.197  42.314  -9.488  1.00 26.70 ? 4   APN H O     1 
HETATM 1070 N "N4'" . APN H 1 4 ? 16.510  41.511  -7.560  1.00 10.44 ? 4   APN H "N4'" 1 
HETATM 1071 C "C3'" A APN H 1 4 ? 15.406  41.004  -8.382  0.50 7.74  ? 4   APN H "C3'" 1 
HETATM 1072 C "C3'" B APN H 1 4 ? 15.517  40.976  -8.495  0.50 12.03 ? 4   APN H "C3'" 1 
HETATM 1073 C "C2'" A APN H 1 4 ? 14.003  41.357  -7.879  0.50 8.84  ? 4   APN H "C2'" 1 
HETATM 1074 C "C2'" B APN H 1 4 ? 14.128  41.551  -8.282  0.50 15.12 ? 4   APN H "C2'" 1 
HETATM 1075 N N     A APN H 1 4 ? 13.529  40.523  -6.784  0.50 7.79  ? 4   APN H N     1 
HETATM 1076 N N     B APN H 1 4 ? 13.711  41.260  -6.929  0.50 17.42 ? 4   APN H N     1 
HETATM 1077 N N9    . APN H 1 4 ? 18.082  38.507  -6.066  1.00 2.17  ? 4   APN H N9    1 
HETATM 1078 C C8    . APN H 1 4 ? 17.990  37.986  -4.820  1.00 3.00  ? 4   APN H C8    1 
HETATM 1079 N N7    . APN H 1 4 ? 19.094  37.440  -4.393  1.00 7.73  ? 4   APN H N7    1 
HETATM 1080 C C5    . APN H 1 4 ? 19.984  37.613  -5.449  1.00 7.00  ? 4   APN H C5    1 
HETATM 1081 C C6    . APN H 1 4 ? 21.314  37.262  -5.628  1.00 3.22  ? 4   APN H C6    1 
HETATM 1082 N N6    . APN H 1 4 ? 22.025  36.633  -4.714  1.00 6.17  ? 4   APN H N6    1 
HETATM 1083 N N1    . APN H 1 4 ? 21.874  37.587  -6.774  1.00 3.50  ? 4   APN H N1    1 
HETATM 1084 C C2    . APN H 1 4 ? 21.190  38.225  -7.706  1.00 2.00  ? 4   APN H C2    1 
HETATM 1085 N N3    . APN H 1 4 ? 19.952  38.608  -7.676  1.00 7.32  ? 4   APN H N3    1 
HETATM 1086 C C4    . APN H 1 4 ? 19.382  38.264  -6.485  1.00 8.44  ? 4   APN H C4    1 
HETATM 1087 C "C8'" . CP1 H 1 5 ? 21.323  42.068  -7.755  1.00 14.40 ? 5   CP1 H "C8'" 1 
HETATM 1088 C "C7'" . CP1 H 1 5 ? 21.768  43.541  -7.667  1.00 19.07 ? 5   CP1 H "C7'" 1 
HETATM 1089 O "O7'" . CP1 H 1 5 ? 22.461  43.925  -6.722  1.00 24.50 ? 5   CP1 H "O7'" 1 
HETATM 1090 C "C5'" . CP1 H 1 5 ? 21.822  45.818  -8.534  1.00 23.69 ? 5   CP1 H "C5'" 1 
HETATM 1091 C "C'"  . CP1 H 1 5 ? 23.062  46.201  -9.326  1.00 29.90 ? 5   CP1 H "C'"  1 
HETATM 1092 O "O1'" . CP1 H 1 5 ? 23.521  47.335  -9.178  1.00 38.93 ? 5   CP1 H "O1'" 1 
HETATM 1093 N "N4'" . CP1 H 1 5 ? 21.435  44.420  -8.614  1.00 23.46 ? 5   CP1 H "N4'" 1 
HETATM 1094 C "C3'" . CP1 H 1 5 ? 20.703  44.050  -9.827  1.00 23.07 ? 5   CP1 H "C3'" 1 
HETATM 1095 C "C2'" . CP1 H 1 5 ? 19.368  44.793  -9.898  1.00 24.28 ? 5   CP1 H "C2'" 1 
HETATM 1096 N "N1'" . CP1 H 1 5 ? 18.458  44.409  -8.800  1.00 27.22 ? 5   CP1 H "N1'" 1 
HETATM 1097 C "C1'" . CP1 H 1 5 ? 18.238  45.559  -7.871  1.00 29.56 ? 5   CP1 H "C1'" 1 
HETATM 1098 N N1    . CP1 H 1 5 ? 22.047  41.310  -6.719  1.00 12.27 ? 5   CP1 H N1    1 
HETATM 1099 C C2    . CP1 H 1 5 ? 23.342  40.877  -7.050  1.00 10.80 ? 5   CP1 H C2    1 
HETATM 1100 N N3    . CP1 H 1 5 ? 24.054  40.206  -6.116  1.00 7.13  ? 5   CP1 H N3    1 
HETATM 1101 C C4    . CP1 H 1 5 ? 23.544  39.969  -4.909  1.00 8.42  ? 5   CP1 H C4    1 
HETATM 1102 C C5    . CP1 H 1 5 ? 22.239  40.418  -4.537  1.00 10.00 ? 5   CP1 H C5    1 
HETATM 1103 C C6    . CP1 H 1 5 ? 21.533  41.079  -5.474  1.00 11.66 ? 5   CP1 H C6    1 
HETATM 1104 O O2    . CP1 H 1 5 ? 23.847  41.080  -8.155  1.00 11.24 ? 5   CP1 H O2    1 
HETATM 1105 N N4    . CP1 H 1 5 ? 24.257  39.302  -4.005  1.00 9.07  ? 5   CP1 H N4    1 
HETATM 1106 C "C8'" . GPN H 1 6 ? 25.895  43.733  -7.794  1.00 12.37 ? 6   GPN H "C8'" 1 
HETATM 1107 C "C7'" . GPN H 1 6 ? 26.264  45.207  -7.719  1.00 19.63 ? 6   GPN H "C7'" 1 
HETATM 1108 O "O7'" . GPN H 1 6 ? 26.496  45.726  -6.611  1.00 15.54 ? 6   GPN H "O7'" 1 
HETATM 1109 C "C5'" . GPN H 1 6 ? 26.795  47.260  -8.926  1.00 27.94 ? 6   GPN H "C5'" 1 
HETATM 1110 C C     . GPN H 1 6 ? 28.276  47.345  -8.567  1.00 32.67 ? 6   GPN H C     1 
HETATM 1111 O O     . GPN H 1 6 ? 29.054  46.379  -8.463  1.00 35.90 ? 6   GPN H O     1 
HETATM 1112 N "N4'" . GPN H 1 6 ? 26.344  45.889  -8.886  1.00 24.26 ? 6   GPN H "N4'" 1 
HETATM 1113 C "C3'" . GPN H 1 6 ? 26.108  45.299  -10.221 1.00 29.30 ? 6   GPN H "C3'" 1 
HETATM 1114 C "C2'" . GPN H 1 6 ? 24.824  45.819  -10.891 1.00 30.57 ? 6   GPN H "C2'" 1 
HETATM 1115 N N     . GPN H 1 6 ? 23.612  45.381  -10.217 1.00 28.08 ? 6   GPN H N     1 
HETATM 1116 N N9    . GPN H 1 6 ? 26.248  43.090  -6.515  1.00 5.33  ? 6   GPN H N9    1 
HETATM 1117 C C8    . GPN H 1 6 ? 25.448  42.997  -5.423  1.00 3.67  ? 6   GPN H C8    1 
HETATM 1118 N N7    . GPN H 1 6 ? 26.021  42.359  -4.449  1.00 4.56  ? 6   GPN H N7    1 
HETATM 1119 C C5    . GPN H 1 6 ? 27.278  42.021  -4.923  1.00 2.41  ? 6   GPN H C5    1 
HETATM 1120 C C6    . GPN H 1 6 ? 28.321  41.320  -4.286  1.00 8.90  ? 6   GPN H C6    1 
HETATM 1121 O O6    . GPN H 1 6 ? 28.368  40.851  -3.143  1.00 7.38  ? 6   GPN H O6    1 
HETATM 1122 N N1    . GPN H 1 6 ? 29.404  41.181  -5.108  1.00 10.19 ? 6   GPN H N1    1 
HETATM 1123 C C2    . GPN H 1 6 ? 29.492  41.648  -6.394  1.00 10.28 ? 6   GPN H C2    1 
HETATM 1124 N N2    . GPN H 1 6 ? 30.649  41.382  -6.985  1.00 6.94  ? 6   GPN H N2    1 
HETATM 1125 N N3    . GPN H 1 6 ? 28.500  42.315  -6.995  1.00 6.89  ? 6   GPN H N3    1 
HETATM 1126 C C4    . GPN H 1 6 ? 27.423  42.454  -6.212  1.00 2.00  ? 6   GPN H C4    1 
ATOM   1127 N N     . LYS H 1 7 ? 28.576  48.609  -8.307  1.00 35.31 ? 7   LYS H N     1 
ATOM   1128 C CA    . LYS H 1 7 ? 29.861  49.199  -7.985  1.00 41.83 ? 7   LYS H CA    1 
ATOM   1129 C C     . LYS H 1 7 ? 30.192  48.618  -6.635  1.00 41.34 ? 7   LYS H C     1 
ATOM   1130 O O     . LYS H 1 7 ? 29.449  48.799  -5.678  1.00 42.97 ? 7   LYS H O     1 
ATOM   1131 C CB    . LYS H 1 7 ? 29.520  50.631  -7.928  1.00 42.65 ? 7   LYS H CB    1 
ATOM   1132 C CG    . LYS H 1 7 ? 30.520  51.556  -8.571  1.00 49.06 ? 7   LYS H CG    1 
ATOM   1133 C CD    . LYS H 1 7 ? 31.574  52.126  -7.639  1.00 53.32 ? 7   LYS H CD    1 
ATOM   1134 C CE    . LYS H 1 7 ? 32.556  52.787  -8.621  1.00 57.97 ? 7   LYS H CE    1 
ATOM   1135 N NZ    . LYS H 1 7 ? 33.307  53.930  -8.115  1.00 55.62 ? 7   LYS H NZ    1 
ATOM   1136 O OXT   . LYS H 1 7 ? 31.339  47.946  -6.550  1.00 44.01 ? 7   LYS H OXT   1 
HETATM 1137 O O     . HOH I 2 . ? -11.206 -35.631 7.316   1.00 19.53 ? 103 HOH A O     1 
HETATM 1138 O O     . HOH I 2 . ? -30.815 -42.097 9.985   1.00 67.26 ? 121 HOH A O     1 
HETATM 1139 O O     . HOH I 2 . ? -19.152 -31.180 2.330   1.00 20.47 ? 134 HOH A O     1 
HETATM 1140 O O     . HOH I 2 . ? -9.700  -33.227 -4.753  1.00 34.73 ? 138 HOH A O     1 
HETATM 1141 O O     . HOH I 2 . ? -10.455 -30.729 -5.729  1.00 24.36 ? 139 HOH A O     1 
HETATM 1142 O O     . HOH I 2 . ? -24.523 -41.624 1.911   1.00 37.30 ? 143 HOH A O     1 
HETATM 1143 O O     . HOH I 2 . ? -22.480 -39.087 0.762   1.00 31.23 ? 148 HOH A O     1 
HETATM 1144 O O     . HOH I 2 . ? -26.613 -39.266 0.867   1.00 56.84 ? 151 HOH A O     1 
HETATM 1145 O O     . HOH I 2 . ? -9.984  -33.640 4.027   1.00 10.77 ? 154 HOH A O     1 
HETATM 1146 O O     . HOH I 2 . ? -13.738 -37.727 7.300   1.00 34.37 ? 158 HOH A O     1 
HETATM 1147 O O     . HOH I 2 . ? -16.826 -29.642 0.407   1.00 21.11 ? 160 HOH A O     1 
HETATM 1148 O O     . HOH I 2 . ? -17.912 -28.733 4.387   1.00 33.07 ? 181 HOH A O     1 
HETATM 1149 O O     . HOH I 2 . ? -6.111  -31.876 2.242   1.00 17.10 ? 187 HOH A O     1 
HETATM 1150 O O     . HOH I 2 . ? -16.681 -24.359 0.980   1.00 48.52 ? 188 HOH A O     1 
HETATM 1151 O O     . HOH I 2 . ? -7.817  -29.792 1.590   1.00 15.90 ? 192 HOH A O     1 
HETATM 1152 O O     . HOH I 2 . ? -21.782 -31.124 4.154   1.00 23.13 ? 196 HOH A O     1 
HETATM 1153 O O     . HOH I 2 . ? -19.786 -36.596 1.362   1.00 24.03 ? 201 HOH A O     1 
HETATM 1154 O O     . HOH I 2 . ? -8.090  -33.983 6.008   1.00 51.42 ? 207 HOH A O     1 
HETATM 1155 O O     . HOH I 2 . ? -7.160  -37.118 1.653   1.00 32.15 ? 208 HOH A O     1 
HETATM 1156 O O     . HOH I 2 . ? -22.388 -29.786 1.659   1.00 48.24 ? 217 HOH A O     1 
HETATM 1157 O O     . HOH I 2 . ? -21.221 -32.977 -0.205  1.00 38.98 ? 221 HOH A O     1 
HETATM 1158 O O     . HOH I 2 . ? -18.613 -39.892 9.578   1.00 11.64 ? 238 HOH A O     1 
HETATM 1159 O O     . HOH I 2 . ? -11.391 -34.764 -2.906  1.00 57.35 ? 243 HOH A O     1 
HETATM 1160 O O     . HOH I 2 . ? -20.474 -28.723 5.426   1.00 45.87 ? 254 HOH A O     1 
HETATM 1161 O O     . HOH I 2 . ? -9.687  -36.040 9.814   1.00 46.24 ? 256 HOH A O     1 
HETATM 1162 O O     . HOH I 2 . ? -21.612 -30.076 7.947   1.00 28.70 ? 268 HOH A O     1 
HETATM 1163 O O     . HOH I 2 . ? -9.466  -38.122 11.686  1.00 62.47 ? 278 HOH A O     1 
HETATM 1164 O O     . HOH I 2 . ? -9.073  -35.693 -3.817  1.00 50.39 ? 280 HOH A O     1 
HETATM 1165 O O     . HOH I 2 . ? -18.412 -27.955 1.840   1.00 67.93 ? 281 HOH A O     1 
HETATM 1166 O O     . HOH I 2 . ? -20.525 -48.083 11.067  1.00 44.94 ? 287 HOH A O     1 
HETATM 1167 O O     . HOH I 2 . ? -29.565 -48.331 5.294   1.00 49.88 ? 295 HOH A O     1 
HETATM 1168 O O     . HOH J 2 . ? -6.397  -29.420 5.832   1.00 28.17 ? 104 HOH B O     1 
HETATM 1169 O O     . HOH J 2 . ? -13.527 -38.174 12.384  1.00 41.33 ? 110 HOH B O     1 
HETATM 1170 O O     . HOH J 2 . ? -10.141 -31.841 7.070   1.00 81.18 ? 119 HOH B O     1 
HETATM 1171 O O     . HOH J 2 . ? -9.790  -27.594 13.626  1.00 44.89 ? 122 HOH B O     1 
HETATM 1172 O O     . HOH J 2 . ? -23.247 -38.690 11.770  1.00 25.87 ? 123 HOH B O     1 
HETATM 1173 O O     . HOH J 2 . ? -29.213 -33.355 9.015   1.00 27.68 ? 129 HOH B O     1 
HETATM 1174 O O     . HOH J 2 . ? -13.335 -34.676 9.958   1.00 23.54 ? 131 HOH B O     1 
HETATM 1175 O O     . HOH J 2 . ? -26.238 -41.409 11.671  1.00 25.31 ? 141 HOH B O     1 
HETATM 1176 O O     . HOH J 2 . ? -25.701 -36.304 2.532   1.00 39.83 ? 149 HOH B O     1 
HETATM 1177 O O     . HOH J 2 . ? -30.609 -36.981 -0.528  1.00 24.67 ? 152 HOH B O     1 
HETATM 1178 O O     . HOH J 2 . ? -8.215  -31.346 4.450   1.00 22.29 ? 153 HOH B O     1 
HETATM 1179 O O     . HOH J 2 . ? -28.745 -41.987 -0.804  1.00 68.06 ? 155 HOH B O     1 
HETATM 1180 O O     . HOH J 2 . ? -8.819  -22.438 9.569   1.00 29.88 ? 161 HOH B O     1 
HETATM 1181 O O     . HOH J 2 . ? -23.705 -32.152 6.599   1.00 59.62 ? 162 HOH B O     1 
HETATM 1182 O O     . HOH J 2 . ? -36.273 -33.785 9.054   1.00 58.16 ? 171 HOH B O     1 
HETATM 1183 O O     . HOH J 2 . ? -23.713 -33.607 2.507   1.00 47.00 ? 190 HOH B O     1 
HETATM 1184 O O     . HOH J 2 . ? -14.146 -41.316 11.398  1.00 44.51 ? 197 HOH B O     1 
HETATM 1185 O O     . HOH J 2 . ? -7.267  -32.775 11.716  1.00 11.27 ? 205 HOH B O     1 
HETATM 1186 O O     . HOH J 2 . ? -24.399 -38.084 -2.679  1.00 56.02 ? 211 HOH B O     1 
HETATM 1187 O O     . HOH J 2 . ? -18.148 -37.155 10.829  1.00 18.86 ? 216 HOH B O     1 
HETATM 1188 O O     . HOH J 2 . ? -35.369 -45.403 12.640  1.00 35.64 ? 219 HOH B O     1 
HETATM 1189 O O     . HOH J 2 . ? -27.866 -37.040 -1.758  1.00 31.21 ? 228 HOH B O     1 
HETATM 1190 O O     . HOH J 2 . ? -25.927 -34.793 -0.553  1.00 25.11 ? 231 HOH B O     1 
HETATM 1191 O O     . HOH J 2 . ? -4.058  -31.855 6.583   1.00 73.54 ? 233 HOH B O     1 
HETATM 1192 O O     . HOH J 2 . ? -34.358 -44.384 9.871   1.00 36.95 ? 239 HOH B O     1 
HETATM 1193 O O     . HOH J 2 . ? -2.133  -29.378 13.655  1.00 42.59 ? 241 HOH B O     1 
HETATM 1194 O O     . HOH J 2 . ? -16.017 -38.923 10.625  1.00 86.07 ? 246 HOH B O     1 
HETATM 1195 O O     . HOH J 2 . ? -4.712  -33.372 12.659  1.00 26.03 ? 250 HOH B O     1 
HETATM 1196 O O     . HOH J 2 . ? -13.443 -43.891 10.278  1.00 78.58 ? 260 HOH B O     1 
HETATM 1197 O O     . HOH J 2 . ? -5.073  -34.977 7.495   1.00 75.59 ? 265 HOH B O     1 
HETATM 1198 O O     . HOH J 2 . ? -34.139 -41.279 8.402   1.00 43.54 ? 267 HOH B O     1 
HETATM 1199 O O     . HOH J 2 . ? -26.431 -31.944 7.686   1.00 24.19 ? 294 HOH B O     1 
HETATM 1200 O O     . HOH J 2 . ? -29.450 -35.949 2.776   1.00 32.13 ? 296 HOH B O     1 
HETATM 1201 O O     . HOH J 2 . ? -26.343 -32.083 1.934   1.00 41.52 ? 297 HOH B O     1 
HETATM 1202 O O     . HOH J 2 . ? -0.695  -26.974 11.350  1.00 55.44 ? 302 HOH B O     1 
HETATM 1203 O O     . HOH J 2 . ? -22.988 -32.543 14.946  1.00 49.36 ? 303 HOH B O     1 
HETATM 1204 O O     . HOH J 2 . ? -29.222 -39.799 -1.671  1.00 36.12 ? 304 HOH B O     1 
HETATM 1205 O O     . HOH J 2 . ? -22.791 -40.001 16.937  1.00 55.04 ? 305 HOH B O     1 
HETATM 1206 O O     . HOH K 2 . ? -13.984 -25.223 -7.084  1.00 13.90 ? 102 HOH C O     1 
HETATM 1207 O O     . HOH K 2 . ? -10.585 -17.876 -2.818  1.00 24.33 ? 105 HOH C O     1 
HETATM 1208 O O     . HOH K 2 . ? -5.501  -25.787 3.198   1.00 70.47 ? 108 HOH C O     1 
HETATM 1209 O O     . HOH K 2 . ? -11.464 -23.612 -7.829  1.00 19.92 ? 113 HOH C O     1 
HETATM 1210 O O     . HOH K 2 . ? 16.943  -13.495 -0.273  1.00 43.49 ? 132 HOH C O     1 
HETATM 1211 O O     . HOH K 2 . ? -2.792  -23.492 0.273   1.00 32.80 ? 135 HOH C O     1 
HETATM 1212 O O     . HOH K 2 . ? 0.743   -19.094 -10.054 1.00 66.43 ? 165 HOH C O     1 
HETATM 1213 O O     . HOH K 2 . ? -14.157 -22.724 0.029   1.00 7.90  ? 167 HOH C O     1 
HETATM 1214 O O     . HOH K 2 . ? -0.014  -20.138 3.274   1.00 65.89 ? 170 HOH C O     1 
HETATM 1215 O O     . HOH K 2 . ? -14.816 -22.522 2.935   1.00 19.10 ? 174 HOH C O     1 
HETATM 1216 O O     . HOH K 2 . ? 4.794   -12.697 -4.134  1.00 66.15 ? 180 HOH C O     1 
HETATM 1217 O O     . HOH K 2 . ? 10.360  -12.208 -5.225  1.00 32.38 ? 185 HOH C O     1 
HETATM 1218 O O     . HOH K 2 . ? 2.692   -17.658 4.086   1.00 19.71 ? 186 HOH C O     1 
HETATM 1219 O O     . HOH K 2 . ? 0.153   -20.882 0.022   1.00 13.57 ? 203 HOH C O     1 
HETATM 1220 O O     . HOH K 2 . ? -11.177 -22.622 -10.419 1.00 27.32 ? 224 HOH C O     1 
HETATM 1221 O O     . HOH K 2 . ? 1.299   -18.291 7.217   1.00 63.30 ? 230 HOH C O     1 
HETATM 1222 O O     . HOH K 2 . ? 13.096  -17.214 0.572   1.00 63.33 ? 248 HOH C O     1 
HETATM 1223 O O     . HOH K 2 . ? -16.613 -21.785 -1.165  1.00 32.49 ? 257 HOH C O     1 
HETATM 1224 O O     . HOH K 2 . ? 6.841   -16.935 3.406   1.00 37.40 ? 259 HOH C O     1 
HETATM 1225 O O     . HOH K 2 . ? -18.857 -21.879 0.783   1.00 32.03 ? 275 HOH C O     1 
HETATM 1226 O O     . HOH K 2 . ? -10.533 -26.256 -5.383  1.00 43.78 ? 293 HOH C O     1 
HETATM 1227 O O     . HOH L 2 . ? -13.390 -19.759 3.128   1.00 16.17 ? 106 HOH D O     1 
HETATM 1228 O O     . HOH L 2 . ? 0.025   -14.405 6.200   1.00 40.39 ? 112 HOH D O     1 
HETATM 1229 O O     . HOH L 2 . ? -10.254 -8.683  0.328   1.00 26.70 ? 114 HOH D O     1 
HETATM 1230 O O     . HOH L 2 . ? -7.116  -12.510 -4.016  1.00 56.11 ? 118 HOH D O     1 
HETATM 1231 O O     . HOH L 2 . ? -4.314  -22.751 4.170   1.00 24.19 ? 142 HOH D O     1 
HETATM 1232 O O     . HOH L 2 . ? -9.268  -19.273 9.071   1.00 17.85 ? 145 HOH D O     1 
HETATM 1233 O O     . HOH L 2 . ? -2.595  -20.398 5.115   1.00 45.04 ? 146 HOH D O     1 
HETATM 1234 O O     . HOH L 2 . ? -5.911  -13.611 -1.686  1.00 66.61 ? 172 HOH D O     1 
HETATM 1235 O O     . HOH L 2 . ? 3.398   -14.353 5.177   1.00 40.61 ? 191 HOH D O     1 
HETATM 1236 O O     . HOH L 2 . ? -2.429  -17.267 5.404   1.00 39.47 ? 198 HOH D O     1 
HETATM 1237 O O     . HOH L 2 . ? -11.738 -20.054 11.251  1.00 35.91 ? 204 HOH D O     1 
HETATM 1238 O O     . HOH L 2 . ? -14.889 -24.080 6.014   1.00 31.51 ? 226 HOH D O     1 
HETATM 1239 O O     . HOH L 2 . ? 7.483   -10.768 -3.280  1.00 51.06 ? 229 HOH D O     1 
HETATM 1240 O O     . HOH L 2 . ? -13.367 -14.001 0.715   1.00 63.35 ? 258 HOH D O     1 
HETATM 1241 O O     . HOH L 2 . ? -0.620  -10.987 -2.737  1.00 54.87 ? 261 HOH D O     1 
HETATM 1242 O O     . HOH L 2 . ? -7.751  -16.475 7.634   1.00 64.72 ? 270 HOH D O     1 
HETATM 1243 O O     . HOH L 2 . ? -9.536  -15.792 0.119   1.00 35.96 ? 306 HOH D O     1 
HETATM 1244 O O     . HOH M 2 . ? 6.197   29.125  -6.539  1.00 20.42 ? 101 HOH E O     1 
HETATM 1245 O O     . HOH M 2 . ? -0.224  13.765  -6.440  1.00 39.03 ? 107 HOH E O     1 
HETATM 1246 O O     . HOH M 2 . ? 13.316  19.884  -3.855  1.00 34.52 ? 111 HOH E O     1 
HETATM 1247 O O     . HOH M 2 . ? 15.058  22.240  -3.185  1.00 51.72 ? 128 HOH E O     1 
HETATM 1248 O O     . HOH M 2 . ? -4.795  8.375   1.157   1.00 29.86 ? 137 HOH E O     1 
HETATM 1249 O O     . HOH M 2 . ? 5.111   25.209  -3.527  1.00 46.47 ? 168 HOH E O     1 
HETATM 1250 O O     . HOH M 2 . ? 3.047   15.994  -6.329  1.00 59.73 ? 189 HOH E O     1 
HETATM 1251 O O     . HOH M 2 . ? 12.687  18.400  -0.677  1.00 34.99 ? 193 HOH E O     1 
HETATM 1252 O O     . HOH M 2 . ? 10.711  15.508  -1.264  1.00 23.20 ? 199 HOH E O     1 
HETATM 1253 O O     . HOH M 2 . ? -0.559  21.593  -5.864  1.00 42.28 ? 218 HOH E O     1 
HETATM 1254 O O     . HOH M 2 . ? 0.069   17.512  -6.139  1.00 32.55 ? 223 HOH E O     1 
HETATM 1255 O O     . HOH M 2 . ? 2.269   27.345  -5.131  1.00 54.54 ? 234 HOH E O     1 
HETATM 1256 O O     . HOH M 2 . ? 2.757   23.409  -5.361  1.00 58.25 ? 235 HOH E O     1 
HETATM 1257 O O     . HOH M 2 . ? 8.433   16.413  -8.036  1.00 50.49 ? 244 HOH E O     1 
HETATM 1258 O O     . HOH M 2 . ? 3.826   9.385   -4.547  1.00 33.72 ? 252 HOH E O     1 
HETATM 1259 O O     . HOH M 2 . ? 8.863   16.444  0.694   1.00 19.93 ? 264 HOH E O     1 
HETATM 1260 O O     . HOH M 2 . ? 8.043   11.022  -6.078  1.00 42.64 ? 271 HOH E O     1 
HETATM 1261 O O     . HOH M 2 . ? -2.165  5.397   5.322   1.00 44.97 ? 298 HOH E O     1 
HETATM 1262 O O     . HOH M 2 . ? 9.418   9.511   1.066   1.00 45.37 ? 300 HOH E O     1 
HETATM 1263 O O     . HOH M 2 . ? 6.160   12.983  1.684   1.00 60.91 ? 307 HOH E O     1 
HETATM 1264 O O     . HOH N 2 . ? 14.034  25.058  6.367   1.00 38.80 ? 109 HOH F O     1 
HETATM 1265 O O     . HOH N 2 . ? 2.306   22.806  -0.795  1.00 28.97 ? 116 HOH F O     1 
HETATM 1266 O O     . HOH N 2 . ? 6.081   15.650  2.892   1.00 38.89 ? 125 HOH F O     1 
HETATM 1267 O O     . HOH N 2 . ? -12.642 12.832  6.119   1.00 18.86 ? 156 HOH F O     1 
HETATM 1268 O O     . HOH N 2 . ? 16.764  23.906  -1.212  1.00 64.09 ? 173 HOH F O     1 
HETATM 1269 O O     . HOH N 2 . ? 10.980  17.934  2.203   1.00 33.48 ? 175 HOH F O     1 
HETATM 1270 O O     . HOH N 2 . ? 13.439  28.537  6.170   1.00 38.23 ? 178 HOH F O     1 
HETATM 1271 O O     . HOH N 2 . ? -4.990  11.697  3.248   1.00 55.85 ? 183 HOH F O     1 
HETATM 1272 O O     . HOH N 2 . ? 0.431   13.592  4.682   1.00 34.25 ? 200 HOH F O     1 
HETATM 1273 O O     . HOH N 2 . ? 0.084   20.175  -3.084  1.00 71.29 ? 202 HOH F O     1 
HETATM 1274 O O     . HOH N 2 . ? 6.177   25.834  0.704   1.00 15.20 ? 209 HOH F O     1 
HETATM 1275 O O     . HOH N 2 . ? -6.312  15.854  9.550   1.00 22.02 ? 212 HOH F O     1 
HETATM 1276 O O     . HOH N 2 . ? -14.045 13.689  8.847   1.00 61.12 ? 215 HOH F O     1 
HETATM 1277 O O     . HOH N 2 . ? -15.984 11.129  3.834   1.00 43.27 ? 220 HOH F O     1 
HETATM 1278 O O     . HOH N 2 . ? -11.801 15.223  7.377   1.00 42.46 ? 222 HOH F O     1 
HETATM 1279 O O     . HOH N 2 . ? 2.096   25.081  2.160   1.00 39.95 ? 225 HOH F O     1 
HETATM 1280 O O     . HOH N 2 . ? -15.594 12.963  6.398   1.00 43.63 ? 227 HOH F O     1 
HETATM 1281 O O     . HOH N 2 . ? 11.085  23.277  7.907   1.00 23.16 ? 247 HOH F O     1 
HETATM 1282 O O     . HOH N 2 . ? 10.628  26.517  3.588   1.00 48.49 ? 255 HOH F O     1 
HETATM 1283 O O     . HOH N 2 . ? 17.134  25.312  5.580   1.00 66.30 ? 276 HOH F O     1 
HETATM 1284 O O     . HOH N 2 . ? 15.850  31.096  1.464   1.00 49.28 ? 290 HOH F O     1 
HETATM 1285 O O     . HOH N 2 . ? -10.540 11.215  1.439   1.00 34.77 ? 291 HOH F O     1 
HETATM 1286 O O     . HOH O 2 . ? 17.888  39.814  -12.177 1.00 12.15 ? 115 HOH G O     1 
HETATM 1287 O O     . HOH O 2 . ? 30.566  33.200  -7.705  1.00 41.56 ? 124 HOH G O     1 
HETATM 1288 O O     . HOH O 2 . ? 26.370  35.837  -2.633  1.00 48.60 ? 130 HOH G O     1 
HETATM 1289 O O     . HOH O 2 . ? 8.914   27.435  -13.772 1.00 17.96 ? 133 HOH G O     1 
HETATM 1290 O O     . HOH O 2 . ? 36.380  32.547  -9.357  1.00 56.10 ? 150 HOH G O     1 
HETATM 1291 O O     . HOH O 2 . ? 9.832   31.036  -7.388  1.00 34.27 ? 157 HOH G O     1 
HETATM 1292 O O     . HOH O 2 . ? 12.114  28.900  -15.060 1.00 11.29 ? 159 HOH G O     1 
HETATM 1293 O O     . HOH O 2 . ? 22.928  31.429  -7.181  1.00 49.29 ? 169 HOH G O     1 
HETATM 1294 O O     . HOH O 2 . ? 16.283  38.449  -14.709 1.00 34.15 ? 176 HOH G O     1 
HETATM 1295 O O     . HOH O 2 . ? 12.864  35.053  -10.472 1.00 34.71 ? 177 HOH G O     1 
HETATM 1296 O O     . HOH O 2 . ? 31.302  38.958  0.693   1.00 27.42 ? 184 HOH G O     1 
HETATM 1297 O O     . HOH O 2 . ? 7.198   32.360  -12.206 1.00 58.86 ? 206 HOH G O     1 
HETATM 1298 O O     . HOH O 2 . ? 13.970  37.761  -13.535 1.00 11.06 ? 210 HOH G O     1 
HETATM 1299 O O     . HOH O 2 . ? 15.903  38.056  -11.043 1.00 66.99 ? 242 HOH G O     1 
HETATM 1300 O O     . HOH O 2 . ? 39.927  40.113  -7.558  1.00 41.23 ? 245 HOH G O     1 
HETATM 1301 O O     . HOH O 2 . ? 34.208  41.496  -8.676  1.00 52.28 ? 253 HOH G O     1 
HETATM 1302 O O     . HOH O 2 . ? 11.560  38.996  -11.513 1.00 44.27 ? 262 HOH G O     1 
HETATM 1303 O O     . HOH O 2 . ? 24.400  39.500  -12.508 1.00 41.82 ? 263 HOH G O     1 
HETATM 1304 O O     . HOH O 2 . ? 7.603   25.943  -16.140 1.00 32.68 ? 266 HOH G O     1 
HETATM 1305 O O     . HOH O 2 . ? 29.452  39.925  -11.015 1.00 4.52  ? 277 HOH G O     1 
HETATM 1306 O O     . HOH O 2 . ? 8.637   39.475  -10.857 1.00 83.25 ? 283 HOH G O     1 
HETATM 1307 O O     . HOH O 2 . ? 40.773  38.342  -5.467  1.00 64.18 ? 285 HOH G O     1 
HETATM 1308 O O     . HOH O 2 . ? 23.495  39.259  -15.068 1.00 65.10 ? 288 HOH G O     1 
HETATM 1309 O O     . HOH O 2 . ? 26.252  29.932  -6.020  1.00 50.66 ? 292 HOH G O     1 
HETATM 1310 O O     . HOH P 2 . ? 31.683  41.525  -9.949  1.00 22.56 ? 117 HOH H O     1 
HETATM 1311 O O     . HOH P 2 . ? 6.066   32.376  3.334   1.00 12.84 ? 120 HOH H O     1 
HETATM 1312 O O     . HOH P 2 . ? 10.502  33.271  -5.165  1.00 49.07 ? 126 HOH H O     1 
HETATM 1313 O O     . HOH P 2 . ? 8.957   34.104  -7.588  1.00 21.64 ? 127 HOH H O     1 
HETATM 1314 O O     . HOH P 2 . ? 11.513  35.097  -7.908  1.00 22.47 ? 136 HOH H O     1 
HETATM 1315 O O     . HOH P 2 . ? 22.688  39.084  -1.599  1.00 46.37 ? 140 HOH H O     1 
HETATM 1316 O O     . HOH P 2 . ? 17.974  27.868  -3.861  1.00 66.43 ? 144 HOH H O     1 
HETATM 1317 O O     . HOH P 2 . ? 5.718   32.691  -2.629  1.00 42.02 ? 147 HOH H O     1 
HETATM 1318 O O     . HOH P 2 . ? 24.964  50.714  -8.364  1.00 26.50 ? 163 HOH H O     1 
HETATM 1319 O O     . HOH P 2 . ? 9.134   33.398  4.166   1.00 44.35 ? 164 HOH H O     1 
HETATM 1320 O O     . HOH P 2 . ? 21.213  26.783  -4.073  1.00 25.08 ? 166 HOH H O     1 
HETATM 1321 O O     . HOH P 2 . ? 23.313  41.735  -10.496 1.00 15.66 ? 179 HOH H O     1 
HETATM 1322 O O     . HOH P 2 . ? 26.183  39.248  -1.470  1.00 63.99 ? 182 HOH H O     1 
HETATM 1323 O O     . HOH P 2 . ? 7.478   36.347  -4.355  1.00 41.09 ? 194 HOH H O     1 
HETATM 1324 O O     . HOH P 2 . ? 17.633  24.879  -4.313  1.00 31.27 ? 213 HOH H O     1 
HETATM 1325 O O     . HOH P 2 . ? 21.739  29.700  -2.279  1.00 41.37 ? 214 HOH H O     1 
HETATM 1326 O O     . HOH P 2 . ? 20.087  23.037  -3.276  1.00 31.57 ? 232 HOH H O     1 
HETATM 1327 O O     . HOH P 2 . ? 11.742  44.567  -5.922  1.00 53.41 ? 236 HOH H O     1 
HETATM 1328 O O     . HOH P 2 . ? 5.849   29.013  -3.157  1.00 27.92 ? 237 HOH H O     1 
HETATM 1329 O O     . HOH P 2 . ? 10.732  34.496  2.150   1.00 64.62 ? 249 HOH H O     1 
HETATM 1330 O O     . HOH P 2 . ? 23.862  32.188  -2.561  1.00 40.73 ? 251 HOH H O     1 
HETATM 1331 O O     . HOH P 2 . ? 5.421   28.471  -0.263  1.00 46.64 ? 269 HOH H O     1 
HETATM 1332 O O     . HOH P 2 . ? 11.098  31.422  4.231   1.00 59.33 ? 272 HOH H O     1 
HETATM 1333 O O     . HOH P 2 . ? 31.986  44.766  -10.057 1.00 47.03 ? 274 HOH H O     1 
HETATM 1334 O O     . HOH P 2 . ? 21.422  42.102  -12.487 1.00 62.92 ? 282 HOH H O     1 
HETATM 1335 O O     . HOH P 2 . ? 11.126  46.558  -7.878  1.00 75.08 ? 284 HOH H O     1 
HETATM 1336 O O     . HOH P 2 . ? 8.694   37.740  -7.684  1.00 82.19 ? 286 HOH H O     1 
HETATM 1337 O O     . HOH P 2 . ? 7.700   33.176  -5.223  1.00 42.24 ? 289 HOH H O     1 
HETATM 1338 O O     . HOH P 2 . ? 10.121  41.588  -7.127  1.00 64.48 ? 299 HOH H O     1 
HETATM 1339 O O     . HOH P 2 . ? 21.345  46.711  -13.200 1.00 39.50 ? 301 HOH H O     1 
# 
loop_
_pdbx_poly_seq_scheme.asym_id 
_pdbx_poly_seq_scheme.entity_id 
_pdbx_poly_seq_scheme.seq_id 
_pdbx_poly_seq_scheme.mon_id 
_pdbx_poly_seq_scheme.ndb_seq_num 
_pdbx_poly_seq_scheme.pdb_seq_num 
_pdbx_poly_seq_scheme.auth_seq_num 
_pdbx_poly_seq_scheme.pdb_mon_id 
_pdbx_poly_seq_scheme.auth_mon_id 
_pdbx_poly_seq_scheme.pdb_strand_id 
_pdbx_poly_seq_scheme.pdb_ins_code 
_pdbx_poly_seq_scheme.hetero 
A 1 1 CP1 1 1 1 CP1 CP1 A . n 
A 1 2 GPN 2 2 2 GPN GPN A . n 
A 1 3 TP1 3 3 3 TP1 TP1 A . n 
A 1 4 APN 4 4 4 APN APN A . n 
A 1 5 CP1 5 5 5 CP1 CP1 A . n 
A 1 6 GPN 6 6 6 GPN GPN A . n 
A 1 7 LYS 7 7 6 LYS LYS A . n 
B 1 1 CP1 1 1 1 CP1 CP1 B . n 
B 1 2 GPN 2 2 2 GPN GPN B . n 
B 1 3 TP1 3 3 3 TP1 TP1 B . n 
B 1 4 APN 4 4 4 APN APN B . n 
B 1 5 CP1 5 5 5 CP1 CP1 B . n 
B 1 6 GPN 6 6 6 GPN GPN B . n 
B 1 7 LYS 7 7 6 LYS LYS B . n 
C 1 1 CP1 1 1 1 CP1 CP1 C . n 
C 1 2 GPN 2 2 2 GPN GPN C . n 
C 1 3 TP1 3 3 3 TP1 TP1 C . n 
C 1 4 APN 4 4 4 APN APN C . n 
C 1 5 CP1 5 5 5 CP1 CP1 C . n 
C 1 6 GPN 6 6 6 GPN GPN C . n 
C 1 7 LYS 7 7 6 LYS LYS C . n 
D 1 1 CP1 1 1 1 CP1 CP1 D . n 
D 1 2 GPN 2 2 2 GPN GPN D . n 
D 1 3 TP1 3 3 3 TP1 TP1 D . n 
D 1 4 APN 4 4 4 APN APN D . n 
D 1 5 CP1 5 5 5 CP1 CP1 D . n 
D 1 6 GPN 6 6 6 GPN GPN D . n 
D 1 7 LYS 7 7 6 LYS LYS D . n 
E 1 1 CP1 1 1 1 CP1 CP1 E . n 
E 1 2 GPN 2 2 2 GPN GPN E . n 
E 1 3 TP1 3 3 3 TP1 TP1 E . n 
E 1 4 APN 4 4 4 APN APN E . n 
E 1 5 CP1 5 5 5 CP1 CP1 E . n 
E 1 6 GPN 6 6 6 GPN GPN E . n 
E 1 7 LYS 7 7 6 LYS LYS E . n 
F 1 1 CP1 1 1 1 CP1 CP1 F . n 
F 1 2 GPN 2 2 2 GPN GPN F . n 
F 1 3 TP1 3 3 3 TP1 TP1 F . n 
F 1 4 APN 4 4 4 APN APN F . n 
F 1 5 CP1 5 5 5 CP1 CP1 F . n 
F 1 6 GPN 6 6 6 GPN GPN F . n 
F 1 7 LYS 7 7 6 LYS LYS F . n 
G 1 1 CP1 1 1 1 CP1 CP1 G . n 
G 1 2 GPN 2 2 2 GPN GPN G . n 
G 1 3 TP1 3 3 3 TP1 TP1 G . n 
G 1 4 APN 4 4 4 APN APN G . n 
G 1 5 CP1 5 5 5 CP1 CP1 G . n 
G 1 6 GPN 6 6 6 GPN GPN G . n 
G 1 7 LYS 7 7 6 LYS LYS G . n 
H 1 1 CP1 1 1 1 CP1 CP1 H . n 
H 1 2 GPN 2 2 2 GPN GPN H . n 
H 1 3 TP1 3 3 3 TP1 TP1 H . n 
H 1 4 APN 4 4 4 APN APN H . n 
H 1 5 CP1 5 5 5 CP1 CP1 H . n 
H 1 6 GPN 6 6 6 GPN GPN H . n 
H 1 7 LYS 7 7 6 LYS LYS H . n 
# 
loop_
_pdbx_nonpoly_scheme.asym_id 
_pdbx_nonpoly_scheme.entity_id 
_pdbx_nonpoly_scheme.mon_id 
_pdbx_nonpoly_scheme.ndb_seq_num 
_pdbx_nonpoly_scheme.pdb_seq_num 
_pdbx_nonpoly_scheme.auth_seq_num 
_pdbx_nonpoly_scheme.pdb_mon_id 
_pdbx_nonpoly_scheme.auth_mon_id 
_pdbx_nonpoly_scheme.pdb_strand_id 
_pdbx_nonpoly_scheme.pdb_ins_code 
I 2 HOH 1  103 103 HOH HOH A . 
I 2 HOH 2  121 121 HOH HOH A . 
I 2 HOH 3  134 134 HOH HOH A . 
I 2 HOH 4  138 138 HOH HOH A . 
I 2 HOH 5  139 139 HOH HOH A . 
I 2 HOH 6  143 143 HOH HOH A . 
I 2 HOH 7  148 148 HOH HOH A . 
I 2 HOH 8  151 151 HOH HOH A . 
I 2 HOH 9  154 154 HOH HOH A . 
I 2 HOH 10 158 158 HOH HOH A . 
I 2 HOH 11 160 160 HOH HOH A . 
I 2 HOH 12 181 181 HOH HOH A . 
I 2 HOH 13 187 187 HOH HOH A . 
I 2 HOH 14 188 188 HOH HOH A . 
I 2 HOH 15 192 192 HOH HOH A . 
I 2 HOH 16 196 196 HOH HOH A . 
I 2 HOH 17 201 201 HOH HOH A . 
I 2 HOH 18 207 207 HOH HOH A . 
I 2 HOH 19 208 208 HOH HOH A . 
I 2 HOH 20 217 217 HOH HOH A . 
I 2 HOH 21 221 221 HOH HOH A . 
I 2 HOH 22 238 238 HOH HOH A . 
I 2 HOH 23 243 243 HOH HOH A . 
I 2 HOH 24 254 254 HOH HOH A . 
I 2 HOH 25 256 256 HOH HOH A . 
I 2 HOH 26 268 268 HOH HOH A . 
I 2 HOH 27 278 278 HOH HOH A . 
I 2 HOH 28 280 280 HOH HOH A . 
I 2 HOH 29 281 281 HOH HOH A . 
I 2 HOH 30 287 287 HOH HOH A . 
I 2 HOH 31 295 295 HOH HOH A . 
J 2 HOH 1  104 104 HOH HOH B . 
J 2 HOH 2  110 110 HOH HOH B . 
J 2 HOH 3  119 119 HOH HOH B . 
J 2 HOH 4  122 122 HOH HOH B . 
J 2 HOH 5  123 123 HOH HOH B . 
J 2 HOH 6  129 129 HOH HOH B . 
J 2 HOH 7  131 131 HOH HOH B . 
J 2 HOH 8  141 141 HOH HOH B . 
J 2 HOH 9  149 149 HOH HOH B . 
J 2 HOH 10 152 152 HOH HOH B . 
J 2 HOH 11 153 153 HOH HOH B . 
J 2 HOH 12 155 155 HOH HOH B . 
J 2 HOH 13 161 161 HOH HOH B . 
J 2 HOH 14 162 162 HOH HOH B . 
J 2 HOH 15 171 171 HOH HOH B . 
J 2 HOH 16 190 190 HOH HOH B . 
J 2 HOH 17 197 197 HOH HOH B . 
J 2 HOH 18 205 205 HOH HOH B . 
J 2 HOH 19 211 211 HOH HOH B . 
J 2 HOH 20 216 216 HOH HOH B . 
J 2 HOH 21 219 219 HOH HOH B . 
J 2 HOH 22 228 228 HOH HOH B . 
J 2 HOH 23 231 231 HOH HOH B . 
J 2 HOH 24 233 233 HOH HOH B . 
J 2 HOH 25 239 239 HOH HOH B . 
J 2 HOH 26 241 241 HOH HOH B . 
J 2 HOH 27 246 246 HOH HOH B . 
J 2 HOH 28 250 250 HOH HOH B . 
J 2 HOH 29 260 260 HOH HOH B . 
J 2 HOH 30 265 265 HOH HOH B . 
J 2 HOH 31 267 267 HOH HOH B . 
J 2 HOH 32 294 294 HOH HOH B . 
J 2 HOH 33 296 296 HOH HOH B . 
J 2 HOH 34 297 297 HOH HOH B . 
J 2 HOH 35 302 302 HOH HOH B . 
J 2 HOH 36 303 303 HOH HOH B . 
J 2 HOH 37 304 304 HOH HOH B . 
J 2 HOH 38 305 305 HOH HOH B . 
K 2 HOH 1  102 102 HOH HOH C . 
K 2 HOH 2  105 105 HOH HOH C . 
K 2 HOH 3  108 108 HOH HOH C . 
K 2 HOH 4  113 113 HOH HOH C . 
K 2 HOH 5  132 132 HOH HOH C . 
K 2 HOH 6  135 135 HOH HOH C . 
K 2 HOH 7  165 165 HOH HOH C . 
K 2 HOH 8  167 167 HOH HOH C . 
K 2 HOH 9  170 170 HOH HOH C . 
K 2 HOH 10 174 174 HOH HOH C . 
K 2 HOH 11 180 180 HOH HOH C . 
K 2 HOH 12 185 185 HOH HOH C . 
K 2 HOH 13 186 186 HOH HOH C . 
K 2 HOH 14 203 203 HOH HOH C . 
K 2 HOH 15 224 224 HOH HOH C . 
K 2 HOH 16 230 230 HOH HOH C . 
K 2 HOH 17 248 248 HOH HOH C . 
K 2 HOH 18 257 257 HOH HOH C . 
K 2 HOH 19 259 259 HOH HOH C . 
K 2 HOH 20 275 275 HOH HOH C . 
K 2 HOH 21 293 293 HOH HOH C . 
L 2 HOH 1  106 106 HOH HOH D . 
L 2 HOH 2  112 112 HOH HOH D . 
L 2 HOH 3  114 114 HOH HOH D . 
L 2 HOH 4  118 118 HOH HOH D . 
L 2 HOH 5  142 142 HOH HOH D . 
L 2 HOH 6  145 145 HOH HOH D . 
L 2 HOH 7  146 146 HOH HOH D . 
L 2 HOH 8  172 172 HOH HOH D . 
L 2 HOH 9  191 191 HOH HOH D . 
L 2 HOH 10 198 198 HOH HOH D . 
L 2 HOH 11 204 204 HOH HOH D . 
L 2 HOH 12 226 226 HOH HOH D . 
L 2 HOH 13 229 229 HOH HOH D . 
L 2 HOH 14 258 258 HOH HOH D . 
L 2 HOH 15 261 261 HOH HOH D . 
L 2 HOH 16 270 270 HOH HOH D . 
L 2 HOH 17 306 306 HOH HOH D . 
M 2 HOH 1  101 101 HOH HOH E . 
M 2 HOH 2  107 107 HOH HOH E . 
M 2 HOH 3  111 111 HOH HOH E . 
M 2 HOH 4  128 128 HOH HOH E . 
M 2 HOH 5  137 137 HOH HOH E . 
M 2 HOH 6  168 168 HOH HOH E . 
M 2 HOH 7  189 189 HOH HOH E . 
M 2 HOH 8  193 193 HOH HOH E . 
M 2 HOH 9  199 199 HOH HOH E . 
M 2 HOH 10 218 218 HOH HOH E . 
M 2 HOH 11 223 223 HOH HOH E . 
M 2 HOH 12 234 234 HOH HOH E . 
M 2 HOH 13 235 235 HOH HOH E . 
M 2 HOH 14 244 244 HOH HOH E . 
M 2 HOH 15 252 252 HOH HOH E . 
M 2 HOH 16 264 264 HOH HOH E . 
M 2 HOH 17 271 271 HOH HOH E . 
M 2 HOH 18 298 298 HOH HOH E . 
M 2 HOH 19 300 300 HOH HOH E . 
M 2 HOH 20 307 307 HOH HOH E . 
N 2 HOH 1  109 109 HOH HOH F . 
N 2 HOH 2  116 116 HOH HOH F . 
N 2 HOH 3  125 125 HOH HOH F . 
N 2 HOH 4  156 156 HOH HOH F . 
N 2 HOH 5  173 173 HOH HOH F . 
N 2 HOH 6  175 175 HOH HOH F . 
N 2 HOH 7  178 178 HOH HOH F . 
N 2 HOH 8  183 183 HOH HOH F . 
N 2 HOH 9  200 200 HOH HOH F . 
N 2 HOH 10 202 202 HOH HOH F . 
N 2 HOH 11 209 209 HOH HOH F . 
N 2 HOH 12 212 212 HOH HOH F . 
N 2 HOH 13 215 215 HOH HOH F . 
N 2 HOH 14 220 220 HOH HOH F . 
N 2 HOH 15 222 222 HOH HOH F . 
N 2 HOH 16 225 225 HOH HOH F . 
N 2 HOH 17 227 227 HOH HOH F . 
N 2 HOH 18 247 247 HOH HOH F . 
N 2 HOH 19 255 255 HOH HOH F . 
N 2 HOH 20 276 276 HOH HOH F . 
N 2 HOH 21 290 290 HOH HOH F . 
N 2 HOH 22 291 291 HOH HOH F . 
O 2 HOH 1  115 115 HOH HOH G . 
O 2 HOH 2  124 124 HOH HOH G . 
O 2 HOH 3  130 130 HOH HOH G . 
O 2 HOH 4  133 133 HOH HOH G . 
O 2 HOH 5  150 150 HOH HOH G . 
O 2 HOH 6  157 157 HOH HOH G . 
O 2 HOH 7  159 159 HOH HOH G . 
O 2 HOH 8  169 169 HOH HOH G . 
O 2 HOH 9  176 176 HOH HOH G . 
O 2 HOH 10 177 177 HOH HOH G . 
O 2 HOH 11 184 184 HOH HOH G . 
O 2 HOH 12 206 206 HOH HOH G . 
O 2 HOH 13 210 210 HOH HOH G . 
O 2 HOH 14 242 242 HOH HOH G . 
O 2 HOH 15 245 245 HOH HOH G . 
O 2 HOH 16 253 253 HOH HOH G . 
O 2 HOH 17 262 262 HOH HOH G . 
O 2 HOH 18 263 263 HOH HOH G . 
O 2 HOH 19 266 266 HOH HOH G . 
O 2 HOH 20 277 277 HOH HOH G . 
O 2 HOH 21 283 283 HOH HOH G . 
O 2 HOH 22 285 285 HOH HOH G . 
O 2 HOH 23 288 288 HOH HOH G . 
O 2 HOH 24 292 292 HOH HOH G . 
P 2 HOH 1  117 117 HOH HOH H . 
P 2 HOH 2  120 120 HOH HOH H . 
P 2 HOH 3  126 126 HOH HOH H . 
P 2 HOH 4  127 127 HOH HOH H . 
P 2 HOH 5  136 136 HOH HOH H . 
P 2 HOH 6  140 140 HOH HOH H . 
P 2 HOH 7  144 144 HOH HOH H . 
P 2 HOH 8  147 147 HOH HOH H . 
P 2 HOH 9  163 163 HOH HOH H . 
P 2 HOH 10 164 164 HOH HOH H . 
P 2 HOH 11 166 166 HOH HOH H . 
P 2 HOH 12 179 179 HOH HOH H . 
P 2 HOH 13 182 182 HOH HOH H . 
P 2 HOH 14 194 194 HOH HOH H . 
P 2 HOH 15 213 213 HOH HOH H . 
P 2 HOH 16 214 214 HOH HOH H . 
P 2 HOH 17 232 232 HOH HOH H . 
P 2 HOH 18 236 236 HOH HOH H . 
P 2 HOH 19 237 237 HOH HOH H . 
P 2 HOH 20 249 249 HOH HOH H . 
P 2 HOH 21 251 251 HOH HOH H . 
P 2 HOH 22 269 269 HOH HOH H . 
P 2 HOH 23 272 272 HOH HOH H . 
P 2 HOH 24 274 274 HOH HOH H . 
P 2 HOH 25 282 282 HOH HOH H . 
P 2 HOH 26 284 284 HOH HOH H . 
P 2 HOH 27 286 286 HOH HOH H . 
P 2 HOH 28 289 289 HOH HOH H . 
P 2 HOH 29 299 299 HOH HOH H . 
P 2 HOH 30 301 301 HOH HOH H . 
# 
loop_
_pdbx_struct_mod_residue.id 
_pdbx_struct_mod_residue.label_asym_id 
_pdbx_struct_mod_residue.label_comp_id 
_pdbx_struct_mod_residue.label_seq_id 
_pdbx_struct_mod_residue.auth_asym_id 
_pdbx_struct_mod_residue.auth_comp_id 
_pdbx_struct_mod_residue.auth_seq_id 
_pdbx_struct_mod_residue.PDB_ins_code 
_pdbx_struct_mod_residue.parent_comp_id 
_pdbx_struct_mod_residue.details 
1  A CP1 1 A CP1 1 ? DC ? 
2  A GPN 2 A GPN 2 ? DG ? 
3  A TP1 3 A TP1 3 ? DT ? 
4  A APN 4 A APN 4 ? DA ? 
5  A CP1 5 A CP1 5 ? DC ? 
6  A GPN 6 A GPN 6 ? DG ? 
7  B CP1 1 B CP1 1 ? DC ? 
8  B GPN 2 B GPN 2 ? DG ? 
9  B TP1 3 B TP1 3 ? DT ? 
10 B APN 4 B APN 4 ? DA ? 
11 B CP1 5 B CP1 5 ? DC ? 
12 B GPN 6 B GPN 6 ? DG ? 
13 C CP1 1 C CP1 1 ? DC ? 
14 C GPN 2 C GPN 2 ? DG ? 
15 C TP1 3 C TP1 3 ? DT ? 
16 C APN 4 C APN 4 ? DA ? 
17 C CP1 5 C CP1 5 ? DC ? 
18 C GPN 6 C GPN 6 ? DG ? 
19 D CP1 1 D CP1 1 ? DC ? 
20 D GPN 2 D GPN 2 ? DG ? 
21 D TP1 3 D TP1 3 ? DT ? 
22 D APN 4 D APN 4 ? DA ? 
23 D CP1 5 D CP1 5 ? DC ? 
24 D GPN 6 D GPN 6 ? DG ? 
25 E CP1 1 E CP1 1 ? DC ? 
26 E GPN 2 E GPN 2 ? DG ? 
27 E TP1 3 E TP1 3 ? DT ? 
28 E APN 4 E APN 4 ? DA ? 
29 E CP1 5 E CP1 5 ? DC ? 
30 E GPN 6 E GPN 6 ? DG ? 
31 F CP1 1 F CP1 1 ? DC ? 
32 F GPN 2 F GPN 2 ? DG ? 
33 F TP1 3 F TP1 3 ? DT ? 
34 F APN 4 F APN 4 ? DA ? 
35 F CP1 5 F CP1 5 ? DC ? 
36 F GPN 6 F GPN 6 ? DG ? 
37 G CP1 1 G CP1 1 ? DC ? 
38 G GPN 2 G GPN 2 ? DG ? 
39 G TP1 3 G TP1 3 ? DT ? 
40 G APN 4 G APN 4 ? DA ? 
41 G CP1 5 G CP1 5 ? DC ? 
42 G GPN 6 G GPN 6 ? DG ? 
43 H CP1 1 H CP1 1 ? DC ? 
44 H GPN 2 H GPN 2 ? DG ? 
45 H TP1 3 H TP1 3 ? DT ? 
46 H APN 4 H APN 4 ? DA ? 
47 H CP1 5 H CP1 5 ? DC ? 
48 H GPN 6 H GPN 6 ? DG ? 
# 
loop_
_pdbx_struct_assembly.id 
_pdbx_struct_assembly.details 
_pdbx_struct_assembly.method_details 
_pdbx_struct_assembly.oligomeric_details 
_pdbx_struct_assembly.oligomeric_count 
1 author_defined_assembly ? dimeric 2 
2 author_defined_assembly ? dimeric 2 
3 author_defined_assembly ? dimeric 2 
4 author_defined_assembly ? dimeric 2 
# 
loop_
_pdbx_struct_assembly_gen.assembly_id 
_pdbx_struct_assembly_gen.oper_expression 
_pdbx_struct_assembly_gen.asym_id_list 
1 1 A,B,I,J 
2 1 C,D,K,L 
3 1 E,F,M,N 
4 1 G,H,O,P 
# 
_pdbx_struct_oper_list.id                   1 
_pdbx_struct_oper_list.type                 'identity operation' 
_pdbx_struct_oper_list.name                 1_555 
_pdbx_struct_oper_list.symmetry_operation   x,y,z 
_pdbx_struct_oper_list.matrix[1][1]         1.0000000000 
_pdbx_struct_oper_list.matrix[1][2]         0.0000000000 
_pdbx_struct_oper_list.matrix[1][3]         0.0000000000 
_pdbx_struct_oper_list.vector[1]            0.0000000000 
_pdbx_struct_oper_list.matrix[2][1]         0.0000000000 
_pdbx_struct_oper_list.matrix[2][2]         1.0000000000 
_pdbx_struct_oper_list.matrix[2][3]         0.0000000000 
_pdbx_struct_oper_list.vector[2]            0.0000000000 
_pdbx_struct_oper_list.matrix[3][1]         0.0000000000 
_pdbx_struct_oper_list.matrix[3][2]         0.0000000000 
_pdbx_struct_oper_list.matrix[3][3]         1.0000000000 
_pdbx_struct_oper_list.vector[3]            0.0000000000 
# 
loop_
_pdbx_audit_revision_history.ordinal 
_pdbx_audit_revision_history.data_content_type 
_pdbx_audit_revision_history.major_revision 
_pdbx_audit_revision_history.minor_revision 
_pdbx_audit_revision_history.revision_date 
1 'Structure model' 1 0 2001-02-21 
2 'Structure model' 1 1 2008-04-27 
3 'Structure model' 1 2 2011-07-13 
4 'Structure model' 1 3 2018-01-31 
5 'Structure model' 2 0 2023-11-15 
# 
_pdbx_audit_revision_details.ordinal             1 
_pdbx_audit_revision_details.revision_ordinal    1 
_pdbx_audit_revision_details.data_content_type   'Structure model' 
_pdbx_audit_revision_details.provider            repository 
_pdbx_audit_revision_details.type                'Initial release' 
_pdbx_audit_revision_details.description         ? 
_pdbx_audit_revision_details.details             ? 
# 
loop_
_pdbx_audit_revision_group.ordinal 
_pdbx_audit_revision_group.revision_ordinal 
_pdbx_audit_revision_group.data_content_type 
_pdbx_audit_revision_group.group 
1 2 'Structure model' 'Version format compliance' 
2 3 'Structure model' 'Non-polymer description'   
3 3 'Structure model' 'Version format compliance' 
4 4 'Structure model' 'Experimental preparation'  
5 5 'Structure model' Advisory                    
6 5 'Structure model' 'Atomic model'              
7 5 'Structure model' 'Data collection'           
8 5 'Structure model' 'Database references'       
9 5 'Structure model' 'Derived calculations'      
# 
loop_
_pdbx_audit_revision_category.ordinal 
_pdbx_audit_revision_category.revision_ordinal 
_pdbx_audit_revision_category.data_content_type 
_pdbx_audit_revision_category.category 
1 4 'Structure model' exptl_crystal_grow          
2 5 'Structure model' atom_site                   
3 5 'Structure model' chem_comp_atom              
4 5 'Structure model' chem_comp_bond              
5 5 'Structure model' database_2                  
6 5 'Structure model' pdbx_validate_close_contact 
7 5 'Structure model' struct_conn                 
# 
loop_
_pdbx_audit_revision_item.ordinal 
_pdbx_audit_revision_item.revision_ordinal 
_pdbx_audit_revision_item.data_content_type 
_pdbx_audit_revision_item.item 
1  4 'Structure model' '_exptl_crystal_grow.temp'                    
2  5 'Structure model' '_atom_site.auth_atom_id'                     
3  5 'Structure model' '_atom_site.label_atom_id'                    
4  5 'Structure model' '_database_2.pdbx_DOI'                        
5  5 'Structure model' '_database_2.pdbx_database_accession'         
6  5 'Structure model' '_pdbx_validate_close_contact.auth_atom_id_1' 
7  5 'Structure model' '_struct_conn.pdbx_dist_value'                
8  5 'Structure model' '_struct_conn.pdbx_leaving_atom_flag'         
9  5 'Structure model' '_struct_conn.pdbx_ptnr1_label_alt_id'        
10 5 'Structure model' '_struct_conn.pdbx_ptnr2_label_alt_id'        
11 5 'Structure model' '_struct_conn.ptnr1_auth_asym_id'             
12 5 'Structure model' '_struct_conn.ptnr1_auth_comp_id'             
13 5 'Structure model' '_struct_conn.ptnr1_auth_seq_id'              
14 5 'Structure model' '_struct_conn.ptnr1_label_asym_id'            
15 5 'Structure model' '_struct_conn.ptnr1_label_atom_id'            
16 5 'Structure model' '_struct_conn.ptnr1_label_comp_id'            
17 5 'Structure model' '_struct_conn.ptnr1_label_seq_id'             
18 5 'Structure model' '_struct_conn.ptnr2_auth_asym_id'             
19 5 'Structure model' '_struct_conn.ptnr2_auth_comp_id'             
20 5 'Structure model' '_struct_conn.ptnr2_auth_seq_id'              
21 5 'Structure model' '_struct_conn.ptnr2_label_asym_id'            
22 5 'Structure model' '_struct_conn.ptnr2_label_atom_id'            
23 5 'Structure model' '_struct_conn.ptnr2_label_comp_id'            
24 5 'Structure model' '_struct_conn.ptnr2_label_seq_id'             
# 
loop_
_software.name 
_software.classification 
_software.version 
_software.citation_id 
_software.pdbx_ordinal 
AMoRE     phasing          .     ? 1 
X-PLOR    refinement       3.851 ? 2 
DENZO     'data reduction' .     ? 3 
SCALEPACK 'data scaling'   .     ? 4 
# 
loop_
_pdbx_validate_close_contact.id 
_pdbx_validate_close_contact.PDB_model_num 
_pdbx_validate_close_contact.auth_atom_id_1 
_pdbx_validate_close_contact.auth_asym_id_1 
_pdbx_validate_close_contact.auth_comp_id_1 
_pdbx_validate_close_contact.auth_seq_id_1 
_pdbx_validate_close_contact.PDB_ins_code_1 
_pdbx_validate_close_contact.label_alt_id_1 
_pdbx_validate_close_contact.auth_atom_id_2 
_pdbx_validate_close_contact.auth_asym_id_2 
_pdbx_validate_close_contact.auth_comp_id_2 
_pdbx_validate_close_contact.auth_seq_id_2 
_pdbx_validate_close_contact.PDB_ins_code_2 
_pdbx_validate_close_contact.label_alt_id_2 
_pdbx_validate_close_contact.dist 
1 1 "O1'" F TP1 3 ? B O F HOH 200 ? ? 1.66 
2 1 "O1'" B TP1 3 ? A O B HOH 303 ? ? 1.89 
3 1 O     E GPN 6 ? ? O E HOH 137 ? ? 1.96 
4 1 "O1'" E TP1 3 ? B O E HOH 199 ? ? 1.97 
5 1 "O1'" D TP1 3 ? B O D HOH 306 ? ? 2.08 
6 1 "O1'" B TP1 3 ? B O B HOH 123 ? ? 2.15 
7 1 "O1'" C CP1 1 ? B O C HOH 185 ? ? 2.16 
8 1 O     H GPN 2 ? ? O H HOH 194 ? ? 2.17 
9 1 N3    G GPN 6 ? ? O G HOH 157 ? ? 2.17 
# 
_pdbx_validate_symm_contact.id                1 
_pdbx_validate_symm_contact.PDB_model_num     1 
_pdbx_validate_symm_contact.auth_atom_id_1    "N1'" 
_pdbx_validate_symm_contact.auth_asym_id_1    B 
_pdbx_validate_symm_contact.auth_comp_id_1    CP1 
_pdbx_validate_symm_contact.auth_seq_id_1     1 
_pdbx_validate_symm_contact.PDB_ins_code_1    ? 
_pdbx_validate_symm_contact.label_alt_id_1    ? 
_pdbx_validate_symm_contact.site_symmetry_1   1_555 
_pdbx_validate_symm_contact.auth_atom_id_2    "O1'" 
_pdbx_validate_symm_contact.auth_asym_id_2    C 
_pdbx_validate_symm_contact.auth_comp_id_2    CP1 
_pdbx_validate_symm_contact.auth_seq_id_2     1 
_pdbx_validate_symm_contact.PDB_ins_code_2    ? 
_pdbx_validate_symm_contact.label_alt_id_2    A 
_pdbx_validate_symm_contact.site_symmetry_2   2_547 
_pdbx_validate_symm_contact.dist              2.13 
# 
loop_
_pdbx_validate_rmsd_bond.id 
_pdbx_validate_rmsd_bond.PDB_model_num 
_pdbx_validate_rmsd_bond.auth_atom_id_1 
_pdbx_validate_rmsd_bond.auth_asym_id_1 
_pdbx_validate_rmsd_bond.auth_comp_id_1 
_pdbx_validate_rmsd_bond.auth_seq_id_1 
_pdbx_validate_rmsd_bond.PDB_ins_code_1 
_pdbx_validate_rmsd_bond.label_alt_id_1 
_pdbx_validate_rmsd_bond.auth_atom_id_2 
_pdbx_validate_rmsd_bond.auth_asym_id_2 
_pdbx_validate_rmsd_bond.auth_comp_id_2 
_pdbx_validate_rmsd_bond.auth_seq_id_2 
_pdbx_validate_rmsd_bond.PDB_ins_code_2 
_pdbx_validate_rmsd_bond.label_alt_id_2 
_pdbx_validate_rmsd_bond.bond_value 
_pdbx_validate_rmsd_bond.bond_target_value 
_pdbx_validate_rmsd_bond.bond_deviation 
_pdbx_validate_rmsd_bond.bond_standard_deviation 
_pdbx_validate_rmsd_bond.linker_flag 
1 1 C A LYS 7 ? ? OXT A LYS 7 ? ? 1.346 1.229 0.117 0.019 N 
2 1 C E LYS 7 ? ? O   E LYS 7 ? ? 1.358 1.229 0.129 0.019 N 
3 1 C E LYS 7 ? ? OXT E LYS 7 ? ? 1.423 1.229 0.194 0.019 N 
4 1 C G LYS 7 ? ? OXT G LYS 7 ? ? 1.345 1.229 0.116 0.019 N 
# 
loop_
_pdbx_validate_rmsd_angle.id 
_pdbx_validate_rmsd_angle.PDB_model_num 
_pdbx_validate_rmsd_angle.auth_atom_id_1 
_pdbx_validate_rmsd_angle.auth_asym_id_1 
_pdbx_validate_rmsd_angle.auth_comp_id_1 
_pdbx_validate_rmsd_angle.auth_seq_id_1 
_pdbx_validate_rmsd_angle.PDB_ins_code_1 
_pdbx_validate_rmsd_angle.label_alt_id_1 
_pdbx_validate_rmsd_angle.auth_atom_id_2 
_pdbx_validate_rmsd_angle.auth_asym_id_2 
_pdbx_validate_rmsd_angle.auth_comp_id_2 
_pdbx_validate_rmsd_angle.auth_seq_id_2 
_pdbx_validate_rmsd_angle.PDB_ins_code_2 
_pdbx_validate_rmsd_angle.label_alt_id_2 
_pdbx_validate_rmsd_angle.auth_atom_id_3 
_pdbx_validate_rmsd_angle.auth_asym_id_3 
_pdbx_validate_rmsd_angle.auth_comp_id_3 
_pdbx_validate_rmsd_angle.auth_seq_id_3 
_pdbx_validate_rmsd_angle.PDB_ins_code_3 
_pdbx_validate_rmsd_angle.label_alt_id_3 
_pdbx_validate_rmsd_angle.angle_value 
_pdbx_validate_rmsd_angle.angle_target_value 
_pdbx_validate_rmsd_angle.angle_deviation 
_pdbx_validate_rmsd_angle.angle_standard_deviation 
_pdbx_validate_rmsd_angle.linker_flag 
1 1 CA A LYS 7 ? ? CB A LYS 7 ? ? CG A LYS 7 ? ? 98.83  113.40 -14.57 2.20 N 
2 1 CB A LYS 7 ? ? CG A LYS 7 ? ? CD A LYS 7 ? ? 130.17 111.60 18.57  2.60 N 
3 1 N  A LYS 7 ? ? CA A LYS 7 ? ? C  A LYS 7 ? ? 129.04 111.00 18.04  2.70 N 
4 1 CB C LYS 7 ? ? CA C LYS 7 ? ? C  C LYS 7 ? ? 125.40 110.40 15.00  2.00 N 
5 1 N  C LYS 7 ? ? CA C LYS 7 ? ? CB C LYS 7 ? ? 93.82  110.60 -16.78 1.80 N 
6 1 N  D LYS 7 ? ? CA D LYS 7 ? ? CB D LYS 7 ? ? 94.25  110.60 -16.35 1.80 N 
7 1 N  D LYS 7 ? ? CA D LYS 7 ? ? C  D LYS 7 ? ? 129.36 111.00 18.36  2.70 N 
8 1 CA G LYS 7 ? ? CB G LYS 7 ? ? CG G LYS 7 ? ? 131.76 113.40 18.36  2.20 N 
# 
loop_
_chem_comp_atom.comp_id 
_chem_comp_atom.atom_id 
_chem_comp_atom.type_symbol 
_chem_comp_atom.pdbx_aromatic_flag 
_chem_comp_atom.pdbx_stereo_config 
_chem_comp_atom.pdbx_ordinal 
APN "C8'"  C N N 1   
APN "C7'"  C N N 2   
APN "O7'"  O N N 3   
APN "C5'"  C N N 4   
APN C      C N N 5   
APN O      O N N 6   
APN OXT    O N N 7   
APN "N4'"  N N N 8   
APN "C3'"  C N N 9   
APN "C2'"  C N N 10  
APN N      N N N 11  
APN N9     N Y N 12  
APN C8     C Y N 13  
APN N7     N Y N 14  
APN C5     C Y N 15  
APN C6     C Y N 16  
APN N6     N N N 17  
APN N1     N Y N 18  
APN C2     C Y N 19  
APN N3     N Y N 20  
APN C4     C Y N 21  
APN "H8'1" H N N 22  
APN "H8'2" H N N 23  
APN "H5'1" H N N 24  
APN "H5'2" H N N 25  
APN HXT    H N N 26  
APN "H3'1" H N N 27  
APN "H3'2" H N N 28  
APN "H2'1" H N N 29  
APN "H2'2" H N N 30  
APN H      H N N 31  
APN H2     H N N 32  
APN H3     H N N 33  
APN H8     H N N 34  
APN HN61   H N N 35  
APN HN62   H N N 36  
APN H21    H N N 37  
CP1 "C8'"  C N N 38  
CP1 "C7'"  C N N 39  
CP1 "O7'"  O N N 40  
CP1 "C5'"  C N N 41  
CP1 "C'"   C N N 42  
CP1 "O1'"  O N N 43  
CP1 OXT    O N N 44  
CP1 "N4'"  N N N 45  
CP1 "C3'"  C N N 46  
CP1 "C2'"  C N N 47  
CP1 "N1'"  N N N 48  
CP1 "C1'"  C N N 49  
CP1 N1     N N N 50  
CP1 C2     C N N 51  
CP1 N3     N N N 52  
CP1 C4     C N N 53  
CP1 C5     C N N 54  
CP1 C6     C N N 55  
CP1 O2     O N N 56  
CP1 N4     N N N 57  
CP1 "H8'1" H N N 58  
CP1 "H8'2" H N N 59  
CP1 "H5'1" H N N 60  
CP1 "H5'2" H N N 61  
CP1 HXT    H N N 62  
CP1 "H3'1" H N N 63  
CP1 "H3'2" H N N 64  
CP1 "H2'1" H N N 65  
CP1 "H2'2" H N N 66  
CP1 "H1'"  H N N 67  
CP1 "H1'1" H N N 68  
CP1 "H1'2" H N N 69  
CP1 "H1'3" H N N 70  
CP1 H5     H N N 71  
CP1 H6     H N N 72  
CP1 HN41   H N N 73  
CP1 HN42   H N N 74  
GPN "C8'"  C N N 75  
GPN "C7'"  C N N 76  
GPN "O7'"  O N N 77  
GPN "C5'"  C N N 78  
GPN C      C N N 79  
GPN O      O N N 80  
GPN OXT    O N N 81  
GPN "N4'"  N N N 82  
GPN "C3'"  C N N 83  
GPN "C2'"  C N N 84  
GPN N      N N N 85  
GPN N9     N Y N 86  
GPN C8     C Y N 87  
GPN N7     N Y N 88  
GPN C5     C Y N 89  
GPN C6     C N N 90  
GPN O6     O N N 91  
GPN N1     N N N 92  
GPN C2     C N N 93  
GPN N2     N N N 94  
GPN N3     N N N 95  
GPN C4     C Y N 96  
GPN "H8'1" H N N 97  
GPN "H8'2" H N N 98  
GPN "H5'1" H N N 99  
GPN "H5'2" H N N 100 
GPN HXT    H N N 101 
GPN "H3'1" H N N 102 
GPN "H3'2" H N N 103 
GPN "H2'1" H N N 104 
GPN "H2'2" H N N 105 
GPN H      H N N 106 
GPN H2     H N N 107 
GPN H3     H N N 108 
GPN H8     H N N 109 
GPN HN1    H N N 110 
GPN HN21   H N N 111 
GPN HN22   H N N 112 
HOH O      O N N 113 
HOH H1     H N N 114 
HOH H2     H N N 115 
LYS N      N N N 116 
LYS CA     C N S 117 
LYS C      C N N 118 
LYS O      O N N 119 
LYS CB     C N N 120 
LYS CG     C N N 121 
LYS CD     C N N 122 
LYS CE     C N N 123 
LYS NZ     N N N 124 
LYS OXT    O N N 125 
LYS H      H N N 126 
LYS H2     H N N 127 
LYS HA     H N N 128 
LYS HB2    H N N 129 
LYS HB3    H N N 130 
LYS HG2    H N N 131 
LYS HG3    H N N 132 
LYS HD2    H N N 133 
LYS HD3    H N N 134 
LYS HE2    H N N 135 
LYS HE3    H N N 136 
LYS HZ1    H N N 137 
LYS HZ2    H N N 138 
LYS HZ3    H N N 139 
LYS HXT    H N N 140 
TP1 "C8'"  C N N 141 
TP1 "C7'"  C N N 142 
TP1 "O7'"  O N N 143 
TP1 "C5'"  C N N 144 
TP1 "C'"   C N N 145 
TP1 "O1'"  O N N 146 
TP1 OXT    O N N 147 
TP1 "N4'"  N N N 148 
TP1 "C3'"  C N N 149 
TP1 "C2'"  C N N 150 
TP1 "N1'"  N N N 151 
TP1 "C1'"  C N N 152 
TP1 N1     N N N 153 
TP1 C6     C N N 154 
TP1 C2     C N N 155 
TP1 O2     O N N 156 
TP1 N3     N N N 157 
TP1 C4     C N N 158 
TP1 O4     O N N 159 
TP1 C5     C N N 160 
TP1 C5M    C N N 161 
TP1 "H8'1" H N N 162 
TP1 "H8'2" H N N 163 
TP1 "H5'1" H N N 164 
TP1 "H5'2" H N N 165 
TP1 HXT    H N N 166 
TP1 "H3'1" H N N 167 
TP1 "H3'2" H N N 168 
TP1 "H2'1" H N N 169 
TP1 "H2'2" H N N 170 
TP1 "H1'"  H N N 171 
TP1 "H1'1" H N N 172 
TP1 "H1'2" H N N 173 
TP1 "H1'3" H N N 174 
TP1 H6     H N N 175 
TP1 HN3    H N N 176 
TP1 HM51   H N N 177 
TP1 HM52   H N N 178 
TP1 HM53   H N N 179 
# 
loop_
_chem_comp_bond.comp_id 
_chem_comp_bond.atom_id_1 
_chem_comp_bond.atom_id_2 
_chem_comp_bond.value_order 
_chem_comp_bond.pdbx_aromatic_flag 
_chem_comp_bond.pdbx_stereo_config 
_chem_comp_bond.pdbx_ordinal 
APN "C8'" "C7'"  sing N N 1   
APN "C8'" N9     sing N N 2   
APN "C8'" "H8'1" sing N N 3   
APN "C8'" "H8'2" sing N N 4   
APN "C7'" "O7'"  doub N N 5   
APN "C7'" "N4'"  sing N N 6   
APN "C5'" C      sing N N 7   
APN "C5'" "N4'"  sing N N 8   
APN "C5'" "H5'1" sing N N 9   
APN "C5'" "H5'2" sing N N 10  
APN C     O      doub N N 11  
APN C     OXT    sing N N 12  
APN OXT   HXT    sing N N 13  
APN "N4'" "C3'"  sing N N 14  
APN "C3'" "C2'"  sing N N 15  
APN "C3'" "H3'1" sing N N 16  
APN "C3'" "H3'2" sing N N 17  
APN "C2'" N      sing N N 18  
APN "C2'" "H2'1" sing N N 19  
APN "C2'" "H2'2" sing N N 20  
APN N     H      sing N N 21  
APN N     H2     sing N N 22  
APN N     H3     sing N N 23  
APN N9    C8     sing Y N 24  
APN N9    C4     sing Y N 25  
APN C8    N7     doub Y N 26  
APN C8    H8     sing N N 27  
APN N7    C5     sing Y N 28  
APN C5    C6     sing Y N 29  
APN C5    C4     doub Y N 30  
APN C6    N6     sing N N 31  
APN C6    N1     doub Y N 32  
APN N6    HN61   sing N N 33  
APN N6    HN62   sing N N 34  
APN N1    C2     sing Y N 35  
APN C2    N3     doub Y N 36  
APN C2    H21    sing N N 37  
APN N3    C4     sing Y N 38  
CP1 "C8'" "C7'"  sing N N 39  
CP1 "C8'" N1     sing N N 40  
CP1 "C8'" "H8'1" sing N N 41  
CP1 "C8'" "H8'2" sing N N 42  
CP1 "C7'" "O7'"  doub N N 43  
CP1 "C7'" "N4'"  sing N N 44  
CP1 "C5'" "C'"   sing N N 45  
CP1 "C5'" "N4'"  sing N N 46  
CP1 "C5'" "H5'1" sing N N 47  
CP1 "C5'" "H5'2" sing N N 48  
CP1 "C'"  "O1'"  doub N N 49  
CP1 "C'"  OXT    sing N N 50  
CP1 OXT   HXT    sing N N 51  
CP1 "N4'" "C3'"  sing N N 52  
CP1 "C3'" "C2'"  sing N N 53  
CP1 "C3'" "H3'1" sing N N 54  
CP1 "C3'" "H3'2" sing N N 55  
CP1 "C2'" "N1'"  sing N N 56  
CP1 "C2'" "H2'1" sing N N 57  
CP1 "C2'" "H2'2" sing N N 58  
CP1 "N1'" "C1'"  sing N N 59  
CP1 "N1'" "H1'"  sing N N 60  
CP1 "C1'" "H1'1" sing N N 61  
CP1 "C1'" "H1'2" sing N N 62  
CP1 "C1'" "H1'3" sing N N 63  
CP1 N1    C2     sing N N 64  
CP1 N1    C6     sing N N 65  
CP1 C2    N3     sing N N 66  
CP1 C2    O2     doub N N 67  
CP1 N3    C4     doub N N 68  
CP1 C4    C5     sing N N 69  
CP1 C4    N4     sing N N 70  
CP1 C5    C6     doub N N 71  
CP1 C5    H5     sing N N 72  
CP1 C6    H6     sing N N 73  
CP1 N4    HN41   sing N N 74  
CP1 N4    HN42   sing N N 75  
GPN "C8'" "C7'"  sing N N 76  
GPN "C8'" N9     sing N N 77  
GPN "C8'" "H8'1" sing N N 78  
GPN "C8'" "H8'2" sing N N 79  
GPN "C7'" "O7'"  doub N N 80  
GPN "C7'" "N4'"  sing N N 81  
GPN "C5'" C      sing N N 82  
GPN "C5'" "N4'"  sing N N 83  
GPN "C5'" "H5'1" sing N N 84  
GPN "C5'" "H5'2" sing N N 85  
GPN C     O      doub N N 86  
GPN C     OXT    sing N N 87  
GPN OXT   HXT    sing N N 88  
GPN "N4'" "C3'"  sing N N 89  
GPN "C3'" "C2'"  sing N N 90  
GPN "C3'" "H3'1" sing N N 91  
GPN "C3'" "H3'2" sing N N 92  
GPN "C2'" N      sing N N 93  
GPN "C2'" "H2'1" sing N N 94  
GPN "C2'" "H2'2" sing N N 95  
GPN N     H      sing N N 96  
GPN N     H2     sing N N 97  
GPN N     H3     sing N N 98  
GPN N9    C8     sing Y N 99  
GPN N9    C4     sing Y N 100 
GPN C8    N7     doub Y N 101 
GPN C8    H8     sing N N 102 
GPN N7    C5     sing Y N 103 
GPN C5    C6     sing N N 104 
GPN C5    C4     doub Y N 105 
GPN C6    O6     doub N N 106 
GPN C6    N1     sing N N 107 
GPN N1    C2     sing N N 108 
GPN N1    HN1    sing N N 109 
GPN C2    N2     sing N N 110 
GPN C2    N3     doub N N 111 
GPN N2    HN21   sing N N 112 
GPN N2    HN22   sing N N 113 
GPN N3    C4     sing N N 114 
HOH O     H1     sing N N 115 
HOH O     H2     sing N N 116 
LYS N     CA     sing N N 117 
LYS N     H      sing N N 118 
LYS N     H2     sing N N 119 
LYS CA    C      sing N N 120 
LYS CA    CB     sing N N 121 
LYS CA    HA     sing N N 122 
LYS C     O      doub N N 123 
LYS C     OXT    sing N N 124 
LYS CB    CG     sing N N 125 
LYS CB    HB2    sing N N 126 
LYS CB    HB3    sing N N 127 
LYS CG    CD     sing N N 128 
LYS CG    HG2    sing N N 129 
LYS CG    HG3    sing N N 130 
LYS CD    CE     sing N N 131 
LYS CD    HD2    sing N N 132 
LYS CD    HD3    sing N N 133 
LYS CE    NZ     sing N N 134 
LYS CE    HE2    sing N N 135 
LYS CE    HE3    sing N N 136 
LYS NZ    HZ1    sing N N 137 
LYS NZ    HZ2    sing N N 138 
LYS NZ    HZ3    sing N N 139 
LYS OXT   HXT    sing N N 140 
TP1 "C8'" "C7'"  sing N N 141 
TP1 "C8'" N1     sing N N 142 
TP1 "C8'" "H8'1" sing N N 143 
TP1 "C8'" "H8'2" sing N N 144 
TP1 "C7'" "O7'"  doub N N 145 
TP1 "C7'" "N4'"  sing N N 146 
TP1 "C5'" "C'"   sing N N 147 
TP1 "C5'" "N4'"  sing N N 148 
TP1 "C5'" "H5'1" sing N N 149 
TP1 "C5'" "H5'2" sing N N 150 
TP1 "C'"  "O1'"  doub N N 151 
TP1 "C'"  OXT    sing N N 152 
TP1 OXT   HXT    sing N N 153 
TP1 "N4'" "C3'"  sing N N 154 
TP1 "C3'" "C2'"  sing N N 155 
TP1 "C3'" "H3'1" sing N N 156 
TP1 "C3'" "H3'2" sing N N 157 
TP1 "C2'" "N1'"  sing N N 158 
TP1 "C2'" "H2'1" sing N N 159 
TP1 "C2'" "H2'2" sing N N 160 
TP1 "N1'" "C1'"  sing N N 161 
TP1 "N1'" "H1'"  sing N N 162 
TP1 "C1'" "H1'1" sing N N 163 
TP1 "C1'" "H1'2" sing N N 164 
TP1 "C1'" "H1'3" sing N N 165 
TP1 N1    C6     sing N N 166 
TP1 N1    C2     sing N N 167 
TP1 C6    C5     doub N N 168 
TP1 C6    H6     sing N N 169 
TP1 C2    O2     doub N N 170 
TP1 C2    N3     sing N N 171 
TP1 N3    C4     sing N N 172 
TP1 N3    HN3    sing N N 173 
TP1 C4    O4     doub N N 174 
TP1 C4    C5     sing N N 175 
TP1 C5    C5M    sing N N 176 
TP1 C5M   HM51   sing N N 177 
TP1 C5M   HM52   sing N N 178 
TP1 C5M   HM53   sing N N 179 
# 
_ndb_struct_conf_na.entry_id   1QPY 
_ndb_struct_conf_na.feature    'double helix' 
# 
loop_
_ndb_struct_na_base_pair.model_number 
_ndb_struct_na_base_pair.i_label_asym_id 
_ndb_struct_na_base_pair.i_label_comp_id 
_ndb_struct_na_base_pair.i_label_seq_id 
_ndb_struct_na_base_pair.i_symmetry 
_ndb_struct_na_base_pair.j_label_asym_id 
_ndb_struct_na_base_pair.j_label_comp_id 
_ndb_struct_na_base_pair.j_label_seq_id 
_ndb_struct_na_base_pair.j_symmetry 
_ndb_struct_na_base_pair.shear 
_ndb_struct_na_base_pair.stretch 
_ndb_struct_na_base_pair.stagger 
_ndb_struct_na_base_pair.buckle 
_ndb_struct_na_base_pair.propeller 
_ndb_struct_na_base_pair.opening 
_ndb_struct_na_base_pair.pair_number 
_ndb_struct_na_base_pair.pair_name 
_ndb_struct_na_base_pair.i_auth_asym_id 
_ndb_struct_na_base_pair.i_auth_seq_id 
_ndb_struct_na_base_pair.i_PDB_ins_code 
_ndb_struct_na_base_pair.j_auth_asym_id 
_ndb_struct_na_base_pair.j_auth_seq_id 
_ndb_struct_na_base_pair.j_PDB_ins_code 
_ndb_struct_na_base_pair.hbond_type_28 
_ndb_struct_na_base_pair.hbond_type_12 
1 A GPN 6 1_555 B CP1 1 1_555 -0.344 -0.268 -0.122 -5.220 -3.175 -4.135 1  A_GPN6:CP11_B A 6 ? B 1 ? 19 1 
1 A CP1 5 1_555 B GPN 2 1_555 0.131  -0.359 -0.274 4.430  3.710  -3.535 2  A_CP15:GPN2_B A 5 ? B 2 ? 19 1 
1 A APN 4 1_555 B TP1 3 1_555 -0.015 -0.171 -0.285 -5.167 8.904  -3.259 3  A_APN4:TP13_B A 4 ? B 3 ? 20 1 
1 A TP1 3 1_555 B APN 4 1_555 0.142  -0.121 -0.324 6.326  9.226  -3.308 4  A_TP13:APN4_B A 3 ? B 4 ? 20 1 
1 A GPN 2 1_555 B CP1 5 1_555 -0.059 -0.184 -0.198 -4.018 4.054  -3.561 5  A_GPN2:CP15_B A 2 ? B 5 ? 19 1 
1 A CP1 1 1_555 B GPN 6 1_555 0.326  -0.044 0.002  6.412  -2.115 -3.774 6  A_CP11:GPN6_B A 1 ? B 6 ? 19 1 
1 C GPN 6 1_555 D CP1 1 1_555 -0.019 -0.296 0.399  2.076  3.337  -4.881 7  C_GPN6:CP11_D C 6 ? D 1 ? 19 1 
1 C CP1 5 1_555 D GPN 2 1_555 -0.230 -0.265 -0.173 -5.704 3.687  -6.125 8  C_CP15:GPN2_D C 5 ? D 2 ? 19 1 
1 C APN 4 1_555 D TP1 3 1_555 0.093  -0.159 -0.145 7.957  2.951  -1.437 9  C_APN4:TP13_D C 4 ? D 3 ? 20 1 
1 C TP1 3 1_555 D APN 4 1_555 -0.406 -0.181 -0.192 -8.334 2.146  -1.322 10 C_TP13:APN4_D C 3 ? D 4 ? 20 1 
1 C GPN 2 1_555 D CP1 5 1_555 -0.076 -0.313 -0.290 4.487  2.918  -6.165 11 C_GPN2:CP15_D C 2 ? D 5 ? 19 1 
1 C CP1 1 1_555 D GPN 6 1_555 -0.313 -0.386 0.270  -3.100 2.485  -4.872 12 C_CP11:GPN6_D C 1 ? D 6 ? 19 1 
1 E GPN 6 1_555 F CP1 1 1_555 -0.194 -0.302 -0.113 -6.298 -5.010 -0.854 13 E_GPN6:CP11_F E 6 ? F 1 ? 19 1 
1 E CP1 5 1_555 F GPN 2 1_555 0.279  -0.395 -0.320 4.679  1.900  -0.598 14 E_CP15:GPN2_F E 5 ? F 2 ? 19 1 
1 E APN 4 1_555 F TP1 3 1_555 0.117  -0.119 -0.313 -5.189 7.018  -0.347 15 E_APN4:TP13_F E 4 ? F 3 ? 20 1 
1 E TP1 3 1_555 F APN 4 1_555 0.224  0.029  -0.236 8.890  7.393  -0.442 16 E_TP13:APN4_F E 3 ? F 4 ? 20 1 
1 E GPN 2 1_555 F CP1 5 1_555 -0.128 0.020  -0.087 -1.942 3.010  -0.476 17 E_GPN2:CP15_F E 2 ? F 5 ? 19 1 
1 E CP1 1 1_555 F GPN 6 1_555 0.102  0.278  0.205  7.625  -2.889 -0.809 18 E_CP11:GPN6_F E 1 ? F 6 ? 19 1 
1 G GPN 6 1_555 H CP1 1 1_555 -0.281 -0.471 0.583  1.370  4.982  -4.576 19 G_GPN6:CP11_H G 6 ? H 1 ? 19 1 
1 G CP1 5 1_555 H GPN 2 1_555 -0.339 -0.424 -0.041 -7.592 5.632  -5.710 20 G_CP15:GPN2_H G 5 ? H 2 ? 19 1 
1 G APN 4 1_555 H TP1 3 1_555 0.104  -0.250 -0.023 5.036  4.188  -0.712 21 G_APN4:TP13_H G 4 ? H 3 ? 20 1 
1 G TP1 3 1_555 H APN 4 1_555 -0.374 -0.132 -0.193 -9.890 3.058  -0.758 22 G_TP13:APN4_H G 3 ? H 4 ? 20 1 
1 G GPN 2 1_555 H CP1 5 1_555 -0.090 -0.155 -0.414 2.175  3.075  -5.502 23 G_GPN2:CP15_H G 2 ? H 5 ? 19 1 
1 G CP1 1 1_555 H GPN 6 1_555 -0.485 -0.118 0.093  -5.085 1.006  -4.401 24 G_CP11:GPN6_H G 1 ? H 6 ? 19 1 
# 
loop_
_ndb_struct_na_base_pair_step.model_number 
_ndb_struct_na_base_pair_step.i_label_asym_id_1 
_ndb_struct_na_base_pair_step.i_label_comp_id_1 
_ndb_struct_na_base_pair_step.i_label_seq_id_1 
_ndb_struct_na_base_pair_step.i_symmetry_1 
_ndb_struct_na_base_pair_step.j_label_asym_id_1 
_ndb_struct_na_base_pair_step.j_label_comp_id_1 
_ndb_struct_na_base_pair_step.j_label_seq_id_1 
_ndb_struct_na_base_pair_step.j_symmetry_1 
_ndb_struct_na_base_pair_step.i_label_asym_id_2 
_ndb_struct_na_base_pair_step.i_label_comp_id_2 
_ndb_struct_na_base_pair_step.i_label_seq_id_2 
_ndb_struct_na_base_pair_step.i_symmetry_2 
_ndb_struct_na_base_pair_step.j_label_asym_id_2 
_ndb_struct_na_base_pair_step.j_label_comp_id_2 
_ndb_struct_na_base_pair_step.j_label_seq_id_2 
_ndb_struct_na_base_pair_step.j_symmetry_2 
_ndb_struct_na_base_pair_step.shift 
_ndb_struct_na_base_pair_step.slide 
_ndb_struct_na_base_pair_step.rise 
_ndb_struct_na_base_pair_step.tilt 
_ndb_struct_na_base_pair_step.roll 
_ndb_struct_na_base_pair_step.twist 
_ndb_struct_na_base_pair_step.x_displacement 
_ndb_struct_na_base_pair_step.y_displacement 
_ndb_struct_na_base_pair_step.helical_rise 
_ndb_struct_na_base_pair_step.inclination 
_ndb_struct_na_base_pair_step.tip 
_ndb_struct_na_base_pair_step.helical_twist 
_ndb_struct_na_base_pair_step.step_number 
_ndb_struct_na_base_pair_step.step_name 
_ndb_struct_na_base_pair_step.i_auth_asym_id_1 
_ndb_struct_na_base_pair_step.i_auth_seq_id_1 
_ndb_struct_na_base_pair_step.i_PDB_ins_code_1 
_ndb_struct_na_base_pair_step.j_auth_asym_id_1 
_ndb_struct_na_base_pair_step.j_auth_seq_id_1 
_ndb_struct_na_base_pair_step.j_PDB_ins_code_1 
_ndb_struct_na_base_pair_step.i_auth_asym_id_2 
_ndb_struct_na_base_pair_step.i_auth_seq_id_2 
_ndb_struct_na_base_pair_step.i_PDB_ins_code_2 
_ndb_struct_na_base_pair_step.j_auth_asym_id_2 
_ndb_struct_na_base_pair_step.j_auth_seq_id_2 
_ndb_struct_na_base_pair_step.j_PDB_ins_code_2 
1 A GPN 6 1_555 B CP1 1 1_555 A CP1 5 1_555 B GPN 2 1_555 -0.329 2.878  -3.499 0.336  -1.617   -16.181  -11.345 -1.407 -3.191 
5.726   1.189  -16.264  1  AA_GPN6CP15:GPN2CP11_BB A 6 ? B 1 ? A 5 ? B 2 ? 
1 A CP1 5 1_555 B GPN 2 1_555 A APN 4 1_555 B TP1 3 1_555 0.186  2.580  -3.234 0.003  2.501    -22.267  -5.683  0.477  -3.498 
-6.449  0.007  -22.405  2  AA_CP15APN4:TP13GPN2_BB A 5 ? B 2 ? A 4 ? B 3 ? 
1 A APN 4 1_555 B TP1 3 1_555 A TP1 3 1_555 B APN 4 1_555 -0.009 2.936  -3.565 0.490  -0.242   -19.607  -8.746  -0.283 -3.527 
0.711   1.438  -19.614  3  AA_APN4TP13:APN4TP13_BB A 4 ? B 3 ? A 3 ? B 4 ? 
1 A TP1 3 1_555 B APN 4 1_555 A GPN 2 1_555 B CP1 5 1_555 -0.165 2.562  -3.223 -0.348 2.951    -22.205  -5.458  -0.292 -3.531 
-7.619  -0.899 -22.400  4  AA_TP13GPN2:CP15APN4_BB A 3 ? B 4 ? A 2 ? B 5 ? 
1 A GPN 2 1_555 B CP1 5 1_555 A CP1 1 1_555 B GPN 6 1_555 0.381  2.875  -3.530 -0.154 -1.257   -16.305  -11.026 1.452  -3.296 
4.423   -0.540 -16.354  5  AA_GPN2CP11:GPN6CP15_BB A 2 ? B 5 ? A 1 ? B 6 ? 
1 A CP1 1 1_555 B GPN 6 1_555 C GPN 6 1_555 D CP1 1 1_555 -2.943 3.193  1.218  -9.169 -178.261 29.634   1.055   1.500  -2.625 
-89.689 4.613  178.547  6  AC_CP11GPN6:CP11GPN6_DB A 1 ? B 6 ? C 6 ? D 1 ? 
1 C GPN 6 1_555 D CP1 1 1_555 C CP1 5 1_555 D GPN 2 1_555 -0.109 2.665  3.528  2.395  -0.087   -19.548  -7.748  0.927  3.527  
0.254   7.020  -19.693  7  CC_GPN6CP15:GPN2CP11_DD C 6 ? D 1 ? C 5 ? D 2 ? 
1 C CP1 5 1_555 D GPN 2 1_555 C APN 4 1_555 D TP1 3 1_555 0.163  2.706  3.048  0.271  -2.729   -18.070  -7.005  0.664  3.412  
8.625   0.858  -18.275  8  CC_CP15APN4:TP13GPN2_DD C 5 ? D 2 ? C 4 ? D 3 ? 
1 C APN 4 1_555 D TP1 3 1_555 C TP1 3 1_555 D APN 4 1_555 0.003  3.043  3.616  0.093  1.562    -23.776  -7.921  0.040  3.411  
-3.787  0.225  -23.827  9  CC_APN4TP13:APN4TP13_DD C 4 ? D 3 ? C 3 ? D 4 ? 
1 C TP1 3 1_555 D APN 4 1_555 C GPN 2 1_555 D CP1 5 1_555 -0.176 2.727  3.072  0.168  -2.534   -17.971  -7.214  -0.463 3.422  
8.060   0.534  -18.148  10 CC_TP13GPN2:CP15APN4_DD C 3 ? D 4 ? C 2 ? D 5 ? 
1 C GPN 2 1_555 D CP1 5 1_555 C CP1 1 1_555 D GPN 6 1_555 0.090  2.695  3.501  -2.627 0.209    -19.495  -7.997  -1.090 3.454  
-0.614  -7.712 -19.671  11 CC_GPN2CP11:GPN6CP15_DD C 2 ? D 5 ? C 1 ? D 6 ? 
1 E GPN 6 1_555 F CP1 1 1_555 E CP1 5 1_555 F GPN 2 1_555 -0.340 2.876  -3.516 0.130  -1.499   -16.177  -11.275 -1.297 -3.235 
5.313   0.459  -16.246  12 EE_GPN6CP15:GPN2CP11_FF E 6 ? F 1 ? E 5 ? F 2 ? 
1 E CP1 5 1_555 F GPN 2 1_555 E APN 4 1_555 F TP1 3 1_555 0.179  2.583  -3.209 -0.165 2.564    -22.310  -5.662  0.522  -3.479 
-6.599  -0.425 -22.456  13 EE_CP15APN4:TP13GPN2_FF E 5 ? F 2 ? E 4 ? F 3 ? 
1 E APN 4 1_555 F TP1 3 1_555 E TP1 3 1_555 F APN 4 1_555 -0.001 2.956  -3.608 0.171  0.065    -19.516  -8.684  -0.095 -3.618 
-0.192  0.505  -19.517  14 EE_APN4TP13:APN4TP13_FF E 4 ? F 3 ? E 3 ? F 4 ? 
1 E TP1 3 1_555 F APN 4 1_555 E GPN 2 1_555 F CP1 5 1_555 -0.164 2.571  -3.201 0.262  2.930    -22.357  -5.472  -0.518 -3.503 
-7.514  0.672  -22.548  15 EE_TP13GPN2:CP15APN4_FF E 3 ? F 4 ? E 2 ? F 5 ? 
1 E GPN 2 1_555 F CP1 5 1_555 E CP1 1 1_555 F GPN 6 1_555 0.362  2.867  -3.496 -0.069 -1.972   -16.191  -11.511 1.325  -3.125 
6.967   -0.245 -16.310  16 EE_GPN2CP11:GPN6CP15_FF E 2 ? F 5 ? E 1 ? F 6 ? 
1 E CP1 1 1_555 F GPN 6 1_555 G GPN 6 1_555 H CP1 1 1_555 -3.192 -1.173 3.236  11.408 -175.063 -142.203 1.083   -1.564 2.750  
87.654  5.712  -178.522 17 EG_CP11GPN6:CP11GPN6_HF E 1 ? F 6 ? G 6 ? H 1 ? 
1 G GPN 6 1_555 H CP1 1 1_555 G CP1 5 1_555 H GPN 2 1_555 -0.101 2.688  3.525  2.298  -0.212   -19.562  -7.748  0.901  3.542  
0.620   6.733  -19.696  18 GG_GPN6CP15:GPN2CP11_HH G 6 ? H 1 ? G 5 ? H 2 ? 
1 G CP1 5 1_555 H GPN 2 1_555 G APN 4 1_555 H TP1 3 1_555 0.155  2.714  3.038  -0.438 -2.264   -18.041  -7.332  0.247  3.352  
7.181   -1.389 -18.186  19 GG_CP15APN4:TP13GPN2_HH G 5 ? H 2 ? G 4 ? H 3 ? 
1 G APN 4 1_555 H TP1 3 1_555 G TP1 3 1_555 H APN 4 1_555 0.002  3.020  3.605  0.162  1.021    -23.865  -7.656  0.062  3.475  
-2.468  0.392  -23.887  20 GG_APN4TP13:APN4TP13_HH G 4 ? H 3 ? G 3 ? H 4 ? 
1 G TP1 3 1_555 H APN 4 1_555 G GPN 2 1_555 H CP1 5 1_555 -0.163 2.722  3.087  0.319  -1.986   -17.852  -7.579  -0.341 3.369  
6.373   1.025  -17.964  21 GG_TP13GPN2:CP15APN4_HH G 3 ? H 4 ? G 2 ? H 5 ? 
1 G GPN 2 1_555 H CP1 5 1_555 G CP1 1 1_555 H GPN 6 1_555 0.069  2.683  3.498  -2.684 0.283    -19.663  -7.927  -1.153 3.437  
-0.824  -7.811 -19.846  22 GG_GPN2CP11:GPN6CP15_HH G 2 ? H 5 ? G 1 ? H 6 ? 
# 
_pdbx_entity_nonpoly.entity_id   2 
_pdbx_entity_nonpoly.name        water 
_pdbx_entity_nonpoly.comp_id     HOH 
# 
